data_8IDC
#
_entry.id   8IDC
#
_cell.length_a   1.00
_cell.length_b   1.00
_cell.length_c   1.00
_cell.angle_alpha   90.00
_cell.angle_beta   90.00
_cell.angle_gamma   90.00
#
_symmetry.space_group_name_H-M   'P 1'
#
loop_
_entity.id
_entity.type
_entity.pdbx_description
1 polymer 'Cell division ATP-binding protein FtsE'
2 polymer 'NlpC/P60 family protein'
3 polymer 'Cell division protein FtsX'
#
loop_
_entity_poly.entity_id
_entity_poly.type
_entity_poly.pdbx_seq_one_letter_code
_entity_poly.pdbx_strand_id
1 'polypeptide(L)'
;MMITLDHVTKQYKSSARPALDDINVKIDKGEFVFLIGPSGSGKSTFMRLLLAAETPTSGDVRVSKFHVNKLRGRHVPKLR
QVIGCVFQDFRLLQQKTVYDNVAFALEVIGKRTDAINRVVPEVLETVGLSGKANRLPDELSGGEQQRVAIARAFVNRPLV
LLADEPTGNLDPETSRDIMDLLERINRTGTTVLMATHDHHIVDSMRQRVVELSLGRLVRDEQRGVYGMDR
;
A,B
2 'polypeptide(L)'
;MRLDQRWLIARVIMRSAIGFFASFTVSSGVLAANVLADPADDALAKLNELSRQAEQTTEALHSAQLDLNEKLAAQRAADQ
KLADNRTALDAARARLATFQTAVNKVAAATYMGGRTHGMDAILTAESPQLLIDRLSVQRVMAHQMSTQMARFKAAGEQAV
KAEQAAAKSAADARSAAEQAAAVRANLQHKQSQLQVQIAVVKSQYVALTPEERTALADPGPVPAVAAIAPGAPPAALPPG
APPGDGPAPGVAPPPGGMPGLPFVQPDGAGGDRTAVVQAALTQVGAPYAWGGAAPGGFDCSGLVMWAFQQAGIALPHSSQ
ALAHGGQPVALSDLQPGDVLTFYSDASHAGIYIGDGLMVHSSTYGVPVRVVPMDSSGPIYDARRY
;
E
3 'polypeptide(L)'
;MRFGFLLNEVLTGFRRNVTMTIAMILTTAISVGLFGGGMLVVRLADSSRAIYLDRVESQVFLTEDVSANDSSCDTTACKA
LREKIETRSDVKAVRFLNRQQAYDDAIRKFPQFKDVAGKDSFPASFIVKLENPEQHKDFDTAMKGQPGVLDVLNQKELID
RLFAVLDGLSNAAFAVALVQAIGAILLIANMVQVAAYTRRTEIGIMRLVGASRWYTQLPFLVEAMLAATMGVGIAVAGLM
VVRALFLENALNQFYQANLIAKVDYADILFITPWLLLLGVAMSGLTAYLTLRLYVRR
;
D,C
#
# COMPACT_ATOMS: atom_id res chain seq x y z
N MET A 1 37.41 -57.00 -11.19
CA MET A 1 36.76 -58.14 -11.81
C MET A 1 36.12 -57.79 -13.16
N MET A 2 34.89 -58.23 -13.36
CA MET A 2 34.23 -58.15 -14.65
C MET A 2 32.79 -57.68 -14.47
N ILE A 3 32.03 -57.66 -15.56
CA ILE A 3 30.72 -57.00 -15.57
C ILE A 3 29.71 -57.91 -14.87
N THR A 4 29.38 -57.58 -13.63
CA THR A 4 28.53 -58.44 -12.81
C THR A 4 27.83 -57.58 -11.77
N LEU A 5 26.50 -57.67 -11.71
CA LEU A 5 25.71 -57.03 -10.66
C LEU A 5 24.93 -58.10 -9.90
N ASP A 6 24.81 -57.90 -8.59
CA ASP A 6 24.14 -58.85 -7.73
C ASP A 6 23.69 -58.13 -6.46
N HIS A 7 22.58 -58.63 -5.90
CA HIS A 7 21.93 -58.10 -4.69
C HIS A 7 21.59 -56.62 -4.87
N VAL A 8 20.72 -56.35 -5.84
CA VAL A 8 20.35 -54.99 -6.22
C VAL A 8 18.85 -54.86 -5.99
N THR A 9 18.47 -54.23 -4.87
CA THR A 9 17.07 -53.95 -4.58
C THR A 9 16.99 -52.54 -4.03
N LYS A 10 16.46 -51.61 -4.82
CA LYS A 10 16.30 -50.23 -4.36
C LYS A 10 15.13 -50.07 -3.40
N GLN A 11 14.24 -51.06 -3.31
CA GLN A 11 13.15 -51.15 -2.34
C GLN A 11 12.21 -49.95 -2.42
N TYR A 12 11.54 -49.83 -3.56
CA TYR A 12 10.66 -48.69 -3.81
C TYR A 12 9.39 -48.87 -2.97
N LYS A 13 9.23 -48.01 -1.97
CA LYS A 13 8.07 -48.05 -1.08
C LYS A 13 6.94 -47.21 -1.65
N SER A 14 5.92 -46.97 -0.82
CA SER A 14 4.64 -46.35 -1.21
C SER A 14 3.99 -47.09 -2.39
N SER A 15 4.04 -48.41 -2.32
CA SER A 15 3.51 -49.27 -3.37
C SER A 15 3.07 -50.59 -2.75
N ALA A 16 2.25 -51.33 -3.50
CA ALA A 16 1.82 -52.65 -3.04
C ALA A 16 2.98 -53.64 -3.04
N ARG A 17 3.82 -53.58 -4.07
CA ARG A 17 5.02 -54.43 -4.14
C ARG A 17 6.16 -53.64 -4.77
N PRO A 18 7.33 -53.62 -4.14
CA PRO A 18 8.48 -52.92 -4.74
C PRO A 18 8.98 -53.56 -6.03
N ALA A 19 8.74 -54.87 -6.20
CA ALA A 19 9.21 -55.67 -7.36
C ALA A 19 10.73 -55.58 -7.53
N LEU A 20 11.44 -55.54 -6.41
CA LEU A 20 12.90 -55.43 -6.38
C LEU A 20 13.40 -56.43 -5.34
N ASP A 21 13.80 -57.62 -5.81
CA ASP A 21 14.08 -58.74 -4.93
C ASP A 21 15.57 -59.06 -4.80
N ASP A 22 16.45 -58.13 -5.21
CA ASP A 22 17.91 -58.24 -5.09
C ASP A 22 18.44 -59.48 -5.82
N ILE A 23 18.11 -59.57 -7.10
CA ILE A 23 18.43 -60.75 -7.90
C ILE A 23 19.92 -60.74 -8.23
N ASN A 24 20.59 -61.87 -7.98
CA ASN A 24 21.99 -62.05 -8.32
C ASN A 24 22.08 -62.69 -9.70
N VAL A 25 22.74 -62.00 -10.63
CA VAL A 25 22.89 -62.49 -11.99
C VAL A 25 24.36 -62.44 -12.38
N LYS A 26 24.71 -63.23 -13.40
CA LYS A 26 26.09 -63.38 -13.87
C LYS A 26 26.06 -63.48 -15.39
N ILE A 27 26.47 -62.41 -16.06
CA ILE A 27 26.44 -62.34 -17.52
C ILE A 27 27.84 -62.00 -18.02
N ASP A 28 28.28 -62.71 -19.06
CA ASP A 28 29.61 -62.52 -19.62
C ASP A 28 29.58 -61.44 -20.70
N LYS A 29 30.71 -61.25 -21.36
CA LYS A 29 30.85 -60.29 -22.44
C LYS A 29 30.85 -61.03 -23.77
N GLY A 30 29.96 -60.64 -24.68
CA GLY A 30 29.81 -61.37 -25.92
C GLY A 30 28.59 -61.02 -26.73
N GLU A 31 27.81 -62.04 -27.10
CA GLU A 31 26.73 -61.91 -28.07
C GLU A 31 25.49 -61.26 -27.46
N PHE A 32 24.39 -61.31 -28.21
CA PHE A 32 23.17 -60.62 -27.81
C PHE A 32 22.34 -61.45 -26.84
N VAL A 33 21.94 -60.81 -25.75
CA VAL A 33 21.11 -61.42 -24.72
C VAL A 33 19.80 -60.66 -24.68
N PHE A 34 18.68 -61.39 -24.73
CA PHE A 34 17.37 -60.79 -24.87
C PHE A 34 16.62 -60.82 -23.54
N LEU A 35 16.07 -59.68 -23.15
CA LEU A 35 15.29 -59.54 -21.92
C LEU A 35 13.82 -59.40 -22.30
N ILE A 36 13.14 -60.54 -22.42
CA ILE A 36 11.73 -60.57 -22.80
C ILE A 36 10.94 -60.47 -21.50
N GLY A 37 10.69 -59.23 -21.07
CA GLY A 37 9.98 -58.99 -19.84
C GLY A 37 8.58 -58.48 -20.07
N PRO A 38 7.67 -58.79 -19.15
CA PRO A 38 6.31 -58.23 -19.23
C PRO A 38 6.31 -56.74 -18.91
N SER A 39 5.29 -56.04 -19.39
CA SER A 39 5.23 -54.59 -19.26
C SER A 39 4.92 -54.18 -17.82
N GLY A 40 5.57 -53.10 -17.38
CA GLY A 40 5.28 -52.49 -16.10
C GLY A 40 5.82 -53.21 -14.88
N SER A 41 6.66 -54.22 -15.04
CA SER A 41 7.17 -54.97 -13.90
C SER A 41 8.67 -54.81 -13.68
N GLY A 42 9.49 -55.11 -14.68
CA GLY A 42 10.93 -55.11 -14.47
C GLY A 42 11.76 -54.60 -15.63
N LYS A 43 11.25 -53.65 -16.40
CA LYS A 43 11.97 -53.15 -17.56
C LYS A 43 12.67 -51.81 -17.29
N SER A 44 11.89 -50.79 -16.91
CA SER A 44 12.42 -49.43 -16.84
C SER A 44 13.35 -49.24 -15.65
N THR A 45 12.96 -49.74 -14.48
CA THR A 45 13.79 -49.62 -13.28
C THR A 45 15.07 -50.45 -13.43
N PHE A 46 14.96 -51.64 -14.02
CA PHE A 46 16.14 -52.46 -14.25
C PHE A 46 17.10 -51.81 -15.24
N MET A 47 16.57 -51.20 -16.31
CA MET A 47 17.43 -50.50 -17.27
C MET A 47 18.06 -49.27 -16.64
N ARG A 48 17.33 -48.59 -15.75
CA ARG A 48 17.87 -47.42 -15.07
C ARG A 48 18.92 -47.80 -14.02
N LEU A 49 18.83 -49.02 -13.47
CA LEU A 49 19.72 -49.45 -12.40
C LEU A 49 21.19 -49.53 -12.86
N LEU A 50 21.44 -50.02 -14.06
CA LEU A 50 22.79 -50.00 -14.61
C LEU A 50 23.08 -48.73 -15.38
N LEU A 51 22.10 -47.83 -15.49
CA LEU A 51 22.30 -46.54 -16.12
C LEU A 51 22.86 -45.50 -15.17
N ALA A 52 23.09 -45.87 -13.91
CA ALA A 52 23.68 -45.02 -12.86
C ALA A 52 22.88 -43.75 -12.64
N ALA A 53 21.55 -43.89 -12.56
CA ALA A 53 20.65 -42.79 -12.26
C ALA A 53 20.02 -42.92 -10.89
N GLU A 54 19.37 -44.05 -10.61
CA GLU A 54 18.84 -44.34 -9.29
C GLU A 54 19.78 -45.33 -8.60
N THR A 55 20.35 -44.92 -7.48
CA THR A 55 21.29 -45.77 -6.76
C THR A 55 20.54 -46.91 -6.07
N PRO A 56 21.11 -48.11 -5.98
CA PRO A 56 20.45 -49.18 -5.23
C PRO A 56 20.53 -48.94 -3.73
N THR A 57 19.43 -49.23 -3.05
CA THR A 57 19.36 -49.07 -1.60
C THR A 57 19.90 -50.28 -0.86
N SER A 58 20.19 -51.37 -1.56
CA SER A 58 20.81 -52.54 -0.97
C SER A 58 21.86 -53.06 -1.94
N GLY A 59 22.99 -53.48 -1.39
CA GLY A 59 24.09 -53.97 -2.20
C GLY A 59 24.75 -52.87 -3.03
N ASP A 60 25.41 -53.31 -4.09
CA ASP A 60 26.09 -52.40 -5.00
C ASP A 60 26.11 -53.01 -6.39
N VAL A 61 26.37 -52.16 -7.38
CA VAL A 61 26.47 -52.58 -8.78
C VAL A 61 27.91 -52.42 -9.23
N ARG A 62 28.45 -53.44 -9.90
CA ARG A 62 29.82 -53.42 -10.38
C ARG A 62 29.86 -53.57 -11.89
N VAL A 63 30.80 -52.85 -12.51
CA VAL A 63 31.16 -53.04 -13.90
C VAL A 63 32.66 -53.34 -13.91
N SER A 64 33.18 -53.77 -15.06
CA SER A 64 34.53 -54.31 -15.15
C SER A 64 35.61 -53.27 -14.84
N LYS A 65 35.33 -52.00 -15.05
CA LYS A 65 36.30 -50.94 -14.81
C LYS A 65 35.97 -50.14 -13.55
N PHE A 66 34.73 -49.73 -13.38
CA PHE A 66 34.34 -48.71 -12.42
C PHE A 66 33.47 -49.31 -11.33
N HIS A 67 33.05 -48.47 -10.38
CA HIS A 67 32.08 -48.81 -9.35
C HIS A 67 30.88 -47.90 -9.54
N VAL A 68 29.67 -48.46 -9.46
CA VAL A 68 28.47 -47.67 -9.70
C VAL A 68 28.02 -46.96 -8.43
N ASN A 69 27.98 -47.69 -7.31
CA ASN A 69 27.48 -47.10 -6.07
C ASN A 69 28.48 -46.12 -5.48
N LYS A 70 29.76 -46.49 -5.45
CA LYS A 70 30.82 -45.61 -4.98
C LYS A 70 31.24 -44.70 -6.14
N LEU A 71 31.15 -43.39 -5.93
CA LEU A 71 31.37 -42.42 -7.00
C LEU A 71 31.81 -41.09 -6.41
N ARG A 72 31.97 -40.11 -7.30
CA ARG A 72 32.16 -38.73 -6.93
C ARG A 72 31.61 -37.87 -8.08
N GLY A 73 31.97 -36.59 -8.08
CA GLY A 73 31.57 -35.73 -9.18
C GLY A 73 32.25 -36.04 -10.49
N ARG A 74 33.46 -36.61 -10.45
CA ARG A 74 34.20 -36.96 -11.63
C ARG A 74 34.08 -38.42 -12.04
N HIS A 75 33.65 -39.30 -11.12
CA HIS A 75 33.53 -40.71 -11.43
C HIS A 75 32.30 -41.03 -12.27
N VAL A 76 31.23 -40.26 -12.13
CA VAL A 76 30.00 -40.45 -12.91
C VAL A 76 30.18 -40.24 -14.43
N PRO A 77 30.76 -39.14 -14.94
CA PRO A 77 30.78 -39.01 -16.41
C PRO A 77 31.75 -39.94 -17.11
N LYS A 78 32.79 -40.43 -16.41
CA LYS A 78 33.67 -41.43 -17.00
C LYS A 78 32.94 -42.74 -17.25
N LEU A 79 32.06 -43.12 -16.33
CA LEU A 79 31.15 -44.24 -16.57
C LEU A 79 30.14 -43.89 -17.65
N ARG A 80 29.69 -42.64 -17.68
CA ARG A 80 28.67 -42.22 -18.64
C ARG A 80 29.22 -42.16 -20.07
N GLN A 81 30.53 -41.95 -20.22
CA GLN A 81 31.10 -41.81 -21.56
C GLN A 81 31.26 -43.15 -22.26
N VAL A 82 31.39 -44.24 -21.52
CA VAL A 82 31.78 -45.52 -22.09
C VAL A 82 30.59 -46.42 -22.39
N ILE A 83 29.36 -45.92 -22.27
CA ILE A 83 28.16 -46.70 -22.50
C ILE A 83 27.32 -46.01 -23.57
N GLY A 84 26.92 -46.76 -24.58
CA GLY A 84 26.00 -46.29 -25.61
C GLY A 84 24.61 -46.80 -25.32
N CYS A 85 23.61 -45.95 -25.54
CA CYS A 85 22.22 -46.27 -25.24
C CYS A 85 21.34 -45.93 -26.43
N VAL A 86 20.48 -46.87 -26.82
CA VAL A 86 19.54 -46.69 -27.92
C VAL A 86 18.13 -46.79 -27.35
N PHE A 87 17.29 -45.82 -27.69
CA PHE A 87 15.96 -45.70 -27.12
C PHE A 87 14.89 -45.89 -28.19
N GLN A 88 13.63 -45.81 -27.76
CA GLN A 88 12.51 -45.94 -28.68
C GLN A 88 12.38 -44.73 -29.59
N ASP A 89 12.46 -43.53 -29.03
CA ASP A 89 12.28 -42.31 -29.81
C ASP A 89 13.49 -42.04 -30.68
N PHE A 90 13.26 -41.33 -31.79
CA PHE A 90 14.33 -41.03 -32.73
C PHE A 90 15.28 -39.96 -32.18
N ARG A 91 14.71 -39.00 -31.43
CA ARG A 91 15.38 -37.86 -30.76
C ARG A 91 16.47 -37.19 -31.63
N LEU A 92 16.06 -36.78 -32.82
CA LEU A 92 16.95 -36.03 -33.70
C LEU A 92 17.00 -34.56 -33.27
N LEU A 93 17.88 -33.81 -33.92
CA LEU A 93 18.01 -32.37 -33.71
C LEU A 93 17.66 -31.67 -35.01
N GLN A 94 16.52 -30.99 -35.04
CA GLN A 94 15.94 -30.47 -36.26
C GLN A 94 16.66 -29.25 -36.80
N GLN A 95 17.41 -28.53 -35.96
CA GLN A 95 18.03 -27.27 -36.35
C GLN A 95 19.38 -27.45 -37.03
N LYS A 96 19.83 -28.69 -37.22
CA LYS A 96 21.14 -28.93 -37.80
C LYS A 96 21.05 -30.11 -38.76
N THR A 97 22.08 -30.26 -39.59
CA THR A 97 22.09 -31.27 -40.63
C THR A 97 22.51 -32.62 -40.05
N VAL A 98 22.62 -33.63 -40.90
CA VAL A 98 22.84 -35.00 -40.44
C VAL A 98 24.33 -35.33 -40.25
N TYR A 99 25.21 -34.74 -41.06
CA TYR A 99 26.64 -35.10 -41.04
C TYR A 99 27.31 -34.74 -39.72
N ASP A 100 26.82 -33.72 -39.02
CA ASP A 100 27.35 -33.33 -37.73
C ASP A 100 26.49 -33.74 -36.54
N ASN A 101 25.38 -34.45 -36.78
CA ASN A 101 24.60 -35.00 -35.67
C ASN A 101 25.39 -36.04 -34.89
N VAL A 102 26.15 -36.89 -35.59
CA VAL A 102 26.99 -37.86 -34.89
C VAL A 102 28.23 -37.17 -34.31
N ALA A 103 28.66 -36.06 -34.91
CA ALA A 103 29.77 -35.28 -34.41
C ALA A 103 29.42 -34.45 -33.18
N PHE A 104 28.12 -34.23 -32.94
CA PHE A 104 27.66 -33.45 -31.80
C PHE A 104 28.06 -34.07 -30.47
N ALA A 105 28.23 -35.38 -30.41
CA ALA A 105 28.63 -36.06 -29.18
C ALA A 105 30.14 -36.16 -29.02
N LEU A 106 30.90 -35.39 -29.80
CA LEU A 106 32.35 -35.46 -29.77
C LEU A 106 33.03 -34.17 -29.31
N GLU A 107 32.45 -33.01 -29.58
CA GLU A 107 33.03 -31.78 -29.06
C GLU A 107 32.64 -31.54 -27.60
N VAL A 108 31.64 -32.26 -27.10
CA VAL A 108 31.20 -32.09 -25.71
C VAL A 108 31.92 -33.01 -24.74
N ILE A 109 32.85 -33.83 -25.23
CA ILE A 109 33.61 -34.74 -24.40
C ILE A 109 35.10 -34.41 -24.38
N GLY A 110 35.54 -33.43 -25.17
CA GLY A 110 36.93 -33.01 -25.13
C GLY A 110 37.83 -33.72 -26.13
N LYS A 111 37.45 -33.73 -27.40
CA LYS A 111 38.25 -34.34 -28.45
C LYS A 111 38.86 -33.25 -29.34
N ARG A 112 39.93 -33.63 -30.04
CA ARG A 112 40.59 -32.72 -30.96
C ARG A 112 39.68 -32.43 -32.15
N THR A 113 39.55 -31.14 -32.48
CA THR A 113 38.52 -30.70 -33.42
C THR A 113 38.82 -31.15 -34.85
N ASP A 114 40.08 -31.00 -35.29
CA ASP A 114 40.45 -31.44 -36.63
C ASP A 114 40.51 -32.96 -36.74
N ALA A 115 40.72 -33.66 -35.62
CA ALA A 115 40.72 -35.12 -35.60
C ALA A 115 39.33 -35.72 -35.75
N ILE A 116 38.28 -34.92 -35.55
CA ILE A 116 36.91 -35.40 -35.79
C ILE A 116 36.72 -35.72 -37.27
N ASN A 117 37.31 -34.91 -38.15
CA ASN A 117 37.30 -35.15 -39.58
C ASN A 117 38.09 -36.40 -39.99
N ARG A 118 38.96 -36.91 -39.11
CA ARG A 118 39.59 -38.21 -39.30
C ARG A 118 38.76 -39.35 -38.73
N VAL A 119 37.65 -39.05 -38.07
CA VAL A 119 36.80 -40.06 -37.43
C VAL A 119 35.43 -40.13 -38.10
N VAL A 120 34.87 -38.97 -38.48
CA VAL A 120 33.51 -38.95 -39.05
C VAL A 120 33.36 -39.71 -40.37
N PRO A 121 34.36 -39.85 -41.27
CA PRO A 121 34.13 -40.80 -42.37
C PRO A 121 34.24 -42.25 -41.93
N GLU A 122 35.03 -42.54 -40.90
CA GLU A 122 35.15 -43.88 -40.36
C GLU A 122 33.91 -44.33 -39.59
N VAL A 123 33.09 -43.39 -39.12
CA VAL A 123 31.91 -43.70 -38.32
C VAL A 123 30.64 -43.56 -39.14
N LEU A 124 30.51 -42.48 -39.91
CA LEU A 124 29.26 -42.19 -40.60
C LEU A 124 29.03 -43.15 -41.77
N GLU A 125 29.94 -43.16 -42.72
CA GLU A 125 29.83 -44.07 -43.88
C GLU A 125 30.46 -45.43 -43.59
N THR A 126 30.10 -46.05 -42.46
CA THR A 126 30.73 -47.34 -42.15
C THR A 126 29.95 -48.50 -42.75
N VAL A 127 28.75 -48.76 -42.24
CA VAL A 127 27.94 -49.90 -42.66
C VAL A 127 26.52 -49.47 -43.01
N GLY A 128 26.29 -49.16 -44.28
CA GLY A 128 24.96 -48.83 -44.77
C GLY A 128 24.39 -47.51 -44.28
N LEU A 129 25.18 -46.71 -43.60
CA LEU A 129 24.73 -45.44 -43.03
C LEU A 129 25.36 -44.28 -43.75
N SER A 130 25.71 -44.48 -45.02
CA SER A 130 26.34 -43.42 -45.81
C SER A 130 25.33 -42.35 -46.18
N GLY A 131 24.34 -42.70 -47.01
CA GLY A 131 23.31 -41.77 -47.45
C GLY A 131 23.89 -40.58 -48.18
N LYS A 132 23.47 -39.39 -47.77
CA LYS A 132 24.09 -38.14 -48.18
C LYS A 132 24.41 -37.22 -47.02
N ALA A 133 23.71 -37.33 -45.89
CA ALA A 133 24.02 -36.68 -44.61
C ALA A 133 24.00 -35.15 -44.69
N ASN A 134 23.34 -34.58 -45.70
CA ASN A 134 23.31 -33.15 -45.90
C ASN A 134 21.89 -32.67 -46.17
N ARG A 135 20.92 -33.40 -45.64
CA ARG A 135 19.52 -33.08 -45.83
C ARG A 135 18.90 -32.71 -44.49
N LEU A 136 17.76 -32.02 -44.56
CA LEU A 136 16.98 -31.74 -43.37
C LEU A 136 16.32 -33.02 -42.87
N PRO A 137 16.46 -33.37 -41.59
CA PRO A 137 15.86 -34.63 -41.10
C PRO A 137 14.34 -34.62 -41.04
N ASP A 138 13.69 -33.46 -41.15
CA ASP A 138 12.23 -33.42 -41.13
C ASP A 138 11.64 -34.05 -42.38
N GLU A 139 12.18 -33.72 -43.55
CA GLU A 139 11.67 -34.26 -44.80
C GLU A 139 12.17 -35.67 -45.10
N LEU A 140 13.13 -36.17 -44.33
CA LEU A 140 13.60 -37.54 -44.51
C LEU A 140 12.56 -38.53 -43.98
N SER A 141 12.62 -39.75 -44.49
CA SER A 141 11.67 -40.77 -44.10
C SER A 141 11.98 -41.30 -42.71
N GLY A 142 10.99 -41.96 -42.12
CA GLY A 142 11.15 -42.54 -40.80
C GLY A 142 11.97 -43.79 -40.74
N GLY A 143 12.25 -44.42 -41.89
CA GLY A 143 13.01 -45.64 -41.92
C GLY A 143 14.51 -45.47 -41.81
N GLU A 144 15.01 -44.24 -41.76
CA GLU A 144 16.43 -44.00 -41.60
C GLU A 144 16.78 -43.09 -40.44
N GLN A 145 15.80 -42.66 -39.65
CA GLN A 145 16.10 -41.91 -38.43
C GLN A 145 16.76 -42.82 -37.40
N GLN A 146 16.28 -44.07 -37.29
CA GLN A 146 16.89 -45.02 -36.38
C GLN A 146 18.26 -45.49 -36.86
N ARG A 147 18.57 -45.32 -38.14
CA ARG A 147 19.90 -45.68 -38.64
C ARG A 147 20.95 -44.70 -38.16
N VAL A 148 20.61 -43.41 -38.08
CA VAL A 148 21.54 -42.44 -37.51
C VAL A 148 21.42 -42.37 -35.99
N ALA A 149 20.29 -42.81 -35.42
CA ALA A 149 20.18 -42.90 -33.97
C ALA A 149 21.14 -43.92 -33.39
N ILE A 150 21.27 -45.08 -34.04
CA ILE A 150 22.26 -46.06 -33.58
C ILE A 150 23.66 -45.67 -34.01
N ALA A 151 23.80 -44.79 -35.00
CA ALA A 151 25.12 -44.28 -35.36
C ALA A 151 25.62 -43.28 -34.32
N ARG A 152 24.71 -42.53 -33.71
CA ARG A 152 25.10 -41.62 -32.63
C ARG A 152 25.58 -42.39 -31.40
N ALA A 153 24.97 -43.55 -31.14
CA ALA A 153 25.35 -44.36 -29.99
C ALA A 153 26.69 -45.06 -30.15
N PHE A 154 27.16 -45.26 -31.38
CA PHE A 154 28.41 -45.96 -31.66
C PHE A 154 29.30 -45.01 -32.45
N VAL A 155 30.11 -44.24 -31.73
CA VAL A 155 31.02 -43.29 -32.36
C VAL A 155 32.47 -43.50 -31.97
N ASN A 156 32.76 -44.17 -30.86
CA ASN A 156 34.13 -44.36 -30.38
C ASN A 156 34.36 -45.78 -29.90
N ARG A 157 33.51 -46.72 -30.37
CA ARG A 157 33.43 -48.12 -29.97
C ARG A 157 33.32 -48.29 -28.46
N PRO A 158 32.16 -47.97 -27.86
CA PRO A 158 32.04 -48.17 -26.41
C PRO A 158 31.77 -49.62 -26.04
N LEU A 159 31.67 -49.90 -24.75
CA LEU A 159 31.52 -51.28 -24.28
C LEU A 159 30.08 -51.77 -24.40
N VAL A 160 29.12 -51.02 -23.87
CA VAL A 160 27.72 -51.44 -23.83
C VAL A 160 26.94 -50.60 -24.83
N LEU A 161 26.16 -51.27 -25.68
CA LEU A 161 25.39 -50.64 -26.75
C LEU A 161 23.92 -51.02 -26.63
N LEU A 162 23.37 -50.84 -25.43
CA LEU A 162 22.04 -51.33 -25.09
C LEU A 162 20.95 -50.62 -25.90
N ALA A 163 19.94 -51.40 -26.29
CA ALA A 163 18.85 -50.90 -27.13
C ALA A 163 17.53 -51.35 -26.54
N ASP A 164 16.53 -50.47 -26.65
CA ASP A 164 15.19 -50.73 -26.13
C ASP A 164 14.19 -50.42 -27.22
N GLU A 165 13.55 -51.46 -27.76
CA GLU A 165 12.54 -51.45 -28.81
C GLU A 165 13.01 -50.70 -30.05
N PRO A 166 13.90 -51.29 -30.87
CA PRO A 166 14.32 -50.60 -32.09
C PRO A 166 13.23 -50.52 -33.13
N THR A 167 12.33 -51.50 -33.18
CA THR A 167 11.22 -51.44 -34.12
C THR A 167 10.18 -50.45 -33.64
N GLY A 168 9.53 -50.74 -32.51
CA GLY A 168 8.54 -49.86 -31.92
C GLY A 168 7.33 -49.62 -32.80
N ASN A 169 7.24 -48.40 -33.34
CA ASN A 169 6.18 -48.00 -34.25
C ASN A 169 6.40 -48.47 -35.68
N LEU A 170 7.56 -49.07 -35.98
CA LEU A 170 7.88 -49.50 -37.33
C LEU A 170 7.07 -50.73 -37.70
N ASP A 171 6.74 -50.85 -38.98
CA ASP A 171 6.01 -52.01 -39.48
C ASP A 171 6.91 -53.25 -39.46
N PRO A 172 6.32 -54.44 -39.30
CA PRO A 172 7.15 -55.67 -39.30
C PRO A 172 7.78 -56.01 -40.63
N GLU A 173 7.35 -55.39 -41.72
CA GLU A 173 7.95 -55.67 -43.03
C GLU A 173 9.38 -55.14 -43.10
N THR A 174 9.67 -54.06 -42.39
CA THR A 174 11.01 -53.48 -42.36
C THR A 174 11.72 -53.70 -41.04
N SER A 175 11.10 -54.40 -40.09
CA SER A 175 11.79 -54.72 -38.84
C SER A 175 12.89 -55.76 -39.07
N ARG A 176 12.67 -56.69 -39.99
CA ARG A 176 13.72 -57.65 -40.33
C ARG A 176 14.89 -56.97 -41.06
N ASP A 177 14.62 -55.85 -41.73
CA ASP A 177 15.69 -55.09 -42.36
C ASP A 177 16.60 -54.44 -41.33
N ILE A 178 16.01 -53.78 -40.32
CA ILE A 178 16.82 -53.14 -39.28
C ILE A 178 17.41 -54.15 -38.32
N MET A 179 16.84 -55.35 -38.26
CA MET A 179 17.46 -56.39 -37.45
C MET A 179 18.78 -56.74 -38.11
N ASP A 180 18.79 -56.82 -39.43
CA ASP A 180 20.02 -57.10 -40.17
C ASP A 180 21.09 -56.07 -39.88
N LEU A 181 20.71 -54.81 -39.63
CA LEU A 181 21.68 -53.83 -39.16
C LEU A 181 22.09 -54.09 -37.72
N LEU A 182 21.15 -54.55 -36.88
CA LEU A 182 21.46 -54.81 -35.47
C LEU A 182 22.46 -55.94 -35.31
N GLU A 183 22.35 -56.99 -36.12
CA GLU A 183 23.24 -58.13 -35.96
C GLU A 183 24.67 -57.85 -36.43
N ARG A 184 24.89 -56.78 -37.19
CA ARG A 184 26.26 -56.41 -37.59
C ARG A 184 27.10 -56.01 -36.39
N ILE A 185 26.51 -55.28 -35.45
CA ILE A 185 27.19 -54.93 -34.21
C ILE A 185 27.41 -56.19 -33.37
N ASN A 186 26.43 -57.10 -33.38
CA ASN A 186 26.54 -58.35 -32.63
C ASN A 186 27.65 -59.25 -33.18
N ARG A 187 27.93 -59.16 -34.48
CA ARG A 187 29.06 -59.87 -35.07
C ARG A 187 30.41 -59.36 -34.56
N THR A 188 30.49 -58.11 -34.13
CA THR A 188 31.74 -57.55 -33.63
C THR A 188 32.10 -58.03 -32.23
N GLY A 189 31.17 -58.71 -31.54
CA GLY A 189 31.43 -59.24 -30.22
C GLY A 189 31.25 -58.25 -29.09
N THR A 190 30.84 -57.03 -29.37
CA THR A 190 30.63 -56.04 -28.32
C THR A 190 29.38 -56.39 -27.51
N THR A 191 29.39 -55.98 -26.24
CA THR A 191 28.28 -56.28 -25.36
C THR A 191 27.06 -55.43 -25.71
N VAL A 192 25.92 -56.11 -25.89
CA VAL A 192 24.66 -55.45 -26.18
C VAL A 192 23.58 -56.04 -25.27
N LEU A 193 22.74 -55.17 -24.72
CA LEU A 193 21.58 -55.57 -23.94
C LEU A 193 20.33 -55.16 -24.70
N MET A 194 19.58 -56.14 -25.18
CA MET A 194 18.46 -55.91 -26.09
C MET A 194 17.20 -56.35 -25.35
N ALA A 195 16.36 -55.38 -24.97
CA ALA A 195 15.19 -55.67 -24.13
C ALA A 195 13.92 -55.24 -24.88
N THR A 196 13.07 -56.22 -25.19
CA THR A 196 11.77 -55.97 -25.81
C THR A 196 10.84 -57.13 -25.49
N HIS A 197 9.55 -56.91 -25.72
CA HIS A 197 8.55 -57.97 -25.59
C HIS A 197 7.84 -58.12 -26.93
N ASP A 198 8.45 -58.91 -27.82
CA ASP A 198 7.93 -59.16 -29.16
C ASP A 198 7.94 -60.65 -29.41
N HIS A 199 6.77 -61.27 -29.33
CA HIS A 199 6.64 -62.69 -29.68
C HIS A 199 6.84 -62.88 -31.18
N HIS A 200 7.37 -64.05 -31.54
CA HIS A 200 7.62 -64.52 -32.92
C HIS A 200 8.39 -63.49 -33.78
N ILE A 201 9.30 -62.77 -33.14
CA ILE A 201 10.16 -61.82 -33.84
C ILE A 201 11.61 -62.23 -33.63
N VAL A 202 12.04 -62.25 -32.38
CA VAL A 202 13.41 -62.64 -32.03
C VAL A 202 13.48 -64.11 -31.63
N ASP A 203 12.39 -64.87 -31.81
CA ASP A 203 12.38 -66.29 -31.50
C ASP A 203 13.09 -67.13 -32.54
N SER A 204 13.44 -66.55 -33.70
CA SER A 204 14.12 -67.31 -34.73
C SER A 204 15.57 -67.60 -34.36
N MET A 205 16.26 -66.61 -33.77
CA MET A 205 17.66 -66.81 -33.41
C MET A 205 17.81 -67.75 -32.21
N ARG A 206 16.85 -67.72 -31.28
CA ARG A 206 16.84 -68.51 -30.04
C ARG A 206 18.11 -68.29 -29.22
N GLN A 207 18.31 -67.03 -28.84
CA GLN A 207 19.45 -66.64 -28.02
C GLN A 207 19.05 -66.71 -26.55
N ARG A 208 19.86 -66.13 -25.68
CA ARG A 208 19.60 -66.13 -24.25
C ARG A 208 18.41 -65.23 -23.94
N VAL A 209 17.28 -65.83 -23.60
CA VAL A 209 16.04 -65.12 -23.31
C VAL A 209 15.75 -65.27 -21.82
N VAL A 210 15.52 -64.14 -21.15
CA VAL A 210 15.23 -64.13 -19.72
C VAL A 210 13.90 -63.42 -19.49
N GLU A 211 13.27 -63.73 -18.36
CA GLU A 211 11.99 -63.15 -18.01
C GLU A 211 11.83 -63.15 -16.51
N LEU A 212 10.97 -62.26 -16.03
CA LEU A 212 10.67 -62.12 -14.60
C LEU A 212 9.17 -61.93 -14.43
N SER A 213 8.68 -62.24 -13.23
CA SER A 213 7.25 -62.12 -12.94
C SER A 213 6.91 -60.86 -12.17
N LEU A 214 7.47 -60.70 -10.98
CA LEU A 214 7.20 -59.54 -10.12
C LEU A 214 8.48 -59.08 -9.43
N GLY A 215 9.57 -59.00 -10.18
CA GLY A 215 10.87 -58.72 -9.61
C GLY A 215 11.70 -59.95 -9.33
N ARG A 216 11.12 -61.14 -9.47
CA ARG A 216 11.83 -62.41 -9.28
C ARG A 216 12.09 -63.02 -10.65
N LEU A 217 13.33 -63.40 -10.90
CA LEU A 217 13.73 -63.97 -12.19
C LEU A 217 13.13 -65.35 -12.36
N VAL A 218 12.40 -65.55 -13.46
CA VAL A 218 11.72 -66.82 -13.69
C VAL A 218 12.23 -67.56 -14.93
N ARG A 219 12.85 -66.88 -15.89
CA ARG A 219 13.40 -67.53 -17.07
C ARG A 219 14.87 -67.16 -17.20
N ASP A 220 15.70 -68.16 -17.50
CA ASP A 220 17.14 -67.93 -17.65
C ASP A 220 17.73 -68.76 -18.79
N GLU A 221 16.91 -69.25 -19.72
CA GLU A 221 17.38 -70.20 -20.72
C GLU A 221 18.25 -69.52 -21.76
N GLN A 222 19.38 -70.16 -22.07
CA GLN A 222 20.33 -69.64 -23.05
C GLN A 222 19.87 -69.86 -24.49
N ARG A 223 18.87 -70.72 -24.72
CA ARG A 223 18.31 -70.91 -26.05
C ARG A 223 16.79 -71.03 -25.99
N GLY A 224 16.15 -70.33 -25.06
CA GLY A 224 14.73 -70.46 -24.85
C GLY A 224 13.89 -69.71 -25.86
N VAL A 225 12.57 -69.76 -25.64
CA VAL A 225 11.59 -69.11 -26.49
C VAL A 225 10.62 -68.33 -25.60
N TYR A 226 9.82 -67.48 -26.23
CA TYR A 226 8.87 -66.63 -25.52
C TYR A 226 7.48 -67.23 -25.62
N GLY A 227 6.79 -67.29 -24.49
CA GLY A 227 5.44 -67.83 -24.44
C GLY A 227 4.90 -67.96 -23.03
N MET B 1 -26.50 -39.92 -46.05
CA MET B 1 -27.03 -40.54 -47.25
C MET B 1 -25.96 -41.34 -47.97
N MET B 2 -25.39 -42.31 -47.24
CA MET B 2 -24.27 -43.15 -47.68
C MET B 2 -23.08 -42.28 -48.09
N ILE B 3 -22.54 -41.58 -47.10
CA ILE B 3 -21.55 -40.54 -47.34
C ILE B 3 -20.15 -41.14 -47.27
N THR B 4 -19.30 -40.79 -48.23
CA THR B 4 -17.92 -41.29 -48.28
C THR B 4 -17.03 -40.14 -48.75
N LEU B 5 -15.79 -40.48 -49.09
CA LEU B 5 -14.81 -39.51 -49.56
C LEU B 5 -14.20 -40.01 -50.87
N ASP B 6 -13.65 -39.07 -51.64
CA ASP B 6 -13.06 -39.40 -52.93
C ASP B 6 -12.04 -38.33 -53.30
N HIS B 7 -11.16 -38.70 -54.24
CA HIS B 7 -10.14 -37.84 -54.85
C HIS B 7 -9.11 -37.37 -53.82
N VAL B 8 -9.14 -36.06 -53.49
CA VAL B 8 -8.26 -35.37 -52.55
C VAL B 8 -6.80 -35.50 -52.96
N THR B 9 -6.27 -34.47 -53.61
CA THR B 9 -4.86 -34.40 -53.97
C THR B 9 -4.24 -33.23 -53.20
N LYS B 10 -3.80 -33.50 -51.98
CA LYS B 10 -3.24 -32.48 -51.10
C LYS B 10 -1.72 -32.54 -51.18
N GLN B 11 -1.13 -31.67 -51.99
CA GLN B 11 0.32 -31.62 -52.19
C GLN B 11 1.04 -30.83 -51.11
N TYR B 12 0.54 -29.62 -50.79
CA TYR B 12 1.03 -28.73 -49.76
C TYR B 12 2.50 -28.34 -49.95
N LYS B 13 3.38 -28.84 -49.08
CA LYS B 13 4.79 -28.44 -49.14
C LYS B 13 5.53 -29.18 -50.24
N SER B 14 5.63 -30.49 -50.13
CA SER B 14 6.20 -31.35 -51.16
C SER B 14 5.11 -32.31 -51.61
N SER B 15 4.91 -32.39 -52.93
CA SER B 15 3.78 -33.15 -53.47
C SER B 15 3.95 -34.65 -53.28
N ALA B 16 4.98 -35.21 -53.94
CA ALA B 16 5.28 -36.65 -53.94
C ALA B 16 4.06 -37.47 -54.31
N ARG B 17 3.34 -37.94 -53.29
CA ARG B 17 1.99 -38.49 -53.43
C ARG B 17 1.04 -37.55 -52.72
N PRO B 18 0.30 -36.70 -53.45
CA PRO B 18 -0.60 -35.75 -52.78
C PRO B 18 -1.82 -36.43 -52.18
N ALA B 19 -1.82 -36.55 -50.85
CA ALA B 19 -2.81 -37.25 -50.04
C ALA B 19 -3.03 -38.68 -50.54
N LEU B 20 -4.07 -38.87 -51.33
CA LEU B 20 -4.34 -40.14 -51.99
C LEU B 20 -4.57 -39.90 -53.46
N ASP B 21 -4.42 -40.96 -54.26
CA ASP B 21 -4.76 -40.86 -55.69
C ASP B 21 -6.26 -40.70 -55.88
N ASP B 22 -7.04 -41.63 -55.35
CA ASP B 22 -8.49 -41.57 -55.37
C ASP B 22 -9.02 -42.51 -54.30
N ILE B 23 -10.20 -42.20 -53.77
CA ILE B 23 -10.82 -43.01 -52.74
C ILE B 23 -12.18 -43.47 -53.28
N ASN B 24 -12.42 -44.77 -53.21
CA ASN B 24 -13.66 -45.38 -53.71
C ASN B 24 -14.23 -46.34 -52.67
N VAL B 25 -14.31 -45.90 -51.42
CA VAL B 25 -14.78 -46.74 -50.32
C VAL B 25 -16.21 -46.36 -49.99
N LYS B 26 -16.82 -47.17 -49.14
CA LYS B 26 -18.17 -46.92 -48.65
C LYS B 26 -18.22 -47.18 -47.15
N ILE B 27 -19.17 -46.56 -46.48
CA ILE B 27 -19.35 -46.74 -45.05
C ILE B 27 -20.42 -47.80 -44.83
N ASP B 28 -20.49 -48.28 -43.58
CA ASP B 28 -21.50 -49.25 -43.19
C ASP B 28 -21.77 -49.08 -41.70
N LYS B 29 -22.91 -49.58 -41.26
CA LYS B 29 -23.31 -49.50 -39.85
C LYS B 29 -22.87 -50.79 -39.17
N GLY B 30 -21.85 -50.69 -38.32
CA GLY B 30 -21.26 -51.85 -37.70
C GLY B 30 -20.03 -52.39 -38.40
N GLU B 31 -19.43 -51.65 -39.32
CA GLU B 31 -18.25 -52.08 -40.04
C GLU B 31 -17.02 -52.04 -39.16
N PHE B 32 -15.99 -52.77 -39.60
CA PHE B 32 -14.73 -52.84 -38.86
C PHE B 32 -13.63 -53.17 -39.87
N VAL B 33 -12.83 -52.17 -40.24
CA VAL B 33 -11.90 -52.26 -41.36
C VAL B 33 -10.48 -52.09 -40.84
N PHE B 34 -9.60 -53.03 -41.22
CA PHE B 34 -8.17 -52.89 -40.98
C PHE B 34 -7.51 -51.98 -42.01
N LEU B 35 -6.21 -51.77 -41.82
CA LEU B 35 -5.35 -51.13 -42.81
C LEU B 35 -3.93 -51.58 -42.54
N ILE B 36 -3.21 -51.98 -43.58
CA ILE B 36 -1.88 -52.56 -43.48
C ILE B 36 -0.97 -51.86 -44.48
N GLY B 37 0.20 -51.43 -44.01
CA GLY B 37 1.21 -50.88 -44.90
C GLY B 37 2.44 -50.36 -44.17
N PRO B 38 3.41 -49.86 -44.93
CA PRO B 38 4.62 -49.32 -44.32
C PRO B 38 4.39 -47.93 -43.74
N SER B 39 5.43 -47.43 -43.08
CA SER B 39 5.37 -46.13 -42.40
C SER B 39 5.28 -44.96 -43.38
N GLY B 40 5.77 -45.11 -44.60
CA GLY B 40 5.79 -44.02 -45.56
C GLY B 40 4.53 -43.84 -46.37
N SER B 41 3.43 -44.50 -46.00
CA SER B 41 2.19 -44.41 -46.75
C SER B 41 1.39 -43.16 -46.44
N GLY B 42 1.74 -42.42 -45.39
CA GLY B 42 0.97 -41.25 -45.01
C GLY B 42 -0.41 -41.56 -44.47
N LYS B 43 -0.54 -42.64 -43.69
CA LYS B 43 -1.82 -43.02 -43.10
C LYS B 43 -2.26 -42.06 -42.01
N SER B 44 -1.33 -41.34 -41.38
CA SER B 44 -1.70 -40.33 -40.39
C SER B 44 -2.43 -39.16 -41.02
N THR B 45 -2.11 -38.82 -42.26
CA THR B 45 -2.82 -37.78 -42.99
C THR B 45 -4.17 -38.25 -43.51
N PHE B 46 -4.38 -39.57 -43.60
CA PHE B 46 -5.69 -40.10 -43.97
C PHE B 46 -6.73 -39.81 -42.90
N MET B 47 -6.42 -40.12 -41.64
CA MET B 47 -7.36 -39.88 -40.56
C MET B 47 -7.53 -38.39 -40.26
N ARG B 48 -6.49 -37.58 -40.47
CA ARG B 48 -6.62 -36.13 -40.31
C ARG B 48 -7.53 -35.50 -41.35
N LEU B 49 -7.75 -36.14 -42.48
CA LEU B 49 -8.72 -35.69 -43.47
C LEU B 49 -10.15 -36.05 -43.08
N LEU B 50 -10.33 -36.87 -42.03
CA LEU B 50 -11.66 -37.32 -41.63
C LEU B 50 -12.30 -36.45 -40.56
N LEU B 51 -11.55 -36.01 -39.55
CA LEU B 51 -12.10 -35.16 -38.50
C LEU B 51 -11.94 -33.68 -38.81
N ALA B 52 -11.78 -33.33 -40.10
CA ALA B 52 -11.58 -31.96 -40.60
C ALA B 52 -10.36 -31.29 -39.96
N ALA B 53 -9.33 -32.09 -39.69
CA ALA B 53 -8.05 -31.53 -39.27
C ALA B 53 -7.18 -31.11 -40.45
N GLU B 54 -7.55 -31.52 -41.66
CA GLU B 54 -6.84 -31.13 -42.88
C GLU B 54 -7.85 -30.85 -43.97
N THR B 55 -7.83 -29.64 -44.50
CA THR B 55 -8.74 -29.26 -45.58
C THR B 55 -8.29 -29.91 -46.87
N PRO B 56 -9.17 -30.59 -47.60
CA PRO B 56 -8.76 -31.22 -48.86
C PRO B 56 -8.56 -30.19 -49.96
N THR B 57 -7.45 -30.35 -50.68
CA THR B 57 -7.15 -29.47 -51.81
C THR B 57 -8.00 -29.80 -53.03
N SER B 58 -8.60 -30.98 -53.08
CA SER B 58 -9.54 -31.34 -54.13
C SER B 58 -10.56 -32.31 -53.54
N GLY B 59 -11.64 -32.51 -54.28
CA GLY B 59 -12.71 -33.37 -53.77
C GLY B 59 -13.44 -32.72 -52.62
N ASP B 60 -14.00 -33.56 -51.74
CA ASP B 60 -14.71 -33.08 -50.56
C ASP B 60 -14.68 -34.16 -49.49
N VAL B 61 -15.04 -33.77 -48.28
CA VAL B 61 -15.21 -34.69 -47.16
C VAL B 61 -16.61 -34.49 -46.60
N ARG B 62 -17.26 -35.60 -46.23
CA ARG B 62 -18.64 -35.59 -45.76
C ARG B 62 -18.90 -36.86 -44.98
N VAL B 63 -19.22 -36.73 -43.71
CA VAL B 63 -19.55 -37.87 -42.86
C VAL B 63 -20.98 -37.68 -42.38
N SER B 64 -21.94 -38.17 -43.18
CA SER B 64 -23.33 -38.41 -42.82
C SER B 64 -24.16 -37.17 -42.48
N LYS B 65 -23.56 -35.98 -42.49
CA LYS B 65 -24.29 -34.76 -42.16
C LYS B 65 -24.27 -33.74 -43.29
N PHE B 66 -23.09 -33.35 -43.74
CA PHE B 66 -22.94 -32.30 -44.75
C PHE B 66 -21.54 -32.41 -45.33
N HIS B 67 -21.37 -31.84 -46.52
CA HIS B 67 -20.05 -31.75 -47.14
C HIS B 67 -19.17 -30.78 -46.35
N VAL B 68 -18.18 -31.32 -45.64
CA VAL B 68 -17.40 -30.55 -44.68
C VAL B 68 -16.20 -29.88 -45.35
N ASN B 69 -16.14 -29.88 -46.69
CA ASN B 69 -15.10 -29.13 -47.38
C ASN B 69 -15.27 -27.63 -47.19
N LYS B 70 -16.52 -27.17 -47.04
CA LYS B 70 -16.82 -25.76 -46.79
C LYS B 70 -17.81 -25.69 -45.64
N LEU B 71 -17.31 -25.31 -44.46
CA LEU B 71 -18.13 -25.21 -43.26
C LEU B 71 -17.46 -24.22 -42.30
N ARG B 72 -18.30 -23.46 -41.59
CA ARG B 72 -17.80 -22.46 -40.66
C ARG B 72 -17.14 -23.11 -39.45
N GLY B 73 -16.23 -22.37 -38.83
CA GLY B 73 -15.52 -22.84 -37.66
C GLY B 73 -16.38 -23.01 -36.43
N ARG B 74 -17.51 -22.32 -36.36
CA ARG B 74 -18.44 -22.52 -35.26
C ARG B 74 -19.13 -23.88 -35.37
N HIS B 75 -19.38 -24.34 -36.58
CA HIS B 75 -20.00 -25.64 -36.83
C HIS B 75 -19.00 -26.78 -36.88
N VAL B 76 -17.70 -26.48 -36.76
CA VAL B 76 -16.70 -27.55 -36.66
C VAL B 76 -16.84 -28.40 -35.41
N PRO B 77 -16.97 -27.84 -34.19
CA PRO B 77 -17.25 -28.74 -33.05
C PRO B 77 -18.69 -29.16 -32.91
N LYS B 78 -19.56 -28.79 -33.85
CA LYS B 78 -20.96 -29.20 -33.80
C LYS B 78 -21.13 -30.68 -34.05
N LEU B 79 -20.25 -31.29 -34.83
CA LEU B 79 -20.37 -32.69 -35.21
C LEU B 79 -19.38 -33.60 -34.50
N ARG B 80 -18.49 -33.04 -33.67
CA ARG B 80 -17.42 -33.80 -33.05
C ARG B 80 -17.87 -34.62 -31.85
N GLN B 81 -19.14 -34.51 -31.44
CA GLN B 81 -19.56 -35.11 -30.18
C GLN B 81 -19.79 -36.61 -30.30
N VAL B 82 -19.86 -37.13 -31.52
CA VAL B 82 -20.15 -38.55 -31.75
C VAL B 82 -18.91 -39.30 -32.22
N ILE B 83 -17.75 -38.66 -32.24
CA ILE B 83 -16.53 -39.25 -32.76
C ILE B 83 -15.58 -39.49 -31.60
N GLY B 84 -15.07 -40.72 -31.50
CA GLY B 84 -14.10 -41.06 -30.47
C GLY B 84 -12.83 -41.64 -31.04
N CYS B 85 -11.68 -41.06 -30.68
CA CYS B 85 -10.39 -41.51 -31.18
C CYS B 85 -9.48 -41.82 -30.01
N VAL B 86 -8.69 -42.90 -30.15
CA VAL B 86 -7.87 -43.40 -29.06
C VAL B 86 -6.39 -43.38 -29.46
N PHE B 87 -5.54 -43.22 -28.45
CA PHE B 87 -4.13 -42.88 -28.62
C PHE B 87 -3.29 -43.74 -27.68
N GLN B 88 -2.01 -43.40 -27.60
CA GLN B 88 -1.05 -44.15 -26.78
C GLN B 88 -0.69 -43.48 -25.47
N ASP B 89 -0.77 -42.14 -25.39
CA ASP B 89 -0.49 -41.47 -24.13
C ASP B 89 -1.63 -41.62 -23.14
N PHE B 90 -2.83 -41.94 -23.65
CA PHE B 90 -4.10 -42.22 -22.97
C PHE B 90 -4.72 -40.99 -22.30
N ARG B 91 -3.98 -39.85 -22.29
CA ARG B 91 -4.47 -38.55 -21.80
C ARG B 91 -5.01 -38.64 -20.37
N LEU B 92 -4.11 -38.95 -19.44
CA LEU B 92 -4.50 -39.24 -18.06
C LEU B 92 -3.98 -38.15 -17.13
N LEU B 93 -4.88 -37.61 -16.32
CA LEU B 93 -4.55 -36.59 -15.34
C LEU B 93 -4.16 -37.26 -14.03
N GLN B 94 -2.91 -37.07 -13.62
CA GLN B 94 -2.42 -37.68 -12.38
C GLN B 94 -3.04 -37.04 -11.14
N GLN B 95 -3.54 -35.81 -11.24
CA GLN B 95 -4.17 -35.14 -10.13
C GLN B 95 -5.67 -35.40 -10.04
N LYS B 96 -6.22 -36.23 -10.92
CA LYS B 96 -7.64 -36.53 -10.91
C LYS B 96 -7.84 -38.04 -10.90
N THR B 97 -8.94 -38.46 -10.29
CA THR B 97 -9.30 -39.87 -10.21
C THR B 97 -9.93 -40.33 -11.52
N VAL B 98 -10.28 -41.62 -11.57
CA VAL B 98 -10.89 -42.19 -12.77
C VAL B 98 -12.28 -41.62 -13.00
N TYR B 99 -13.10 -41.57 -11.94
CA TYR B 99 -14.42 -40.95 -12.03
C TYR B 99 -14.32 -39.46 -12.30
N ASP B 100 -13.26 -38.81 -11.80
CA ASP B 100 -13.02 -37.42 -12.12
C ASP B 100 -12.72 -37.23 -13.60
N ASN B 101 -11.95 -38.15 -14.20
CA ASN B 101 -11.66 -38.08 -15.63
C ASN B 101 -12.92 -38.33 -16.47
N VAL B 102 -13.75 -39.29 -16.06
CA VAL B 102 -14.98 -39.58 -16.81
C VAL B 102 -15.96 -38.42 -16.68
N ALA B 103 -16.03 -37.79 -15.50
CA ALA B 103 -16.86 -36.62 -15.32
C ALA B 103 -16.35 -35.42 -16.13
N PHE B 104 -15.04 -35.24 -16.20
CA PHE B 104 -14.48 -34.14 -16.99
C PHE B 104 -14.65 -34.40 -18.48
N ALA B 105 -14.75 -35.66 -18.89
CA ALA B 105 -14.96 -35.99 -20.30
C ALA B 105 -16.34 -35.60 -20.81
N LEU B 106 -17.30 -35.32 -19.93
CA LEU B 106 -18.62 -34.87 -20.35
C LEU B 106 -19.04 -33.54 -19.74
N GLU B 107 -18.28 -33.01 -18.77
CA GLU B 107 -18.63 -31.75 -18.11
C GLU B 107 -18.46 -30.54 -19.03
N VAL B 108 -17.63 -30.65 -20.08
CA VAL B 108 -17.18 -29.47 -20.80
C VAL B 108 -18.28 -28.88 -21.67
N ILE B 109 -19.25 -29.69 -22.10
CA ILE B 109 -20.31 -29.17 -22.95
C ILE B 109 -21.29 -28.33 -22.13
N GLY B 110 -21.54 -28.71 -20.89
CA GLY B 110 -22.41 -27.95 -20.01
C GLY B 110 -23.80 -28.54 -19.92
N LYS B 111 -24.07 -29.29 -18.85
CA LYS B 111 -25.35 -29.93 -18.64
C LYS B 111 -25.67 -29.94 -17.15
N ARG B 112 -26.96 -30.11 -16.85
CA ARG B 112 -27.38 -30.29 -15.47
C ARG B 112 -26.89 -31.64 -14.95
N THR B 113 -26.39 -31.64 -13.72
CA THR B 113 -25.81 -32.85 -13.13
C THR B 113 -26.86 -33.87 -12.70
N ASP B 114 -28.14 -33.52 -12.74
CA ASP B 114 -29.20 -34.45 -12.36
C ASP B 114 -29.36 -35.60 -13.35
N ALA B 115 -28.89 -35.45 -14.58
CA ALA B 115 -28.92 -36.53 -15.56
C ALA B 115 -27.55 -37.03 -15.97
N ILE B 116 -26.48 -36.34 -15.56
CA ILE B 116 -25.13 -36.79 -15.89
C ILE B 116 -24.76 -38.03 -15.09
N ASN B 117 -24.89 -37.94 -13.77
CA ASN B 117 -24.50 -39.02 -12.87
C ASN B 117 -25.39 -40.26 -12.96
N ARG B 118 -26.58 -40.14 -13.54
CA ARG B 118 -27.50 -41.27 -13.65
C ARG B 118 -27.04 -42.31 -14.67
N VAL B 119 -26.08 -41.99 -15.53
CA VAL B 119 -25.58 -42.92 -16.52
C VAL B 119 -24.10 -43.23 -16.34
N VAL B 120 -23.43 -42.62 -15.35
CA VAL B 120 -22.01 -42.92 -15.12
C VAL B 120 -21.75 -44.36 -14.67
N PRO B 121 -22.39 -44.89 -13.61
CA PRO B 121 -22.03 -46.27 -13.21
C PRO B 121 -22.56 -47.34 -14.14
N GLU B 122 -23.48 -47.00 -15.05
CA GLU B 122 -23.91 -47.94 -16.08
C GLU B 122 -22.79 -48.25 -17.07
N VAL B 123 -21.85 -47.33 -17.25
CA VAL B 123 -20.72 -47.55 -18.14
C VAL B 123 -19.39 -47.67 -17.40
N LEU B 124 -19.35 -47.38 -16.09
CA LEU B 124 -18.13 -47.60 -15.33
C LEU B 124 -17.77 -49.08 -15.26
N GLU B 125 -18.70 -49.92 -14.82
CA GLU B 125 -18.44 -51.35 -14.69
C GLU B 125 -18.63 -52.12 -15.98
N THR B 126 -19.11 -51.46 -17.04
CA THR B 126 -19.33 -52.13 -18.32
C THR B 126 -18.00 -52.51 -18.97
N VAL B 127 -17.01 -51.61 -18.92
CA VAL B 127 -15.73 -51.87 -19.54
C VAL B 127 -14.94 -52.91 -18.76
N GLY B 128 -15.09 -52.95 -17.45
CA GLY B 128 -14.34 -53.88 -16.63
C GLY B 128 -13.78 -53.25 -15.37
N LEU B 129 -14.04 -51.95 -15.18
CA LEU B 129 -13.63 -51.26 -13.96
C LEU B 129 -14.82 -51.23 -13.02
N SER B 130 -14.95 -52.25 -12.19
CA SER B 130 -16.03 -52.35 -11.22
C SER B 130 -15.58 -51.64 -9.95
N GLY B 131 -15.99 -50.39 -9.80
CA GLY B 131 -15.58 -49.60 -8.66
C GLY B 131 -14.13 -49.15 -8.77
N LYS B 132 -13.61 -48.68 -7.62
CA LYS B 132 -12.25 -48.15 -7.46
C LYS B 132 -11.97 -46.99 -8.41
N ALA B 133 -13.01 -46.19 -8.68
CA ALA B 133 -12.91 -45.05 -9.57
C ALA B 133 -12.44 -43.78 -8.85
N ASN B 134 -12.26 -43.85 -7.54
CA ASN B 134 -11.74 -42.74 -6.74
C ASN B 134 -10.27 -42.96 -6.41
N ARG B 135 -9.55 -43.61 -7.32
CA ARG B 135 -8.15 -43.94 -7.13
C ARG B 135 -7.29 -43.14 -8.09
N LEU B 136 -6.08 -42.82 -7.64
CA LEU B 136 -5.12 -42.13 -8.48
C LEU B 136 -4.66 -43.04 -9.62
N PRO B 137 -4.47 -42.49 -10.83
CA PRO B 137 -4.15 -43.35 -11.98
C PRO B 137 -2.75 -43.93 -11.94
N ASP B 138 -1.80 -43.29 -11.25
CA ASP B 138 -0.49 -43.91 -11.06
C ASP B 138 -0.56 -45.09 -10.10
N GLU B 139 -1.47 -45.03 -9.13
CA GLU B 139 -1.73 -46.19 -8.28
C GLU B 139 -2.41 -47.31 -9.06
N LEU B 140 -3.22 -46.95 -10.06
CA LEU B 140 -3.77 -47.95 -10.96
C LEU B 140 -2.66 -48.54 -11.83
N SER B 141 -2.76 -49.82 -12.13
CA SER B 141 -1.72 -50.51 -12.88
C SER B 141 -1.82 -50.16 -14.36
N GLY B 142 -0.77 -50.53 -15.10
CA GLY B 142 -0.69 -50.23 -16.51
C GLY B 142 -1.59 -51.06 -17.40
N GLY B 143 -2.17 -52.14 -16.88
CA GLY B 143 -3.01 -52.99 -17.70
C GLY B 143 -4.42 -52.48 -17.95
N GLU B 144 -4.79 -51.35 -17.35
CA GLU B 144 -6.14 -50.81 -17.52
C GLU B 144 -6.16 -49.33 -17.85
N GLN B 145 -5.00 -48.71 -18.07
CA GLN B 145 -4.96 -47.30 -18.43
C GLN B 145 -5.55 -47.07 -19.83
N GLN B 146 -5.37 -48.04 -20.73
CA GLN B 146 -6.01 -47.98 -22.04
C GLN B 146 -7.51 -48.14 -21.96
N ARG B 147 -8.03 -48.77 -20.90
CA ARG B 147 -9.45 -48.96 -20.74
C ARG B 147 -10.17 -47.70 -20.25
N VAL B 148 -9.45 -46.79 -19.60
CA VAL B 148 -10.07 -45.56 -19.08
C VAL B 148 -10.49 -44.63 -20.21
N ALA B 149 -9.66 -44.50 -21.24
CA ALA B 149 -10.00 -43.65 -22.38
C ALA B 149 -11.15 -44.27 -23.18
N ILE B 150 -11.20 -45.60 -23.24
CA ILE B 150 -12.35 -46.29 -23.82
C ILE B 150 -13.61 -46.01 -23.02
N ALA B 151 -13.50 -46.06 -21.69
CA ALA B 151 -14.66 -45.84 -20.81
C ALA B 151 -15.18 -44.41 -20.93
N ARG B 152 -14.28 -43.44 -21.01
CA ARG B 152 -14.71 -42.06 -21.19
C ARG B 152 -15.04 -41.72 -22.64
N ALA B 153 -14.76 -42.63 -23.57
CA ALA B 153 -15.10 -42.42 -24.98
C ALA B 153 -16.54 -42.76 -25.31
N PHE B 154 -17.28 -43.40 -24.40
CA PHE B 154 -18.68 -43.73 -24.63
C PHE B 154 -19.62 -42.95 -23.72
N VAL B 155 -19.20 -41.78 -23.23
CA VAL B 155 -20.09 -40.95 -22.44
C VAL B 155 -21.18 -40.32 -23.32
N ASN B 156 -20.95 -40.21 -24.62
CA ASN B 156 -21.96 -39.79 -25.58
C ASN B 156 -22.28 -41.00 -26.46
N ARG B 157 -23.13 -40.79 -27.46
CA ARG B 157 -23.62 -41.89 -28.27
C ARG B 157 -22.55 -42.35 -29.26
N PRO B 158 -22.20 -43.63 -29.28
CA PRO B 158 -21.17 -44.14 -30.22
C PRO B 158 -21.69 -44.14 -31.65
N LEU B 159 -21.04 -43.37 -32.51
CA LEU B 159 -21.30 -43.41 -33.95
C LEU B 159 -20.08 -43.89 -34.73
N VAL B 160 -18.95 -43.20 -34.61
CA VAL B 160 -17.70 -43.62 -35.22
C VAL B 160 -16.64 -43.67 -34.13
N LEU B 161 -16.00 -44.83 -33.98
CA LEU B 161 -14.89 -45.00 -33.05
C LEU B 161 -13.63 -45.20 -33.88
N LEU B 162 -12.89 -44.11 -34.08
CA LEU B 162 -11.63 -44.16 -34.79
C LEU B 162 -10.55 -44.72 -33.88
N ALA B 163 -9.71 -45.60 -34.43
CA ALA B 163 -8.65 -46.21 -33.65
C ALA B 163 -7.38 -46.27 -34.47
N ASP B 164 -6.35 -45.56 -34.02
CA ASP B 164 -5.02 -45.62 -34.59
C ASP B 164 -4.04 -46.01 -33.50
N GLU B 165 -3.43 -47.20 -33.65
CA GLU B 165 -2.53 -47.84 -32.69
C GLU B 165 -3.12 -47.88 -31.28
N PRO B 166 -4.08 -48.76 -31.00
CA PRO B 166 -4.62 -48.83 -29.63
C PRO B 166 -3.73 -49.61 -28.66
N THR B 167 -2.95 -50.58 -29.13
CA THR B 167 -2.17 -51.40 -28.22
C THR B 167 -0.75 -50.88 -28.02
N GLY B 168 -0.09 -50.39 -29.08
CA GLY B 168 1.25 -49.87 -28.96
C GLY B 168 2.26 -50.94 -28.56
N ASN B 169 3.28 -50.53 -27.83
CA ASN B 169 4.28 -51.45 -27.29
C ASN B 169 3.69 -52.11 -26.04
N LEU B 170 3.03 -53.25 -26.27
CA LEU B 170 2.32 -53.96 -25.23
C LEU B 170 2.53 -55.46 -25.43
N ASP B 171 2.37 -56.21 -24.35
CA ASP B 171 2.43 -57.67 -24.43
C ASP B 171 1.24 -58.18 -25.24
N PRO B 172 1.41 -59.22 -26.06
CA PRO B 172 0.29 -59.69 -26.89
C PRO B 172 -0.83 -60.35 -26.12
N GLU B 173 -0.54 -60.91 -24.94
CA GLU B 173 -1.57 -61.57 -24.16
C GLU B 173 -2.55 -60.57 -23.56
N THR B 174 -2.05 -59.42 -23.12
CA THR B 174 -2.90 -58.37 -22.56
C THR B 174 -3.43 -57.40 -23.62
N SER B 175 -3.42 -57.80 -24.88
CA SER B 175 -4.19 -57.13 -25.92
C SER B 175 -5.46 -57.88 -26.27
N ARG B 176 -5.61 -59.11 -25.79
CA ARG B 176 -6.81 -59.92 -26.02
C ARG B 176 -8.00 -59.45 -25.19
N ASP B 177 -7.75 -58.84 -24.03
CA ASP B 177 -8.83 -58.37 -23.17
C ASP B 177 -9.52 -57.13 -23.69
N ILE B 178 -8.92 -56.44 -24.67
CA ILE B 178 -9.50 -55.21 -25.21
C ILE B 178 -9.97 -55.36 -26.65
N MET B 179 -9.50 -56.38 -27.38
CA MET B 179 -9.98 -56.61 -28.73
C MET B 179 -11.43 -57.07 -28.78
N ASP B 180 -11.96 -57.58 -27.68
CA ASP B 180 -13.37 -57.90 -27.58
C ASP B 180 -14.22 -56.77 -27.01
N LEU B 181 -13.62 -55.76 -26.40
CA LEU B 181 -14.40 -54.66 -25.81
C LEU B 181 -15.02 -53.79 -26.88
N LEU B 182 -14.28 -53.50 -27.96
CA LEU B 182 -14.88 -52.82 -29.10
C LEU B 182 -15.76 -53.76 -29.91
N GLU B 183 -15.54 -55.07 -29.81
CA GLU B 183 -16.43 -56.02 -30.47
C GLU B 183 -17.79 -56.06 -29.80
N ARG B 184 -17.84 -55.86 -28.48
CA ARG B 184 -19.10 -55.81 -27.74
C ARG B 184 -19.95 -54.62 -28.19
N ILE B 185 -19.33 -53.45 -28.37
CA ILE B 185 -20.07 -52.31 -28.87
C ILE B 185 -20.25 -52.40 -30.38
N ASN B 186 -19.51 -53.27 -31.07
CA ASN B 186 -19.79 -53.54 -32.46
C ASN B 186 -21.05 -54.39 -32.61
N ARG B 187 -21.34 -55.22 -31.61
CA ARG B 187 -22.62 -55.93 -31.59
C ARG B 187 -23.78 -55.02 -31.24
N THR B 188 -23.50 -53.85 -30.64
CA THR B 188 -24.55 -52.87 -30.41
C THR B 188 -25.03 -52.27 -31.73
N GLY B 189 -24.10 -52.05 -32.66
CA GLY B 189 -24.49 -51.63 -34.00
C GLY B 189 -23.66 -50.51 -34.59
N THR B 190 -22.88 -49.82 -33.77
CA THR B 190 -22.05 -48.74 -34.27
C THR B 190 -20.84 -49.26 -35.03
N THR B 191 -20.34 -48.46 -35.97
CA THR B 191 -19.15 -48.83 -36.71
C THR B 191 -17.91 -48.36 -35.96
N VAL B 192 -16.77 -48.90 -36.39
CA VAL B 192 -15.51 -48.70 -35.68
C VAL B 192 -14.37 -48.95 -36.66
N LEU B 193 -13.34 -48.11 -36.58
CA LEU B 193 -12.17 -48.24 -37.45
C LEU B 193 -10.99 -48.80 -36.68
N MET B 194 -9.90 -49.04 -37.40
CA MET B 194 -8.72 -49.71 -36.86
C MET B 194 -7.51 -49.39 -37.73
N ALA B 195 -6.40 -49.07 -37.09
CA ALA B 195 -5.16 -48.76 -37.80
C ALA B 195 -3.99 -49.39 -37.06
N THR B 196 -3.43 -50.45 -37.62
CA THR B 196 -2.25 -51.11 -37.09
C THR B 196 -1.30 -51.42 -38.25
N HIS B 197 -0.23 -52.16 -37.96
CA HIS B 197 0.69 -52.61 -39.00
C HIS B 197 1.13 -54.06 -38.86
N ASP B 198 0.87 -54.72 -37.74
CA ASP B 198 1.25 -56.11 -37.59
C ASP B 198 0.31 -57.01 -38.39
N HIS B 199 0.81 -58.20 -38.74
CA HIS B 199 0.05 -59.16 -39.53
C HIS B 199 -0.54 -60.29 -38.69
N HIS B 200 -0.19 -60.36 -37.40
CA HIS B 200 -0.73 -61.42 -36.55
C HIS B 200 -2.21 -61.21 -36.26
N ILE B 201 -2.65 -59.95 -36.19
CA ILE B 201 -4.06 -59.67 -35.93
C ILE B 201 -4.89 -59.71 -37.21
N VAL B 202 -4.25 -59.76 -38.37
CA VAL B 202 -4.98 -59.76 -39.64
C VAL B 202 -5.74 -61.07 -39.83
N ASP B 203 -5.07 -62.20 -39.62
CA ASP B 203 -5.69 -63.51 -39.80
C ASP B 203 -6.37 -64.04 -38.54
N SER B 204 -7.25 -63.22 -37.96
CA SER B 204 -7.95 -63.58 -36.73
C SER B 204 -9.45 -63.58 -36.88
N MET B 205 -10.05 -62.47 -37.32
CA MET B 205 -11.49 -62.41 -37.52
C MET B 205 -11.91 -62.23 -38.97
N ARG B 206 -10.94 -62.00 -39.87
CA ARG B 206 -11.14 -61.92 -41.32
C ARG B 206 -12.13 -60.82 -41.71
N GLN B 207 -11.74 -59.58 -41.41
CA GLN B 207 -12.53 -58.40 -41.73
C GLN B 207 -11.94 -57.68 -42.95
N ARG B 208 -12.48 -56.49 -43.22
CA ARG B 208 -12.11 -55.74 -44.41
C ARG B 208 -10.68 -55.21 -44.31
N VAL B 209 -9.92 -55.41 -45.39
CA VAL B 209 -8.49 -55.11 -45.44
C VAL B 209 -8.24 -54.14 -46.58
N VAL B 210 -7.54 -53.04 -46.29
CA VAL B 210 -7.09 -52.08 -47.29
C VAL B 210 -5.59 -51.91 -47.13
N GLU B 211 -4.88 -51.77 -48.23
CA GLU B 211 -3.44 -51.51 -48.21
C GLU B 211 -3.15 -50.15 -48.82
N LEU B 212 -2.02 -49.57 -48.42
CA LEU B 212 -1.61 -48.26 -48.88
C LEU B 212 -0.08 -48.18 -48.89
N SER B 213 0.47 -47.71 -50.00
CA SER B 213 1.92 -47.51 -50.16
C SER B 213 2.14 -46.23 -50.95
N LEU B 214 2.44 -45.14 -50.22
CA LEU B 214 2.68 -43.80 -50.76
C LEU B 214 1.48 -43.32 -51.59
N GLY B 215 0.35 -43.16 -50.90
CA GLY B 215 -0.85 -42.62 -51.51
C GLY B 215 -1.53 -43.50 -52.52
N ARG B 216 -1.11 -44.75 -52.67
CA ARG B 216 -1.64 -45.66 -53.67
C ARG B 216 -2.34 -46.82 -53.00
N LEU B 217 -3.60 -47.02 -53.35
CA LEU B 217 -4.39 -48.14 -52.85
C LEU B 217 -3.93 -49.38 -53.61
N VAL B 218 -2.93 -50.09 -53.07
CA VAL B 218 -2.30 -51.19 -53.77
C VAL B 218 -3.24 -52.38 -53.87
N ARG B 219 -3.90 -52.74 -52.78
CA ARG B 219 -4.83 -53.86 -52.78
C ARG B 219 -5.86 -53.66 -51.68
N ASP B 220 -7.13 -53.88 -52.04
CA ASP B 220 -8.25 -53.82 -51.10
C ASP B 220 -9.41 -54.65 -51.64
N GLU B 221 -9.98 -55.48 -50.79
CA GLU B 221 -11.01 -56.41 -51.23
C GLU B 221 -12.21 -56.52 -50.29
N GLN B 222 -12.11 -56.02 -49.05
CA GLN B 222 -13.19 -55.98 -48.06
C GLN B 222 -13.72 -57.38 -47.72
N ARG B 223 -12.84 -58.37 -47.78
CA ARG B 223 -13.20 -59.75 -47.45
C ARG B 223 -11.94 -60.51 -47.08
N GLY B 224 -12.13 -61.65 -46.43
CA GLY B 224 -11.02 -62.52 -46.08
C GLY B 224 -10.11 -61.92 -45.02
N VAL B 225 -8.97 -62.56 -44.85
CA VAL B 225 -7.97 -62.10 -43.89
C VAL B 225 -7.06 -61.06 -44.54
N ALA C 45 -58.83 45.98 82.01
CA ALA C 45 -59.28 44.65 82.37
C ALA C 45 -59.20 43.71 81.18
N LYS C 46 -59.77 44.15 80.06
CA LYS C 46 -59.78 43.37 78.83
C LYS C 46 -58.85 43.93 77.77
N LEU C 47 -58.19 45.05 78.04
CA LEU C 47 -57.32 45.71 77.06
C LEU C 47 -55.92 45.09 77.10
N ASN C 48 -55.86 43.80 76.76
CA ASN C 48 -54.63 43.03 76.80
C ASN C 48 -54.26 42.44 75.46
N GLU C 49 -55.24 41.90 74.72
CA GLU C 49 -54.98 41.37 73.39
C GLU C 49 -54.58 42.48 72.43
N LEU C 50 -55.20 43.66 72.58
CA LEU C 50 -54.83 44.83 71.78
C LEU C 50 -53.40 45.26 72.06
N SER C 51 -53.00 45.26 73.33
CA SER C 51 -51.63 45.62 73.68
C SER C 51 -50.62 44.60 73.17
N ARG C 52 -50.96 43.32 73.25
CA ARG C 52 -50.07 42.27 72.76
C ARG C 52 -49.92 42.33 71.24
N GLN C 53 -51.02 42.55 70.51
CA GLN C 53 -50.88 42.67 69.06
C GLN C 53 -50.25 43.99 68.66
N ALA C 54 -50.31 45.01 69.54
CA ALA C 54 -49.60 46.25 69.27
C ALA C 54 -48.10 46.08 69.42
N GLU C 55 -47.66 45.42 70.49
CA GLU C 55 -46.23 45.20 70.65
C GLU C 55 -45.68 44.13 69.72
N GLN C 56 -46.53 43.20 69.27
CA GLN C 56 -46.07 42.14 68.37
C GLN C 56 -45.69 42.70 67.01
N THR C 57 -46.55 43.53 66.42
CA THR C 57 -46.20 44.18 65.17
C THR C 57 -45.10 45.22 65.34
N THR C 58 -44.95 45.78 66.55
CA THR C 58 -43.83 46.69 66.80
C THR C 58 -42.51 45.96 66.76
N GLU C 59 -42.42 44.81 67.43
CA GLU C 59 -41.22 43.99 67.39
C GLU C 59 -40.99 43.39 65.99
N ALA C 60 -42.08 43.10 65.27
CA ALA C 60 -41.95 42.64 63.89
C ALA C 60 -41.38 43.72 62.99
N LEU C 61 -41.79 44.97 63.20
CA LEU C 61 -41.20 46.10 62.49
C LEU C 61 -39.73 46.27 62.86
N HIS C 62 -39.39 46.04 64.13
CA HIS C 62 -38.01 46.11 64.57
C HIS C 62 -37.14 45.06 63.89
N SER C 63 -37.63 43.83 63.83
CA SER C 63 -36.90 42.75 63.17
C SER C 63 -36.82 42.98 61.66
N ALA C 64 -37.86 43.58 61.09
CA ALA C 64 -37.83 43.94 59.67
C ALA C 64 -36.81 45.03 59.40
N GLN C 65 -36.67 45.99 60.31
CA GLN C 65 -35.63 47.01 60.19
C GLN C 65 -34.24 46.40 60.33
N LEU C 66 -34.11 45.43 61.24
CA LEU C 66 -32.85 44.72 61.41
C LEU C 66 -32.47 43.95 60.15
N ASP C 67 -33.45 43.31 59.50
CA ASP C 67 -33.19 42.66 58.22
C ASP C 67 -32.94 43.68 57.13
N LEU C 68 -33.56 44.86 57.23
CA LEU C 68 -33.34 45.93 56.26
C LEU C 68 -31.90 46.46 56.32
N ASN C 69 -31.27 46.38 57.49
CA ASN C 69 -29.88 46.83 57.61
C ASN C 69 -28.93 45.96 56.78
N GLU C 70 -29.01 44.63 56.95
CA GLU C 70 -28.21 43.78 56.08
C GLU C 70 -28.72 43.77 54.64
N LYS C 71 -30.00 44.09 54.43
CA LYS C 71 -30.52 44.24 53.07
C LYS C 71 -29.86 45.41 52.35
N LEU C 72 -29.76 46.56 53.01
CA LEU C 72 -29.11 47.71 52.39
C LEU C 72 -27.61 47.50 52.28
N ALA C 73 -27.01 46.78 53.22
CA ALA C 73 -25.60 46.41 53.10
C ALA C 73 -25.37 45.49 51.90
N ALA C 74 -26.31 44.57 51.64
CA ALA C 74 -26.16 43.64 50.52
C ALA C 74 -26.25 44.35 49.17
N GLN C 75 -27.21 45.27 49.03
CA GLN C 75 -27.29 46.00 47.77
C GLN C 75 -26.16 47.01 47.64
N ARG C 76 -25.63 47.53 48.75
CA ARG C 76 -24.43 48.35 48.69
C ARG C 76 -23.23 47.53 48.21
N ALA C 77 -23.12 46.28 48.68
CA ALA C 77 -22.06 45.38 48.21
C ALA C 77 -22.21 45.07 46.73
N ALA C 78 -23.46 44.84 46.29
CA ALA C 78 -23.74 44.63 44.87
C ALA C 78 -23.37 45.85 44.04
N ASP C 79 -23.70 47.05 44.54
CA ASP C 79 -23.39 48.28 43.81
C ASP C 79 -21.89 48.52 43.71
N GLN C 80 -21.14 48.25 44.79
CA GLN C 80 -19.70 48.48 44.72
C GLN C 80 -18.99 47.42 43.89
N LYS C 81 -19.47 46.17 43.89
CA LYS C 81 -18.86 45.19 43.01
C LYS C 81 -19.25 45.40 41.54
N LEU C 82 -20.43 45.99 41.29
CA LEU C 82 -20.82 46.32 39.93
C LEU C 82 -20.02 47.51 39.39
N ALA C 83 -19.49 48.34 40.29
CA ALA C 83 -18.56 49.38 39.86
C ALA C 83 -17.21 48.82 39.44
N ASP C 84 -16.77 47.72 40.06
CA ASP C 84 -15.47 47.13 39.79
C ASP C 84 -15.45 46.22 38.57
N ASN C 85 -16.47 45.37 38.42
CA ASN C 85 -16.45 44.38 37.34
C ASN C 85 -16.58 45.04 35.97
N ARG C 86 -17.37 46.12 35.90
CA ARG C 86 -17.52 46.84 34.64
C ARG C 86 -16.24 47.58 34.25
N THR C 87 -15.53 48.13 35.24
CA THR C 87 -14.24 48.76 34.96
C THR C 87 -13.20 47.75 34.49
N ALA C 88 -13.19 46.56 35.11
CA ALA C 88 -12.29 45.50 34.68
C ALA C 88 -12.63 45.02 33.26
N LEU C 89 -13.93 44.91 32.96
CA LEU C 89 -14.36 44.52 31.62
C LEU C 89 -14.02 45.59 30.60
N ASP C 90 -14.10 46.86 30.99
CA ASP C 90 -13.73 47.97 30.09
C ASP C 90 -12.24 47.95 29.79
N ALA C 91 -11.41 47.67 30.80
CA ALA C 91 -9.97 47.55 30.58
C ALA C 91 -9.64 46.36 29.68
N ALA C 92 -10.34 45.24 29.89
CA ALA C 92 -10.15 44.07 29.04
C ALA C 92 -10.57 44.34 27.60
N ARG C 93 -11.67 45.08 27.41
CA ARG C 93 -12.10 45.46 26.07
C ARG C 93 -11.11 46.42 25.41
N ALA C 94 -10.52 47.34 26.18
CA ALA C 94 -9.54 48.26 25.63
C ALA C 94 -8.28 47.54 25.17
N ARG C 95 -7.75 46.62 25.99
CA ARG C 95 -6.56 45.89 25.57
C ARG C 95 -6.88 44.89 24.45
N LEU C 96 -8.12 44.38 24.42
CA LEU C 96 -8.52 43.51 23.32
C LEU C 96 -8.62 44.27 22.01
N ALA C 97 -9.11 45.51 22.06
CA ALA C 97 -9.14 46.36 20.86
C ALA C 97 -7.73 46.71 20.40
N THR C 98 -6.83 46.97 21.36
CA THR C 98 -5.43 47.24 21.02
C THR C 98 -4.79 46.03 20.32
N PHE C 99 -4.99 44.83 20.86
CA PHE C 99 -4.43 43.64 20.23
C PHE C 99 -5.16 43.29 18.94
N GLN C 100 -6.42 43.72 18.79
CA GLN C 100 -7.12 43.51 17.53
C GLN C 100 -6.54 44.39 16.42
N THR C 101 -6.21 45.64 16.76
CA THR C 101 -5.49 46.49 15.81
C THR C 101 -4.11 45.92 15.51
N ALA C 102 -3.44 45.38 16.53
CA ALA C 102 -2.11 44.78 16.36
C ALA C 102 -2.15 43.58 15.42
N VAL C 103 -3.18 42.73 15.53
CA VAL C 103 -3.26 41.62 14.58
C VAL C 103 -3.82 42.05 13.23
N ASN C 104 -4.58 43.14 13.19
CA ASN C 104 -5.04 43.69 11.91
C ASN C 104 -3.87 44.14 11.05
N LYS C 105 -2.91 44.85 11.64
CA LYS C 105 -1.79 45.34 10.84
C LYS C 105 -0.84 44.20 10.44
N VAL C 106 -0.68 43.18 11.29
CA VAL C 106 0.19 42.09 10.87
C VAL C 106 -0.51 41.15 9.90
N ALA C 107 -1.85 41.13 9.89
CA ALA C 107 -2.56 40.44 8.82
C ALA C 107 -2.43 41.20 7.51
N ALA C 108 -2.43 42.53 7.59
CA ALA C 108 -2.21 43.36 6.42
C ALA C 108 -0.80 43.24 5.85
N ALA C 109 0.21 43.09 6.72
CA ALA C 109 1.60 43.10 6.27
C ALA C 109 1.93 41.90 5.39
N THR C 110 1.35 40.74 5.69
CA THR C 110 1.54 39.56 4.87
C THR C 110 0.91 39.69 3.49
N TYR C 111 -0.11 40.54 3.34
CA TYR C 111 -0.77 40.71 2.05
C TYR C 111 0.14 41.39 1.04
N MET C 112 1.08 42.22 1.49
CA MET C 112 2.09 42.79 0.59
C MET C 112 3.33 41.89 0.54
N GLY C 113 3.09 40.62 0.21
CA GLY C 113 4.16 39.66 0.00
C GLY C 113 4.98 39.33 1.21
N GLY C 114 4.34 39.22 2.37
CA GLY C 114 5.06 38.90 3.59
C GLY C 114 5.37 37.42 3.75
N ARG C 115 6.21 36.90 2.86
CA ARG C 115 6.60 35.49 2.88
C ARG C 115 7.57 35.27 4.03
N THR C 116 7.15 34.53 5.06
CA THR C 116 7.91 34.43 6.29
C THR C 116 8.15 33.00 6.74
N HIS C 117 8.07 32.01 5.84
CA HIS C 117 8.36 30.65 6.27
C HIS C 117 9.86 30.40 6.40
N GLY C 118 10.60 30.65 5.32
CA GLY C 118 12.05 30.54 5.38
C GLY C 118 12.69 29.71 4.29
N MET C 119 12.05 28.59 3.89
CA MET C 119 12.61 27.81 2.81
C MET C 119 12.37 28.45 1.45
N ASP C 120 11.32 29.25 1.34
CA ASP C 120 10.96 29.98 0.13
C ASP C 120 11.93 31.12 -0.21
N ALA C 121 12.83 31.46 0.70
CA ALA C 121 13.83 32.50 0.46
C ALA C 121 14.83 32.13 -0.62
N ILE C 122 14.97 30.84 -0.95
CA ILE C 122 15.92 30.44 -1.98
C ILE C 122 15.40 30.78 -3.36
N LEU C 123 14.08 31.00 -3.50
CA LEU C 123 13.55 31.45 -4.78
C LEU C 123 13.82 32.94 -4.99
N THR C 124 13.76 33.74 -3.92
CA THR C 124 14.00 35.17 -4.05
C THR C 124 15.48 35.48 -4.22
N ALA C 125 16.35 34.68 -3.60
CA ALA C 125 17.77 35.00 -3.52
C ALA C 125 18.48 34.79 -4.85
N GLU C 126 19.60 35.48 -5.02
CA GLU C 126 20.47 35.32 -6.16
C GLU C 126 21.95 35.20 -5.79
N SER C 127 22.31 35.44 -4.53
CA SER C 127 23.66 35.23 -4.05
C SER C 127 23.60 34.48 -2.73
N PRO C 128 24.61 33.65 -2.43
CA PRO C 128 24.66 33.01 -1.11
C PRO C 128 24.80 33.98 0.05
N GLN C 129 25.45 35.13 -0.17
CA GLN C 129 25.60 36.11 0.90
C GLN C 129 24.27 36.74 1.29
N LEU C 130 23.41 36.98 0.32
CA LEU C 130 22.07 37.50 0.59
C LEU C 130 21.18 36.48 1.28
N LEU C 131 21.33 35.19 0.95
CA LEU C 131 20.42 34.17 1.43
C LEU C 131 20.55 33.95 2.93
N ILE C 132 21.80 33.92 3.43
CA ILE C 132 22.01 33.71 4.86
C ILE C 132 21.52 34.91 5.66
N ASP C 133 21.66 36.12 5.12
CA ASP C 133 21.12 37.31 5.78
C ASP C 133 19.59 37.26 5.82
N ARG C 134 18.98 36.79 4.72
CA ARG C 134 17.53 36.69 4.65
C ARG C 134 17.00 35.66 5.65
N LEU C 135 17.70 34.53 5.80
CA LEU C 135 17.30 33.55 6.82
C LEU C 135 17.54 34.07 8.24
N SER C 136 18.62 34.83 8.44
CA SER C 136 18.91 35.37 9.77
C SER C 136 17.84 36.36 10.21
N VAL C 137 17.39 37.23 9.31
CA VAL C 137 16.31 38.14 9.69
C VAL C 137 14.98 37.40 9.72
N GLN C 138 14.86 36.31 8.96
CA GLN C 138 13.64 35.51 8.95
C GLN C 138 13.41 34.84 10.30
N ARG C 139 14.48 34.36 10.92
CA ARG C 139 14.37 33.65 12.20
C ARG C 139 13.89 34.55 13.32
N VAL C 140 14.13 35.86 13.24
CA VAL C 140 13.69 36.76 14.29
C VAL C 140 12.31 37.33 13.95
N MET C 141 12.02 37.54 12.65
CA MET C 141 10.68 38.00 12.28
C MET C 141 9.62 36.95 12.56
N ALA C 142 9.90 35.68 12.26
CA ALA C 142 8.95 34.61 12.55
C ALA C 142 8.73 34.45 14.05
N HIS C 143 9.80 34.59 14.84
CA HIS C 143 9.68 34.53 16.29
C HIS C 143 8.84 35.67 16.85
N GLN C 144 9.06 36.89 16.35
CA GLN C 144 8.29 38.03 16.84
C GLN C 144 6.83 37.93 16.43
N MET C 145 6.57 37.46 15.21
CA MET C 145 5.21 37.26 14.75
C MET C 145 4.49 36.19 15.56
N SER C 146 5.21 35.10 15.90
CA SER C 146 4.64 34.05 16.72
C SER C 146 4.32 34.54 18.12
N THR C 147 5.21 35.35 18.71
CA THR C 147 4.95 35.90 20.04
C THR C 147 3.77 36.85 20.03
N GLN C 148 3.64 37.67 18.98
CA GLN C 148 2.49 38.56 18.85
C GLN C 148 1.19 37.78 18.73
N MET C 149 1.18 36.73 17.89
CA MET C 149 -0.03 35.94 17.69
C MET C 149 -0.40 35.18 18.95
N ALA C 150 0.59 34.60 19.65
CA ALA C 150 0.33 33.88 20.89
C ALA C 150 -0.15 34.80 21.99
N ARG C 151 0.43 36.00 22.08
CA ARG C 151 -0.02 37.00 23.05
C ARG C 151 -1.46 37.42 22.78
N PHE C 152 -1.81 37.61 21.51
CA PHE C 152 -3.19 37.94 21.17
C PHE C 152 -4.14 36.81 21.49
N LYS C 153 -3.74 35.56 21.23
CA LYS C 153 -4.61 34.43 21.51
C LYS C 153 -4.83 34.25 23.01
N ALA C 154 -3.76 34.38 23.80
CA ALA C 154 -3.87 34.26 25.25
C ALA C 154 -4.68 35.41 25.83
N ALA C 155 -4.49 36.63 25.31
CA ALA C 155 -5.24 37.77 25.80
C ALA C 155 -6.70 37.69 25.39
N GLY C 156 -6.99 37.15 24.21
CA GLY C 156 -8.37 36.94 23.80
C GLY C 156 -9.06 35.88 24.62
N GLU C 157 -8.34 34.80 24.97
CA GLU C 157 -8.89 33.80 25.87
C GLU C 157 -9.14 34.36 27.26
N GLN C 158 -8.21 35.18 27.76
CA GLN C 158 -8.40 35.83 29.05
C GLN C 158 -9.53 36.85 29.01
N ALA C 159 -9.70 37.53 27.88
CA ALA C 159 -10.79 38.48 27.73
C ALA C 159 -12.14 37.76 27.64
N VAL C 160 -12.17 36.58 27.00
CA VAL C 160 -13.39 35.79 26.97
C VAL C 160 -13.73 35.25 28.34
N LYS C 161 -12.70 34.83 29.11
CA LYS C 161 -12.93 34.39 30.48
C LYS C 161 -13.39 35.54 31.37
N ALA C 162 -12.84 36.74 31.16
CA ALA C 162 -13.26 37.91 31.91
C ALA C 162 -14.67 38.35 31.51
N GLU C 163 -15.05 38.13 30.25
CA GLU C 163 -16.39 38.42 29.81
C GLU C 163 -17.39 37.43 30.40
N GLN C 164 -17.00 36.17 30.52
CA GLN C 164 -17.82 35.19 31.22
C GLN C 164 -17.95 35.51 32.70
N ALA C 165 -16.85 35.99 33.31
CA ALA C 165 -16.87 36.44 34.69
C ALA C 165 -17.77 37.67 34.85
N ALA C 166 -17.76 38.57 33.86
CA ALA C 166 -18.63 39.74 33.90
C ALA C 166 -20.08 39.35 33.70
N ALA C 167 -20.33 38.30 32.91
CA ALA C 167 -21.69 37.78 32.75
C ALA C 167 -22.19 37.16 34.06
N LYS C 168 -21.33 36.40 34.74
CA LYS C 168 -21.70 35.86 36.04
C LYS C 168 -21.85 36.97 37.08
N SER C 169 -21.06 38.03 36.95
CA SER C 169 -21.19 39.19 37.83
C SER C 169 -22.49 39.93 37.58
N ALA C 170 -22.90 40.03 36.31
CA ALA C 170 -24.19 40.62 35.97
C ALA C 170 -25.34 39.78 36.50
N ALA C 171 -25.20 38.45 36.43
CA ALA C 171 -26.21 37.56 37.01
C ALA C 171 -26.27 37.71 38.51
N ASP C 172 -25.11 37.85 39.16
CA ASP C 172 -25.05 38.09 40.60
C ASP C 172 -25.68 39.42 40.98
N ALA C 173 -25.42 40.46 40.18
CA ALA C 173 -25.98 41.78 40.44
C ALA C 173 -27.50 41.80 40.24
N ARG C 174 -27.98 41.13 39.19
CA ARG C 174 -29.42 41.05 38.95
C ARG C 174 -30.12 40.23 40.02
N SER C 175 -29.50 39.13 40.45
CA SER C 175 -30.05 38.32 41.54
C SER C 175 -30.05 39.10 42.85
N ALA C 176 -29.00 39.89 43.10
CA ALA C 176 -28.94 40.71 44.30
C ALA C 176 -29.98 41.82 44.28
N ALA C 177 -30.20 42.43 43.12
CA ALA C 177 -31.23 43.45 42.99
C ALA C 177 -32.63 42.86 43.16
N GLU C 178 -32.86 41.68 42.59
CA GLU C 178 -34.14 40.99 42.76
C GLU C 178 -34.36 40.58 44.22
N GLN C 179 -33.31 40.11 44.89
CA GLN C 179 -33.41 39.76 46.30
C GLN C 179 -33.63 40.99 47.16
N ALA C 180 -33.00 42.11 46.80
CA ALA C 180 -33.23 43.37 47.49
C ALA C 180 -34.67 43.85 47.31
N ALA C 181 -35.23 43.67 46.11
CA ALA C 181 -36.64 43.98 45.89
C ALA C 181 -37.55 43.06 46.70
N ALA C 182 -37.18 41.78 46.80
CA ALA C 182 -37.97 40.83 47.56
C ALA C 182 -37.96 41.16 49.06
N VAL C 183 -36.82 41.56 49.59
CA VAL C 183 -36.75 41.94 51.00
C VAL C 183 -37.16 43.39 51.23
N ARG C 184 -37.39 44.15 50.17
CA ARG C 184 -38.14 45.39 50.28
C ARG C 184 -39.64 45.17 50.25
N ALA C 185 -40.10 44.09 49.64
CA ALA C 185 -41.54 43.81 49.55
C ALA C 185 -42.15 43.56 50.91
N ASN C 186 -41.53 42.68 51.72
CA ASN C 186 -42.02 42.46 53.06
C ASN C 186 -41.80 43.68 53.96
N LEU C 187 -40.76 44.48 53.66
CA LEU C 187 -40.55 45.73 54.37
C LEU C 187 -41.72 46.70 54.17
N GLN C 188 -42.12 46.90 52.91
CA GLN C 188 -43.30 47.73 52.64
C GLN C 188 -44.59 47.08 53.13
N HIS C 189 -44.62 45.74 53.24
CA HIS C 189 -45.75 45.09 53.89
C HIS C 189 -45.85 45.46 55.37
N LYS C 190 -44.71 45.46 56.07
CA LYS C 190 -44.72 45.89 57.47
C LYS C 190 -45.03 47.37 57.62
N GLN C 191 -44.56 48.19 56.66
CA GLN C 191 -44.95 49.60 56.65
C GLN C 191 -46.45 49.77 56.40
N SER C 192 -47.06 48.87 55.61
CA SER C 192 -48.49 48.93 55.38
C SER C 192 -49.28 48.55 56.62
N GLN C 193 -48.87 47.48 57.31
CA GLN C 193 -49.58 47.06 58.51
C GLN C 193 -49.10 47.78 59.77
N LEU C 194 -48.19 48.76 59.62
CA LEU C 194 -47.79 49.60 60.74
C LEU C 194 -48.97 50.36 61.34
N GLN C 195 -49.60 51.25 60.57
CA GLN C 195 -50.61 52.16 61.12
C GLN C 195 -51.94 51.48 61.43
N VAL C 196 -52.19 50.29 60.87
CA VAL C 196 -53.45 49.59 61.09
C VAL C 196 -53.59 49.19 62.55
N GLN C 197 -52.54 48.60 63.13
CA GLN C 197 -52.58 48.23 64.53
C GLN C 197 -52.43 49.44 65.45
N ILE C 198 -51.82 50.52 64.97
CA ILE C 198 -51.78 51.77 65.72
C ILE C 198 -53.19 52.33 65.90
N ALA C 199 -53.99 52.28 64.83
CA ALA C 199 -55.39 52.72 64.93
C ALA C 199 -56.19 51.84 65.87
N VAL C 200 -55.92 50.53 65.87
CA VAL C 200 -56.62 49.60 66.76
C VAL C 200 -56.24 49.87 68.22
N VAL C 201 -54.96 50.11 68.48
CA VAL C 201 -54.50 50.38 69.84
C VAL C 201 -55.01 51.73 70.32
N LYS C 202 -55.09 52.72 69.44
CA LYS C 202 -55.59 54.03 69.80
C LYS C 202 -57.11 54.08 69.89
N SER C 203 -57.81 53.08 69.33
CA SER C 203 -59.26 53.02 69.47
C SER C 203 -59.67 52.79 70.92
N GLN C 204 -58.95 51.92 71.63
CA GLN C 204 -59.17 51.75 73.06
C GLN C 204 -58.44 52.83 73.85
N TYR C 205 -57.10 52.80 73.80
CA TYR C 205 -56.19 53.80 74.37
C TYR C 205 -56.45 54.08 75.84
N VAL C 206 -56.62 55.35 76.19
CA VAL C 206 -57.03 55.74 77.53
C VAL C 206 -58.55 55.81 77.63
N ALA C 207 -59.26 55.86 76.49
CA ALA C 207 -60.70 55.99 76.49
C ALA C 207 -61.36 54.64 76.75
N LEU C 208 -62.69 54.59 76.53
CA LEU C 208 -63.55 53.43 76.81
C LEU C 208 -63.44 52.97 78.25
N THR C 209 -63.35 53.92 79.17
CA THR C 209 -63.15 53.65 80.58
C THR C 209 -64.19 54.37 81.42
N PRO C 210 -64.50 53.83 82.59
CA PRO C 210 -65.28 54.59 83.58
C PRO C 210 -64.34 55.30 84.55
N GLU C 211 -64.95 56.01 85.50
CA GLU C 211 -64.17 56.63 86.57
C GLU C 211 -63.74 55.65 87.64
N GLU C 212 -64.27 54.42 87.61
CA GLU C 212 -63.88 53.40 88.58
C GLU C 212 -62.45 52.93 88.34
N ARG C 213 -62.06 52.78 87.07
CA ARG C 213 -60.66 52.46 86.76
C ARG C 213 -59.76 53.65 87.05
N THR C 214 -60.29 54.87 86.90
CA THR C 214 -59.57 56.05 87.36
C THR C 214 -59.50 56.08 88.88
N ALA C 215 -60.54 55.59 89.56
CA ALA C 215 -60.51 55.47 91.01
C ALA C 215 -59.59 54.35 91.48
N LEU C 216 -59.27 53.39 90.60
CA LEU C 216 -58.26 52.38 90.88
C LEU C 216 -56.91 53.06 90.72
N ALA C 217 -56.42 53.67 91.80
CA ALA C 217 -55.18 54.42 91.78
C ALA C 217 -54.03 53.50 92.19
N ASP C 218 -53.10 53.31 91.28
CA ASP C 218 -52.02 52.33 91.47
C ASP C 218 -50.77 52.68 90.64
N PRO C 219 -49.85 53.45 91.22
CA PRO C 219 -48.61 53.77 90.50
C PRO C 219 -47.62 52.63 90.46
N GLY C 220 -47.70 51.67 91.38
CA GLY C 220 -46.72 50.63 91.49
C GLY C 220 -46.18 50.53 92.91
N PRO C 221 -46.18 49.31 93.48
CA PRO C 221 -45.70 49.16 94.86
C PRO C 221 -44.21 49.42 95.04
N VAL C 222 -43.34 48.71 94.33
CA VAL C 222 -41.90 48.82 94.58
C VAL C 222 -41.09 48.42 93.34
N PRO C 223 -40.31 49.32 92.77
CA PRO C 223 -39.42 48.96 91.65
C PRO C 223 -38.20 48.20 92.15
N ALA C 224 -37.31 47.87 91.22
CA ALA C 224 -36.18 47.00 91.49
C ALA C 224 -35.03 47.76 92.17
N VAL C 225 -33.93 47.05 92.38
CA VAL C 225 -32.70 47.64 92.90
C VAL C 225 -31.53 47.48 91.95
N ALA C 226 -31.66 46.64 90.92
CA ALA C 226 -30.67 46.38 89.86
C ALA C 226 -29.30 45.94 90.37
N ALA C 227 -28.31 45.94 89.48
CA ALA C 227 -26.97 45.48 89.81
C ALA C 227 -26.23 46.61 90.52
N ILE C 228 -26.44 46.72 91.82
CA ILE C 228 -25.81 47.77 92.61
C ILE C 228 -24.41 47.35 93.03
N GLY C 270 -24.02 42.39 89.08
CA GLY C 270 -22.89 43.17 88.63
C GLY C 270 -22.79 44.52 89.31
N GLY C 271 -22.01 45.42 88.72
CA GLY C 271 -21.84 46.75 89.27
C GLY C 271 -21.89 47.84 88.21
N ASP C 272 -22.04 47.44 86.95
CA ASP C 272 -22.12 48.38 85.84
C ASP C 272 -23.55 48.88 85.60
N ARG C 273 -24.52 48.32 86.29
CA ARG C 273 -25.94 48.60 86.06
C ARG C 273 -26.59 49.24 87.29
N THR C 274 -25.82 50.07 88.01
CA THR C 274 -26.34 50.80 89.16
C THR C 274 -27.35 51.87 88.78
N ALA C 275 -27.22 52.45 87.60
CA ALA C 275 -28.04 53.57 87.17
C ALA C 275 -29.37 53.15 86.57
N VAL C 276 -29.68 51.84 86.58
CA VAL C 276 -30.97 51.37 86.07
C VAL C 276 -32.11 51.85 86.95
N VAL C 277 -31.96 51.69 88.28
CA VAL C 277 -32.98 52.13 89.22
C VAL C 277 -32.64 53.46 89.87
N GLN C 278 -31.53 54.10 89.47
CA GLN C 278 -31.23 55.43 89.97
C GLN C 278 -32.20 56.48 89.43
N ALA C 279 -32.76 56.22 88.25
CA ALA C 279 -33.75 57.09 87.63
C ALA C 279 -35.16 56.50 87.74
N ALA C 280 -35.38 55.63 88.73
CA ALA C 280 -36.65 54.94 88.86
C ALA C 280 -37.76 55.81 89.41
N LEU C 281 -37.46 57.05 89.85
CA LEU C 281 -38.50 57.98 90.24
C LEU C 281 -39.34 58.40 89.04
N THR C 282 -38.72 58.40 87.85
CA THR C 282 -39.46 58.60 86.60
C THR C 282 -40.41 57.43 86.34
N GLN C 283 -40.05 56.22 86.76
CA GLN C 283 -40.96 55.10 86.73
C GLN C 283 -41.88 55.19 87.96
N VAL C 284 -42.71 54.16 88.15
CA VAL C 284 -43.82 54.12 89.12
C VAL C 284 -44.70 55.33 88.86
N GLY C 285 -45.58 55.22 87.86
CA GLY C 285 -46.37 56.33 87.38
C GLY C 285 -46.08 56.77 85.96
N ALA C 286 -45.19 56.07 85.26
CA ALA C 286 -44.90 56.42 83.87
C ALA C 286 -45.95 55.80 82.93
N PRO C 287 -46.59 56.60 82.09
CA PRO C 287 -47.53 56.03 81.12
C PRO C 287 -46.82 55.32 79.98
N TYR C 288 -47.60 54.56 79.22
CA TYR C 288 -47.11 53.68 78.18
C TYR C 288 -47.08 54.40 76.83
N ALA C 289 -46.10 54.06 76.00
CA ALA C 289 -46.05 54.48 74.60
C ALA C 289 -45.67 53.29 73.74
N TRP C 290 -45.99 53.37 72.45
CA TRP C 290 -45.79 52.26 71.52
C TRP C 290 -44.40 52.37 70.89
N GLY C 291 -43.48 51.53 71.36
CA GLY C 291 -42.15 51.46 70.78
C GLY C 291 -41.31 52.71 70.99
N GLY C 292 -41.44 53.35 72.14
CA GLY C 292 -40.78 54.61 72.40
C GLY C 292 -39.95 54.57 73.67
N ALA C 293 -38.76 55.17 73.59
CA ALA C 293 -37.89 55.33 74.76
C ALA C 293 -37.87 56.79 75.25
N ALA C 294 -39.01 57.47 75.16
CA ALA C 294 -39.10 58.85 75.59
C ALA C 294 -39.18 58.94 77.11
N PRO C 295 -38.63 60.01 77.71
CA PRO C 295 -38.73 60.16 79.17
C PRO C 295 -40.14 60.49 79.62
N GLY C 296 -40.96 59.45 79.75
CA GLY C 296 -42.37 59.60 80.07
C GLY C 296 -43.22 58.65 79.25
N GLY C 297 -42.74 58.33 78.05
CA GLY C 297 -43.40 57.36 77.20
C GLY C 297 -42.54 56.14 76.96
N PHE C 298 -42.97 54.98 77.45
CA PHE C 298 -42.17 53.78 77.43
C PHE C 298 -42.99 52.59 76.92
N ASP C 299 -42.27 51.57 76.46
CA ASP C 299 -42.84 50.27 76.15
C ASP C 299 -42.02 49.23 76.93
N CYS C 300 -42.18 47.96 76.54
CA CYS C 300 -41.44 46.88 77.19
C CYS C 300 -39.94 47.04 77.03
N SER C 301 -39.47 47.22 75.80
CA SER C 301 -38.04 47.44 75.54
C SER C 301 -37.62 48.90 75.74
N GLY C 302 -38.58 49.83 75.76
CA GLY C 302 -38.23 51.23 75.94
C GLY C 302 -37.71 51.53 77.33
N LEU C 303 -38.33 50.93 78.36
CA LEU C 303 -37.80 50.99 79.72
C LEU C 303 -36.40 50.39 79.79
N VAL C 304 -36.20 49.26 79.09
CA VAL C 304 -34.93 48.54 79.08
C VAL C 304 -33.81 49.40 78.52
N MET C 305 -34.00 49.99 77.33
CA MET C 305 -32.89 50.77 76.78
C MET C 305 -32.80 52.15 77.41
N TRP C 306 -33.91 52.71 77.90
CA TRP C 306 -33.82 54.03 78.49
C TRP C 306 -33.09 53.96 79.82
N ALA C 307 -33.23 52.85 80.55
CA ALA C 307 -32.42 52.58 81.73
C ALA C 307 -30.99 52.22 81.38
N PHE C 308 -30.78 51.41 80.34
CA PHE C 308 -29.44 50.94 80.01
C PHE C 308 -28.59 51.98 79.31
N GLN C 309 -29.18 53.04 78.75
CA GLN C 309 -28.34 54.12 78.22
C GLN C 309 -27.81 55.02 79.32
N GLN C 310 -28.40 54.95 80.53
CA GLN C 310 -27.79 55.56 81.70
C GLN C 310 -26.60 54.76 82.20
N ALA C 311 -26.54 53.46 81.91
CA ALA C 311 -25.41 52.62 82.21
C ALA C 311 -24.34 52.65 81.12
N GLY C 312 -24.74 53.00 79.89
CA GLY C 312 -23.80 53.09 78.80
C GLY C 312 -23.78 51.86 77.91
N ILE C 313 -24.71 50.94 78.13
CA ILE C 313 -24.80 49.71 77.37
C ILE C 313 -25.98 49.82 76.41
N ALA C 314 -25.75 49.42 75.15
CA ALA C 314 -26.74 49.52 74.10
C ALA C 314 -27.18 48.13 73.66
N LEU C 315 -28.49 47.93 73.59
CA LEU C 315 -29.11 46.71 73.11
C LEU C 315 -30.12 47.05 72.03
N PRO C 316 -30.37 46.11 71.11
CA PRO C 316 -31.43 46.35 70.10
C PRO C 316 -32.81 46.45 70.72
N HIS C 317 -33.62 47.36 70.15
CA HIS C 317 -34.98 47.63 70.63
C HIS C 317 -35.94 46.59 70.06
N SER C 318 -35.76 45.36 70.50
CA SER C 318 -36.59 44.24 70.06
C SER C 318 -36.58 43.21 71.18
N SER C 319 -37.64 43.20 72.00
CA SER C 319 -37.64 42.36 73.19
C SER C 319 -37.82 40.89 72.87
N GLN C 320 -38.32 40.57 71.67
CA GLN C 320 -38.31 39.17 71.24
C GLN C 320 -36.89 38.70 70.94
N ALA C 321 -36.04 39.58 70.41
CA ALA C 321 -34.64 39.27 70.14
C ALA C 321 -33.74 39.53 71.35
N LEU C 322 -34.25 40.16 72.40
CA LEU C 322 -33.50 40.21 73.65
C LEU C 322 -33.44 38.84 74.31
N ALA C 323 -34.44 37.99 74.05
CA ALA C 323 -34.36 36.58 74.40
C ALA C 323 -33.33 35.82 73.58
N HIS C 324 -32.89 36.39 72.45
CA HIS C 324 -31.89 35.78 71.60
C HIS C 324 -30.53 36.46 71.70
N GLY C 325 -30.42 37.53 72.47
CA GLY C 325 -29.15 38.24 72.69
C GLY C 325 -28.70 38.08 74.13
N GLY C 326 -27.41 37.80 74.31
CA GLY C 326 -26.84 37.58 75.62
C GLY C 326 -26.63 36.11 75.91
N GLN C 327 -25.86 35.84 76.97
CA GLN C 327 -25.68 34.46 77.36
C GLN C 327 -26.90 33.99 78.15
N PRO C 328 -27.25 32.70 78.05
CA PRO C 328 -28.40 32.19 78.82
C PRO C 328 -28.06 32.09 80.30
N VAL C 329 -28.63 32.99 81.09
CA VAL C 329 -28.42 33.00 82.53
C VAL C 329 -29.34 31.95 83.15
N ALA C 330 -28.91 31.38 84.27
CA ALA C 330 -29.64 30.27 84.87
C ALA C 330 -30.71 30.78 85.83
N LEU C 331 -31.61 29.87 86.21
CA LEU C 331 -32.64 30.17 87.21
C LEU C 331 -32.11 30.05 88.64
N SER C 332 -31.05 29.27 88.85
CA SER C 332 -30.56 29.02 90.21
C SER C 332 -29.89 30.26 90.78
N ASP C 333 -28.99 30.89 90.03
CA ASP C 333 -28.30 32.07 90.53
C ASP C 333 -29.20 33.29 90.45
N LEU C 334 -29.19 34.10 91.51
CA LEU C 334 -30.07 35.25 91.62
C LEU C 334 -29.22 36.50 91.79
N GLN C 335 -28.80 37.10 90.68
CA GLN C 335 -28.12 38.38 90.67
C GLN C 335 -28.94 39.37 89.85
N PRO C 336 -29.02 40.62 90.29
CA PRO C 336 -29.90 41.58 89.63
C PRO C 336 -29.21 42.27 88.45
N GLY C 337 -30.02 42.97 87.66
CA GLY C 337 -29.56 43.58 86.44
C GLY C 337 -29.65 42.71 85.21
N ASP C 338 -30.18 41.50 85.32
CA ASP C 338 -30.39 40.61 84.18
C ASP C 338 -31.71 40.97 83.51
N VAL C 339 -32.06 40.20 82.48
CA VAL C 339 -33.34 40.33 81.81
C VAL C 339 -34.13 39.05 82.05
N LEU C 340 -35.42 39.10 81.69
CA LEU C 340 -36.31 37.98 81.94
C LEU C 340 -37.47 38.02 80.95
N THR C 341 -37.65 36.94 80.21
CA THR C 341 -38.83 36.80 79.37
C THR C 341 -40.08 36.64 80.24
N PHE C 342 -41.16 37.28 79.81
CA PHE C 342 -42.37 37.37 80.61
C PHE C 342 -43.56 37.46 79.67
N TYR C 343 -44.73 37.13 80.21
CA TYR C 343 -46.02 37.07 79.49
C TYR C 343 -45.93 36.09 78.31
N SER C 344 -45.77 34.82 78.69
CA SER C 344 -45.74 33.66 77.80
C SER C 344 -44.59 33.73 76.81
N ASP C 345 -44.89 33.61 75.51
CA ASP C 345 -43.90 33.31 74.48
C ASP C 345 -43.04 34.54 74.12
N ALA C 346 -42.26 34.98 75.12
CA ALA C 346 -41.25 36.04 75.00
C ALA C 346 -41.84 37.35 74.49
N SER C 347 -43.08 37.63 74.89
CA SER C 347 -43.74 38.86 74.47
C SER C 347 -43.38 40.04 75.35
N HIS C 348 -42.63 39.82 76.42
CA HIS C 348 -42.20 40.90 77.31
C HIS C 348 -40.86 40.50 77.91
N ALA C 349 -39.77 41.08 77.41
CA ALA C 349 -38.45 40.84 78.00
C ALA C 349 -38.17 41.92 79.04
N GLY C 350 -38.75 41.73 80.22
CA GLY C 350 -38.49 42.62 81.33
C GLY C 350 -37.15 42.38 81.96
N ILE C 351 -36.66 43.41 82.65
CA ILE C 351 -35.41 43.28 83.40
C ILE C 351 -35.65 42.40 84.63
N TYR C 352 -34.56 41.83 85.15
CA TYR C 352 -34.65 41.03 86.36
C TYR C 352 -34.92 41.95 87.55
N ILE C 353 -36.00 41.67 88.25
CA ILE C 353 -36.42 42.44 89.41
C ILE C 353 -36.08 41.70 90.70
N GLY C 354 -36.32 40.40 90.74
CA GLY C 354 -36.13 39.62 91.94
C GLY C 354 -37.20 39.93 92.97
N ASP C 355 -36.87 39.65 94.24
CA ASP C 355 -37.65 39.82 95.47
C ASP C 355 -39.13 39.45 95.36
N GLY C 356 -39.43 38.42 94.57
CA GLY C 356 -40.81 38.00 94.39
C GLY C 356 -41.70 38.98 93.66
N LEU C 357 -41.13 39.82 92.80
CA LEU C 357 -41.87 40.86 92.09
C LEU C 357 -41.31 41.03 90.69
N MET C 358 -42.11 41.63 89.80
CA MET C 358 -41.72 41.72 88.39
C MET C 358 -42.34 43.00 87.85
N VAL C 359 -41.51 44.03 87.64
CA VAL C 359 -41.98 45.35 87.22
C VAL C 359 -42.17 45.34 85.71
N HIS C 360 -43.40 45.11 85.25
CA HIS C 360 -43.68 44.94 83.84
C HIS C 360 -44.41 46.18 83.31
N SER C 361 -44.26 46.41 82.01
CA SER C 361 -44.88 47.55 81.36
C SER C 361 -46.40 47.38 81.29
N SER C 362 -47.12 48.38 81.75
CA SER C 362 -48.57 48.36 81.78
C SER C 362 -49.13 48.95 80.49
N THR C 363 -50.46 49.05 80.41
CA THR C 363 -51.12 49.52 79.20
C THR C 363 -51.09 51.05 79.15
N TYR C 364 -51.71 51.61 78.11
CA TYR C 364 -51.65 53.04 77.85
C TYR C 364 -52.44 53.83 78.89
N GLY C 365 -51.74 54.69 79.63
CA GLY C 365 -52.35 55.48 80.67
C GLY C 365 -52.22 54.84 82.04
N VAL C 366 -52.32 53.52 82.08
CA VAL C 366 -52.16 52.77 83.34
C VAL C 366 -50.70 52.84 83.77
N PRO C 367 -50.41 53.23 85.01
CA PRO C 367 -49.02 53.32 85.45
C PRO C 367 -48.38 51.94 85.59
N VAL C 368 -47.04 51.95 85.57
CA VAL C 368 -46.23 50.73 85.53
C VAL C 368 -46.37 50.01 86.87
N ARG C 369 -47.10 48.90 86.88
CA ARG C 369 -47.37 48.13 88.08
C ARG C 369 -46.24 47.16 88.39
N VAL C 370 -46.21 46.71 89.64
CA VAL C 370 -45.26 45.71 90.10
C VAL C 370 -46.08 44.54 90.64
N VAL C 371 -46.19 43.48 89.84
CA VAL C 371 -46.95 42.28 90.19
C VAL C 371 -45.95 41.13 90.11
N PRO C 372 -46.04 40.10 90.96
CA PRO C 372 -45.06 39.00 90.91
C PRO C 372 -45.08 38.20 89.60
N MET C 373 -44.12 37.28 89.49
CA MET C 373 -43.97 36.46 88.29
C MET C 373 -45.12 35.48 88.10
N ASP C 374 -45.86 35.16 89.16
CA ASP C 374 -47.06 34.33 89.06
C ASP C 374 -48.28 35.14 88.66
N SER C 375 -48.20 35.80 87.51
CA SER C 375 -49.29 36.62 86.99
C SER C 375 -49.60 36.24 85.55
N SER C 376 -48.58 35.78 84.83
CA SER C 376 -48.70 35.50 83.41
C SER C 376 -48.83 34.01 83.12
N GLY C 377 -47.96 33.19 83.70
CA GLY C 377 -47.88 31.80 83.36
C GLY C 377 -46.48 31.40 82.90
N PRO C 378 -46.33 31.11 81.61
CA PRO C 378 -45.03 30.70 81.10
C PRO C 378 -44.00 31.82 81.15
N ILE C 379 -42.79 31.46 81.59
CA ILE C 379 -41.72 32.42 81.78
C ILE C 379 -40.55 32.17 80.83
N TYR C 380 -40.29 30.93 80.44
CA TYR C 380 -39.22 30.45 79.54
C TYR C 380 -37.87 30.80 80.17
N ASP C 381 -36.81 30.95 79.38
CA ASP C 381 -35.47 31.17 79.88
C ASP C 381 -35.22 32.65 80.11
N ALA C 382 -33.97 33.00 80.36
CA ALA C 382 -33.58 34.37 80.60
C ALA C 382 -32.15 34.58 80.12
N ARG C 383 -31.84 35.82 79.76
CA ARG C 383 -30.52 36.17 79.27
C ARG C 383 -29.81 37.16 80.19
N ARG C 384 -28.60 37.55 79.81
CA ARG C 384 -27.86 38.60 80.50
C ARG C 384 -27.67 39.77 79.56
N TYR C 385 -28.01 40.97 80.02
CA TYR C 385 -27.85 42.18 79.23
C TYR C 385 -26.39 42.61 79.20
N MET D 1 39.63 -24.75 -27.16
CA MET D 1 38.68 -24.29 -26.14
C MET D 1 37.24 -24.41 -26.63
N ARG D 2 37.10 -24.67 -27.94
CA ARG D 2 35.81 -24.79 -28.64
C ARG D 2 34.97 -23.52 -28.46
N PHE D 3 35.50 -22.43 -29.00
CA PHE D 3 34.86 -21.12 -28.85
C PHE D 3 33.86 -20.82 -29.95
N GLY D 4 34.12 -21.29 -31.17
CA GLY D 4 33.22 -20.98 -32.28
C GLY D 4 31.90 -21.73 -32.20
N PHE D 5 31.91 -22.91 -31.56
CA PHE D 5 30.66 -23.64 -31.33
C PHE D 5 29.78 -22.90 -30.33
N LEU D 6 30.38 -22.41 -29.24
CA LEU D 6 29.64 -21.58 -28.29
C LEU D 6 29.25 -20.23 -28.89
N LEU D 7 29.99 -19.77 -29.89
CA LEU D 7 29.65 -18.52 -30.58
C LEU D 7 28.34 -18.63 -31.34
N ASN D 8 28.09 -19.76 -32.00
CA ASN D 8 26.91 -19.86 -32.84
C ASN D 8 25.79 -20.72 -32.25
N GLU D 9 26.00 -21.40 -31.12
CA GLU D 9 24.87 -22.08 -30.51
C GLU D 9 23.95 -21.12 -29.77
N VAL D 10 24.44 -19.94 -29.39
CA VAL D 10 23.64 -19.01 -28.62
C VAL D 10 22.61 -18.31 -29.50
N LEU D 11 22.82 -18.32 -30.82
CA LEU D 11 21.92 -17.62 -31.73
C LEU D 11 20.56 -18.32 -31.80
N THR D 12 20.54 -19.65 -31.66
CA THR D 12 19.29 -20.39 -31.65
C THR D 12 18.47 -20.07 -30.41
N GLY D 13 19.12 -19.79 -29.28
CA GLY D 13 18.40 -19.38 -28.09
C GLY D 13 17.73 -18.03 -28.26
N PHE D 14 18.39 -17.10 -28.93
CA PHE D 14 17.76 -15.81 -29.23
C PHE D 14 16.66 -15.95 -30.26
N ARG D 15 16.83 -16.85 -31.23
CA ARG D 15 15.78 -17.11 -32.21
C ARG D 15 14.59 -17.86 -31.64
N ARG D 16 14.76 -18.55 -30.51
CA ARG D 16 13.66 -19.33 -29.95
C ARG D 16 12.67 -18.47 -29.17
N ASN D 17 13.13 -17.84 -28.09
CA ASN D 17 12.26 -17.07 -27.20
C ASN D 17 12.39 -15.56 -27.48
N VAL D 18 11.84 -15.18 -28.64
CA VAL D 18 11.97 -13.81 -29.14
C VAL D 18 11.08 -12.82 -28.42
N THR D 19 10.12 -13.27 -27.61
CA THR D 19 9.16 -12.38 -26.97
C THR D 19 9.53 -12.09 -25.52
N MET D 20 10.69 -12.52 -25.07
CA MET D 20 11.14 -12.32 -23.69
C MET D 20 12.52 -11.70 -23.61
N THR D 21 13.31 -11.83 -24.69
CA THR D 21 14.64 -11.22 -24.76
C THR D 21 14.61 -9.71 -24.66
N ILE D 22 13.53 -9.07 -25.10
CA ILE D 22 13.42 -7.62 -24.92
C ILE D 22 12.95 -7.30 -23.51
N ALA D 23 11.99 -8.08 -22.99
CA ALA D 23 11.36 -7.79 -21.70
C ALA D 23 12.34 -7.92 -20.55
N MET D 24 13.23 -8.92 -20.61
CA MET D 24 14.22 -9.10 -19.55
C MET D 24 15.19 -7.92 -19.48
N ILE D 25 15.61 -7.40 -20.64
CA ILE D 25 16.54 -6.28 -20.67
C ILE D 25 15.83 -5.02 -20.20
N LEU D 26 14.56 -4.85 -20.58
CA LEU D 26 13.80 -3.69 -20.15
C LEU D 26 13.59 -3.67 -18.64
N THR D 27 13.25 -4.82 -18.04
CA THR D 27 12.99 -4.81 -16.60
C THR D 27 14.30 -4.67 -15.80
N THR D 28 15.41 -5.27 -16.26
CA THR D 28 16.66 -5.08 -15.55
C THR D 28 17.19 -3.65 -15.70
N ALA D 29 17.01 -3.06 -16.89
CA ALA D 29 17.44 -1.69 -17.13
C ALA D 29 16.65 -0.71 -16.28
N ILE D 30 15.33 -0.90 -16.20
CA ILE D 30 14.49 -0.04 -15.36
C ILE D 30 14.85 -0.21 -13.90
N SER D 31 15.11 -1.45 -13.46
CA SER D 31 15.47 -1.69 -12.06
C SER D 31 16.81 -1.07 -11.68
N VAL D 32 17.78 -1.08 -12.58
CA VAL D 32 19.09 -0.50 -12.26
C VAL D 32 19.12 1.01 -12.48
N GLY D 33 18.21 1.57 -13.30
CA GLY D 33 18.30 2.98 -13.66
C GLY D 33 18.00 3.91 -12.51
N LEU D 34 16.88 3.70 -11.82
CA LEU D 34 16.54 4.64 -10.76
C LEU D 34 17.35 4.35 -9.50
N PHE D 35 17.89 3.13 -9.38
CA PHE D 35 18.89 2.87 -8.35
C PHE D 35 20.14 3.70 -8.61
N GLY D 36 20.58 3.78 -9.87
CA GLY D 36 21.67 4.67 -10.22
C GLY D 36 21.32 6.14 -10.09
N GLY D 37 20.03 6.47 -10.18
CA GLY D 37 19.58 7.85 -10.12
C GLY D 37 19.48 8.47 -8.74
N GLY D 38 20.20 7.94 -7.74
CA GLY D 38 20.15 8.52 -6.41
C GLY D 38 21.50 8.92 -5.85
N MET D 39 22.56 8.27 -6.31
CA MET D 39 23.90 8.61 -5.82
C MET D 39 24.34 9.98 -6.31
N LEU D 40 23.93 10.37 -7.52
CA LEU D 40 24.24 11.72 -7.96
C LEU D 40 23.41 12.76 -7.23
N VAL D 41 22.22 12.39 -6.76
CA VAL D 41 21.43 13.30 -5.94
C VAL D 41 22.12 13.53 -4.59
N VAL D 42 22.62 12.46 -3.99
CA VAL D 42 23.41 12.57 -2.76
C VAL D 42 24.70 13.38 -3.02
N ARG D 43 25.30 13.16 -4.20
CA ARG D 43 26.52 13.86 -4.60
C ARG D 43 26.29 15.37 -4.71
N LEU D 44 25.21 15.78 -5.38
CA LEU D 44 24.92 17.19 -5.50
C LEU D 44 24.49 17.80 -4.17
N ALA D 45 23.87 17.00 -3.29
CA ALA D 45 23.57 17.47 -1.94
C ALA D 45 24.84 17.81 -1.16
N ASP D 46 25.81 16.88 -1.13
CA ASP D 46 27.03 17.16 -0.37
C ASP D 46 27.89 18.21 -1.05
N SER D 47 27.83 18.32 -2.38
CA SER D 47 28.62 19.33 -3.06
C SER D 47 28.03 20.73 -2.86
N SER D 48 26.70 20.85 -2.86
CA SER D 48 26.06 22.11 -2.55
C SER D 48 26.14 22.46 -1.07
N ARG D 49 26.40 21.48 -0.20
CA ARG D 49 26.70 21.80 1.19
C ARG D 49 28.00 22.59 1.35
N ALA D 50 29.01 22.27 0.54
CA ALA D 50 30.34 22.88 0.71
C ALA D 50 30.36 24.33 0.29
N ILE D 51 29.53 24.72 -0.69
CA ILE D 51 29.52 26.10 -1.16
C ILE D 51 28.83 27.04 -0.19
N TYR D 52 28.16 26.51 0.84
CA TYR D 52 27.60 27.32 1.91
C TYR D 52 28.34 27.13 3.22
N LEU D 53 29.04 26.00 3.40
CA LEU D 53 29.77 25.78 4.65
C LEU D 53 30.97 26.71 4.79
N ASP D 54 31.50 27.21 3.67
CA ASP D 54 32.69 28.05 3.67
C ASP D 54 32.48 29.43 4.29
N ARG D 55 31.24 29.88 4.43
CA ARG D 55 30.96 31.26 4.81
C ARG D 55 29.95 31.37 5.94
N VAL D 56 29.89 30.39 6.83
CA VAL D 56 29.02 30.46 7.99
C VAL D 56 29.68 31.32 9.05
N GLU D 57 28.95 32.30 9.57
CA GLU D 57 29.43 33.21 10.60
C GLU D 57 28.73 32.92 11.91
N SER D 58 29.49 32.98 13.01
CA SER D 58 28.90 32.84 14.33
C SER D 58 28.23 34.15 14.74
N GLN D 59 27.10 34.03 15.43
CA GLN D 59 26.34 35.19 15.88
C GLN D 59 25.78 34.87 17.26
N VAL D 60 26.04 35.74 18.22
CA VAL D 60 25.59 35.57 19.59
C VAL D 60 24.97 36.87 20.09
N PHE D 61 23.76 36.78 20.63
CA PHE D 61 23.06 37.96 21.12
C PHE D 61 23.54 38.33 22.52
N LEU D 62 23.03 39.45 23.01
CA LEU D 62 23.34 39.98 24.32
C LEU D 62 22.04 40.25 25.09
N THR D 63 22.19 40.55 26.38
CA THR D 63 21.06 40.91 27.21
C THR D 63 20.58 42.32 26.87
N GLU D 64 19.36 42.64 27.29
CA GLU D 64 18.76 43.90 26.92
C GLU D 64 19.32 45.08 27.69
N ASP D 65 19.67 44.90 28.96
CA ASP D 65 20.16 45.99 29.79
C ASP D 65 21.53 46.49 29.39
N VAL D 66 22.28 45.70 28.60
CA VAL D 66 23.56 46.15 28.05
C VAL D 66 23.45 46.59 26.61
N SER D 67 22.25 46.54 26.03
CA SER D 67 22.05 46.90 24.63
C SER D 67 21.05 48.02 24.42
N ALA D 68 20.00 48.09 25.24
CA ALA D 68 19.01 49.17 25.09
C ALA D 68 19.56 50.51 25.53
N ASN D 69 20.50 50.53 26.47
CA ASN D 69 21.07 51.77 26.97
C ASN D 69 22.08 52.38 26.00
N ASP D 70 22.94 51.56 25.41
CA ASP D 70 23.99 52.05 24.54
C ASP D 70 24.09 51.17 23.30
N SER D 71 24.35 51.80 22.16
CA SER D 71 24.56 51.06 20.92
C SER D 71 25.99 50.54 20.85
N SER D 72 26.97 51.42 21.03
CA SER D 72 28.37 51.03 21.08
C SER D 72 28.74 50.58 22.48
N CYS D 73 29.45 49.45 22.56
CA CYS D 73 29.91 48.93 23.84
C CYS D 73 31.12 49.73 24.30
N ASP D 74 30.90 50.62 25.27
CA ASP D 74 31.98 51.44 25.81
C ASP D 74 32.04 51.26 27.32
N THR D 75 30.97 50.73 27.90
CA THR D 75 30.97 50.36 29.30
C THR D 75 31.91 49.19 29.54
N THR D 76 32.52 49.18 30.74
CA THR D 76 33.47 48.11 31.05
C THR D 76 32.79 46.77 31.29
N ALA D 77 31.50 46.78 31.66
CA ALA D 77 30.78 45.53 31.90
C ALA D 77 30.62 44.71 30.63
N CYS D 78 30.25 45.35 29.53
CA CYS D 78 30.23 44.66 28.26
C CYS D 78 31.62 44.45 27.68
N LYS D 79 32.57 45.34 27.98
CA LYS D 79 33.90 45.24 27.39
C LYS D 79 34.69 44.08 27.96
N ALA D 80 34.49 43.77 29.25
CA ALA D 80 35.19 42.66 29.87
C ALA D 80 34.78 41.32 29.26
N LEU D 81 33.48 41.15 28.99
CA LEU D 81 33.01 39.97 28.28
C LEU D 81 33.35 40.01 26.80
N ARG D 82 33.47 41.22 26.23
CA ARG D 82 33.86 41.38 24.83
C ARG D 82 35.28 40.90 24.59
N GLU D 83 36.20 41.26 25.48
CA GLU D 83 37.63 41.02 25.27
C GLU D 83 38.09 39.66 25.79
N LYS D 84 37.17 38.84 26.27
CA LYS D 84 37.56 37.56 26.89
C LYS D 84 37.29 36.37 25.99
N ILE D 85 36.19 36.39 25.23
CA ILE D 85 35.78 35.25 24.42
C ILE D 85 36.07 35.48 22.94
N GLU D 86 36.77 36.56 22.61
CA GLU D 86 36.94 36.95 21.21
C GLU D 86 38.25 36.46 20.58
N THR D 87 39.25 36.12 21.39
CA THR D 87 40.50 35.56 20.87
C THR D 87 40.91 34.39 21.76
N ARG D 88 40.40 33.20 21.45
CA ARG D 88 40.84 32.01 22.18
C ARG D 88 41.54 30.98 21.30
N SER D 89 40.81 30.30 20.40
CA SER D 89 41.49 29.48 19.41
C SER D 89 40.84 29.53 18.03
N ASP D 90 39.52 29.45 17.96
CA ASP D 90 38.81 29.24 16.69
C ASP D 90 38.20 30.57 16.23
N VAL D 91 39.07 31.57 16.09
CA VAL D 91 38.66 32.92 15.71
C VAL D 91 39.57 33.43 14.62
N LYS D 92 39.01 34.19 13.68
CA LYS D 92 39.78 34.98 12.74
C LYS D 92 39.45 36.46 12.83
N ALA D 93 38.17 36.80 12.99
CA ALA D 93 37.75 38.18 13.18
C ALA D 93 36.46 38.20 13.97
N VAL D 94 36.32 39.19 14.83
CA VAL D 94 35.10 39.42 15.60
C VAL D 94 34.60 40.82 15.30
N ARG D 95 33.38 40.93 14.81
CA ARG D 95 32.76 42.20 14.47
C ARG D 95 31.67 42.52 15.49
N PHE D 96 31.80 43.66 16.15
CA PHE D 96 30.76 44.18 17.03
C PHE D 96 29.74 44.95 16.20
N LEU D 97 28.47 44.86 16.61
CA LEU D 97 27.39 45.54 15.91
C LEU D 97 26.53 46.30 16.90
N ASN D 98 26.08 47.48 16.49
CA ASN D 98 25.26 48.34 17.31
C ASN D 98 23.79 47.89 17.23
N ARG D 99 22.90 48.67 17.83
CA ARG D 99 21.47 48.35 17.82
C ARG D 99 20.71 49.10 16.73
N GLN D 100 21.00 50.38 16.53
CA GLN D 100 20.22 51.18 15.59
C GLN D 100 20.49 50.77 14.15
N GLN D 101 21.74 50.42 13.83
CA GLN D 101 22.04 49.88 12.52
C GLN D 101 21.43 48.49 12.33
N ALA D 102 21.23 47.76 13.42
CA ALA D 102 20.61 46.44 13.40
C ALA D 102 19.09 46.51 13.30
N TYR D 103 18.52 47.71 13.23
CA TYR D 103 17.11 47.88 12.93
C TYR D 103 16.85 48.10 11.44
N ASP D 104 17.48 49.11 10.85
CA ASP D 104 17.18 49.50 9.48
C ASP D 104 17.88 48.64 8.44
N ASP D 105 18.78 47.75 8.84
CA ASP D 105 19.41 46.85 7.88
C ASP D 105 18.40 45.86 7.31
N ALA D 106 17.41 45.47 8.11
CA ALA D 106 16.29 44.68 7.60
C ALA D 106 15.45 45.47 6.62
N ILE D 107 15.32 46.78 6.85
CA ILE D 107 14.59 47.65 5.93
C ILE D 107 15.36 47.78 4.62
N ARG D 108 16.70 47.82 4.70
CA ARG D 108 17.52 47.86 3.49
C ARG D 108 17.52 46.53 2.77
N LYS D 109 17.31 45.43 3.51
CA LYS D 109 17.19 44.13 2.87
C LYS D 109 15.89 44.02 2.09
N PHE D 110 14.80 44.57 2.64
CA PHE D 110 13.49 44.58 2.00
C PHE D 110 12.64 45.61 2.70
N PRO D 111 11.82 46.37 1.98
CA PRO D 111 10.93 47.35 2.63
C PRO D 111 9.61 46.74 3.10
N GLN D 112 9.70 45.59 3.76
CA GLN D 112 8.54 44.95 4.36
C GLN D 112 8.77 44.88 5.87
N PHE D 113 7.66 44.62 6.58
CA PHE D 113 7.62 44.58 8.06
C PHE D 113 8.06 45.91 8.68
N LYS D 114 7.87 47.01 7.95
CA LYS D 114 8.36 48.30 8.40
C LYS D 114 7.51 48.88 9.52
N ASP D 115 6.29 48.40 9.68
CA ASP D 115 5.36 48.92 10.67
C ASP D 115 5.04 47.94 11.78
N VAL D 116 5.22 46.64 11.54
CA VAL D 116 4.77 45.63 12.50
C VAL D 116 5.85 45.24 13.49
N ALA D 117 7.08 45.70 13.31
CA ALA D 117 8.18 45.40 14.22
C ALA D 117 8.66 46.69 14.87
N GLY D 118 8.74 46.69 16.20
CA GLY D 118 9.21 47.85 16.91
C GLY D 118 10.71 47.99 16.89
N LYS D 119 11.18 49.16 17.33
CA LYS D 119 12.61 49.42 17.46
C LYS D 119 13.21 48.54 18.56
N ASP D 120 12.49 48.34 19.65
CA ASP D 120 13.02 47.64 20.81
C ASP D 120 12.77 46.12 20.70
N SER D 121 13.33 45.54 19.64
CA SER D 121 13.23 44.10 19.44
C SER D 121 14.50 43.49 18.85
N PHE D 122 15.59 44.26 18.76
CA PHE D 122 16.79 43.85 18.05
C PHE D 122 17.99 43.99 18.98
N PRO D 123 18.33 42.94 19.72
CA PRO D 123 19.47 43.02 20.65
C PRO D 123 20.80 43.14 19.92
N ALA D 124 21.75 43.81 20.57
CA ALA D 124 23.10 43.92 20.05
C ALA D 124 23.80 42.57 20.11
N SER D 125 24.85 42.43 19.30
CA SER D 125 25.40 41.11 19.05
C SER D 125 26.86 41.22 18.60
N PHE D 126 27.41 40.08 18.17
CA PHE D 126 28.73 39.99 17.57
C PHE D 126 28.67 39.09 16.35
N ILE D 127 29.63 39.29 15.45
CA ILE D 127 29.81 38.44 14.27
C ILE D 127 31.23 37.87 14.32
N VAL D 128 31.32 36.55 14.46
CA VAL D 128 32.59 35.85 14.63
C VAL D 128 32.73 34.84 13.49
N LYS D 129 33.91 34.78 12.88
CA LYS D 129 34.22 33.79 11.87
C LYS D 129 35.08 32.69 12.50
N LEU D 130 34.79 31.44 12.14
CA LEU D 130 35.46 30.28 12.70
C LEU D 130 36.25 29.56 11.61
N GLU D 131 37.39 28.97 11.99
CA GLU D 131 38.23 28.27 11.03
C GLU D 131 37.56 27.01 10.50
N ASN D 132 37.10 26.15 11.40
CA ASN D 132 36.39 24.93 11.02
C ASN D 132 34.93 24.97 11.45
N PRO D 133 33.99 25.16 10.52
CA PRO D 133 32.57 25.17 10.89
C PRO D 133 32.04 23.80 11.31
N GLU D 134 32.75 22.72 10.98
CA GLU D 134 32.31 21.40 11.42
C GLU D 134 32.47 21.24 12.93
N GLN D 135 33.52 21.82 13.50
CA GLN D 135 33.76 21.76 14.95
C GLN D 135 33.03 22.88 15.68
N HIS D 136 31.72 22.96 15.47
CA HIS D 136 30.90 23.99 16.11
C HIS D 136 30.61 23.67 17.58
N LYS D 137 30.74 22.40 17.98
CA LYS D 137 30.34 21.98 19.32
C LYS D 137 31.26 22.49 20.42
N ASP D 138 32.43 23.05 20.07
CA ASP D 138 33.31 23.59 21.09
C ASP D 138 32.74 24.86 21.71
N PHE D 139 32.42 25.85 20.89
CA PHE D 139 31.88 27.11 21.40
C PHE D 139 30.40 27.01 21.77
N ASP D 140 29.71 25.96 21.34
CA ASP D 140 28.42 25.65 21.94
C ASP D 140 28.57 25.31 23.41
N THR D 141 29.60 24.55 23.74
CA THR D 141 29.90 24.17 25.12
C THR D 141 30.82 25.16 25.83
N ALA D 142 31.46 26.06 25.10
CA ALA D 142 32.23 27.12 25.73
C ALA D 142 31.39 28.33 26.11
N MET D 143 30.10 28.34 25.74
CA MET D 143 29.21 29.45 26.03
C MET D 143 28.05 28.95 26.89
N LYS D 144 28.05 29.34 28.16
CA LYS D 144 26.93 29.19 29.07
C LYS D 144 26.46 30.58 29.50
N GLY D 145 25.59 30.61 30.51
CA GLY D 145 25.12 31.85 31.10
C GLY D 145 26.23 32.68 31.71
N GLN D 146 26.55 33.79 31.06
CA GLN D 146 27.60 34.71 31.44
C GLN D 146 27.00 36.11 31.57
N PRO D 147 27.60 37.00 32.37
CA PRO D 147 26.94 38.29 32.63
C PRO D 147 26.97 39.24 31.44
N GLY D 148 26.00 39.08 30.55
CA GLY D 148 25.86 39.94 29.40
C GLY D 148 25.32 39.25 28.16
N VAL D 149 25.35 37.91 28.13
CA VAL D 149 24.84 37.13 27.02
C VAL D 149 23.43 36.64 27.39
N LEU D 150 22.50 36.75 26.44
CA LEU D 150 21.13 36.29 26.65
C LEU D 150 20.89 34.94 26.00
N ASP D 151 21.27 34.78 24.73
CA ASP D 151 21.12 33.51 24.04
C ASP D 151 22.14 33.43 22.91
N VAL D 152 22.34 32.21 22.42
CA VAL D 152 23.27 31.92 21.34
C VAL D 152 22.47 31.39 20.16
N LEU D 153 22.66 31.97 18.99
CA LEU D 153 21.95 31.52 17.80
C LEU D 153 22.65 30.36 17.10
N ASN D 154 23.81 29.93 17.62
CA ASN D 154 24.56 28.76 17.14
C ASN D 154 24.96 28.89 15.67
N GLN D 155 25.51 30.05 15.32
CA GLN D 155 26.02 30.41 13.98
C GLN D 155 24.85 30.33 12.99
N LYS D 156 25.09 29.89 11.76
CA LYS D 156 24.03 29.73 10.77
C LYS D 156 23.98 28.25 10.38
N GLU D 157 23.23 27.47 11.15
CA GLU D 157 22.94 26.08 10.82
C GLU D 157 21.50 25.92 10.33
N LEU D 158 21.01 26.86 9.54
CA LEU D 158 19.69 26.78 8.92
C LEU D 158 19.76 26.21 7.52
N ILE D 159 20.91 25.66 7.15
CA ILE D 159 21.15 25.13 5.81
C ILE D 159 20.87 23.63 5.75
N ASP D 160 21.12 22.92 6.85
CA ASP D 160 20.89 21.48 6.89
C ASP D 160 19.41 21.14 6.78
N ARG D 161 18.55 21.88 7.50
CA ARG D 161 17.11 21.65 7.37
C ARG D 161 16.56 22.22 6.08
N LEU D 162 17.29 23.12 5.42
CA LEU D 162 16.91 23.56 4.09
C LEU D 162 17.10 22.45 3.06
N PHE D 163 18.24 21.77 3.12
CA PHE D 163 18.56 20.69 2.19
C PHE D 163 18.01 19.35 2.62
N ALA D 164 17.35 19.26 3.78
CA ALA D 164 16.81 17.99 4.25
C ALA D 164 15.57 17.55 3.48
N VAL D 165 15.00 18.43 2.65
CA VAL D 165 13.77 18.10 1.94
C VAL D 165 14.00 17.06 0.85
N LEU D 166 15.22 16.99 0.31
CA LEU D 166 15.51 16.05 -0.77
C LEU D 166 15.96 14.69 -0.28
N ASP D 167 16.28 14.57 1.01
CA ASP D 167 16.64 13.27 1.57
C ASP D 167 15.45 12.32 1.55
N GLY D 168 14.24 12.84 1.77
CA GLY D 168 13.05 12.02 1.72
C GLY D 168 12.77 11.47 0.32
N LEU D 169 12.94 12.31 -0.70
CA LEU D 169 12.71 11.82 -2.07
C LEU D 169 13.82 10.87 -2.52
N SER D 170 15.06 11.10 -2.08
CA SER D 170 16.13 10.14 -2.38
C SER D 170 15.88 8.79 -1.70
N ASN D 171 15.40 8.81 -0.45
CA ASN D 171 15.05 7.59 0.26
C ASN D 171 13.88 6.88 -0.42
N ALA D 172 12.89 7.64 -0.89
CA ALA D 172 11.75 7.06 -1.60
C ALA D 172 12.19 6.41 -2.90
N ALA D 173 13.09 7.08 -3.65
CA ALA D 173 13.60 6.52 -4.90
C ALA D 173 14.39 5.26 -4.64
N PHE D 174 15.21 5.23 -3.57
CA PHE D 174 15.94 4.02 -3.21
C PHE D 174 15.01 2.89 -2.80
N ALA D 175 13.92 3.21 -2.08
CA ALA D 175 12.98 2.18 -1.66
C ALA D 175 12.22 1.58 -2.84
N VAL D 176 11.77 2.43 -3.77
CA VAL D 176 11.04 1.88 -4.91
C VAL D 176 12.00 1.21 -5.89
N ALA D 177 13.28 1.61 -5.90
CA ALA D 177 14.29 0.86 -6.63
C ALA D 177 14.51 -0.52 -6.02
N LEU D 178 14.48 -0.60 -4.69
CA LEU D 178 14.59 -1.89 -4.00
C LEU D 178 13.41 -2.80 -4.32
N VAL D 179 12.19 -2.24 -4.34
CA VAL D 179 11.05 -3.10 -4.62
C VAL D 179 11.00 -3.49 -6.11
N GLN D 180 11.56 -2.65 -6.98
CA GLN D 180 11.67 -3.05 -8.38
C GLN D 180 12.73 -4.13 -8.56
N ALA D 181 13.81 -4.06 -7.79
CA ALA D 181 14.84 -5.10 -7.83
C ALA D 181 14.31 -6.43 -7.30
N ILE D 182 13.53 -6.40 -6.22
CA ILE D 182 13.01 -7.65 -5.68
C ILE D 182 11.91 -8.20 -6.59
N GLY D 183 11.25 -7.33 -7.38
CA GLY D 183 10.38 -7.83 -8.40
C GLY D 183 11.03 -8.19 -9.71
N ALA D 184 12.31 -7.87 -9.87
CA ALA D 184 13.02 -8.18 -11.11
C ALA D 184 13.97 -9.36 -11.02
N ILE D 185 14.45 -9.72 -9.82
CA ILE D 185 15.50 -10.74 -9.74
C ILE D 185 14.96 -12.13 -10.05
N LEU D 186 13.68 -12.38 -9.75
CA LEU D 186 13.13 -13.72 -9.94
C LEU D 186 12.90 -14.06 -11.40
N LEU D 187 12.88 -13.05 -12.29
CA LEU D 187 12.77 -13.32 -13.72
C LEU D 187 13.97 -14.10 -14.24
N ILE D 188 15.14 -13.88 -13.64
CA ILE D 188 16.34 -14.65 -13.98
C ILE D 188 16.12 -16.13 -13.66
N ALA D 189 15.45 -16.42 -12.55
CA ALA D 189 15.04 -17.79 -12.27
C ALA D 189 13.97 -18.27 -13.25
N ASN D 190 13.14 -17.37 -13.76
CA ASN D 190 12.12 -17.81 -14.72
C ASN D 190 12.71 -18.13 -16.10
N MET D 191 13.81 -17.48 -16.44
CA MET D 191 14.46 -17.75 -17.71
C MET D 191 14.89 -19.20 -17.79
N VAL D 192 15.49 -19.72 -16.73
CA VAL D 192 16.01 -21.08 -16.80
C VAL D 192 14.86 -22.10 -16.84
N GLN D 193 13.67 -21.72 -16.38
CA GLN D 193 12.53 -22.62 -16.43
C GLN D 193 11.82 -22.53 -17.78
N VAL D 194 12.00 -21.45 -18.51
CA VAL D 194 11.46 -21.36 -19.86
C VAL D 194 12.47 -21.79 -20.93
N ALA D 195 13.78 -21.66 -20.68
CA ALA D 195 14.76 -21.95 -21.72
C ALA D 195 15.02 -23.44 -21.84
N ALA D 196 15.07 -24.14 -20.71
CA ALA D 196 15.27 -25.59 -20.72
C ALA D 196 14.10 -26.32 -21.36
N TYR D 197 12.91 -25.75 -21.32
CA TYR D 197 11.77 -26.32 -22.03
C TYR D 197 11.94 -26.22 -23.54
N THR D 198 12.64 -25.20 -24.03
CA THR D 198 12.85 -25.02 -25.46
C THR D 198 13.87 -25.97 -26.05
N ARG D 199 14.71 -26.60 -25.23
CA ARG D 199 15.78 -27.45 -25.72
C ARG D 199 15.85 -28.74 -24.92
N ARG D 200 14.68 -29.35 -24.68
CA ARG D 200 14.61 -30.63 -23.98
C ARG D 200 15.25 -31.76 -24.76
N THR D 201 15.22 -31.69 -26.10
CA THR D 201 15.73 -32.77 -26.94
C THR D 201 17.24 -32.91 -26.89
N GLU D 202 17.99 -31.86 -26.53
CA GLU D 202 19.43 -31.95 -26.52
C GLU D 202 20.02 -32.09 -25.12
N ILE D 203 19.34 -31.59 -24.09
CA ILE D 203 19.89 -31.64 -22.74
C ILE D 203 19.88 -33.08 -22.23
N GLY D 204 18.91 -33.89 -22.68
CA GLY D 204 18.88 -35.29 -22.28
C GLY D 204 20.04 -36.09 -22.85
N ILE D 205 20.33 -35.91 -24.14
CA ILE D 205 21.44 -36.65 -24.74
C ILE D 205 22.78 -36.06 -24.33
N MET D 206 22.81 -34.77 -24.00
CA MET D 206 24.03 -34.15 -23.50
C MET D 206 24.28 -34.52 -22.04
N ARG D 207 23.24 -34.92 -21.31
CA ARG D 207 23.44 -35.49 -19.98
C ARG D 207 24.05 -36.88 -20.04
N LEU D 208 23.59 -37.73 -20.95
CA LEU D 208 24.01 -39.12 -20.98
C LEU D 208 25.23 -39.37 -21.85
N VAL D 209 25.84 -38.31 -22.40
CA VAL D 209 27.07 -38.48 -23.16
C VAL D 209 28.29 -38.51 -22.23
N GLY D 210 28.17 -37.98 -21.02
CA GLY D 210 29.30 -37.93 -20.10
C GLY D 210 29.91 -36.55 -20.01
N ALA D 211 29.07 -35.52 -20.12
CA ALA D 211 29.56 -34.16 -20.10
C ALA D 211 29.91 -33.73 -18.69
N SER D 212 30.72 -32.68 -18.58
CA SER D 212 31.16 -32.17 -17.29
C SER D 212 30.03 -31.43 -16.59
N ARG D 213 29.99 -31.58 -15.25
CA ARG D 213 29.07 -30.82 -14.43
C ARG D 213 29.42 -29.33 -14.48
N TRP D 214 30.70 -29.00 -14.62
CA TRP D 214 31.16 -27.63 -14.70
C TRP D 214 30.95 -27.00 -16.08
N TYR D 215 30.64 -27.79 -17.10
CA TYR D 215 30.54 -27.30 -18.46
C TYR D 215 29.18 -27.57 -19.10
N THR D 216 28.24 -28.16 -18.36
CA THR D 216 26.90 -28.39 -18.87
C THR D 216 26.00 -27.16 -18.76
N GLN D 217 26.40 -26.15 -17.99
CA GLN D 217 25.54 -25.03 -17.67
C GLN D 217 25.99 -23.74 -18.34
N LEU D 218 27.18 -23.72 -18.94
CA LEU D 218 27.66 -22.52 -19.65
C LEU D 218 26.75 -22.05 -20.78
N PRO D 219 26.17 -22.91 -21.65
CA PRO D 219 25.16 -22.39 -22.59
C PRO D 219 23.86 -21.96 -21.93
N PHE D 220 23.64 -22.29 -20.66
CA PHE D 220 22.53 -21.75 -19.89
C PHE D 220 22.94 -20.56 -19.04
N LEU D 221 24.19 -20.09 -19.15
CA LEU D 221 24.68 -19.07 -18.25
C LEU D 221 25.25 -17.85 -18.98
N VAL D 222 25.87 -18.07 -20.16
CA VAL D 222 26.54 -16.96 -20.83
C VAL D 222 25.53 -15.95 -21.37
N GLU D 223 24.33 -16.40 -21.73
CA GLU D 223 23.32 -15.48 -22.21
C GLU D 223 22.76 -14.63 -21.07
N ALA D 224 22.63 -15.20 -19.87
CA ALA D 224 22.23 -14.42 -18.72
C ALA D 224 23.33 -13.47 -18.28
N MET D 225 24.58 -13.87 -18.47
CA MET D 225 25.72 -12.99 -18.21
C MET D 225 25.71 -11.79 -19.15
N LEU D 226 25.51 -12.03 -20.44
CA LEU D 226 25.50 -10.92 -21.39
C LEU D 226 24.20 -10.12 -21.36
N ALA D 227 23.15 -10.65 -20.73
CA ALA D 227 21.91 -9.89 -20.57
C ALA D 227 22.12 -8.66 -19.70
N ALA D 228 22.98 -8.75 -18.69
CA ALA D 228 23.26 -7.61 -17.84
C ALA D 228 24.15 -6.56 -18.50
N THR D 229 24.72 -6.86 -19.67
CA THR D 229 25.65 -5.93 -20.31
C THR D 229 24.91 -4.73 -20.92
N MET D 230 24.03 -4.99 -21.89
CA MET D 230 23.35 -3.88 -22.55
C MET D 230 22.25 -3.27 -21.70
N GLY D 231 21.83 -3.94 -20.62
CA GLY D 231 20.82 -3.39 -19.75
C GLY D 231 21.28 -2.14 -19.03
N VAL D 232 22.50 -2.15 -18.49
CA VAL D 232 23.02 -0.93 -17.87
C VAL D 232 23.46 0.10 -18.91
N GLY D 233 23.77 -0.33 -20.13
CA GLY D 233 24.10 0.62 -21.18
C GLY D 233 22.89 1.43 -21.61
N ILE D 234 21.76 0.77 -21.83
CA ILE D 234 20.55 1.51 -22.17
C ILE D 234 20.01 2.24 -20.95
N ALA D 235 20.34 1.79 -19.74
CA ALA D 235 19.95 2.53 -18.54
C ALA D 235 20.66 3.87 -18.46
N VAL D 236 21.97 3.90 -18.73
CA VAL D 236 22.67 5.17 -18.69
C VAL D 236 22.36 6.02 -19.93
N ALA D 237 22.00 5.38 -21.06
CA ALA D 237 21.53 6.16 -22.21
C ALA D 237 20.20 6.84 -21.91
N GLY D 238 19.29 6.12 -21.24
CA GLY D 238 18.06 6.73 -20.78
C GLY D 238 18.29 7.82 -19.74
N LEU D 239 19.33 7.66 -18.92
CA LEU D 239 19.65 8.69 -17.94
C LEU D 239 20.18 9.95 -18.63
N MET D 240 20.98 9.76 -19.70
CA MET D 240 21.40 10.88 -20.55
C MET D 240 20.19 11.61 -21.14
N VAL D 241 19.26 10.85 -21.72
CA VAL D 241 18.15 11.52 -22.41
C VAL D 241 17.09 12.04 -21.45
N VAL D 242 17.09 11.64 -20.18
CA VAL D 242 16.19 12.28 -19.24
C VAL D 242 16.87 13.48 -18.56
N ARG D 243 18.21 13.47 -18.46
CA ARG D 243 18.90 14.65 -17.99
C ARG D 243 18.88 15.77 -19.02
N ALA D 244 18.96 15.42 -20.31
CA ALA D 244 19.06 16.42 -21.37
C ALA D 244 17.71 16.84 -21.93
N LEU D 245 16.60 16.50 -21.28
CA LEU D 245 15.28 16.89 -21.77
C LEU D 245 14.36 17.50 -20.73
N PHE D 246 14.53 17.21 -19.44
CA PHE D 246 13.55 17.63 -18.46
C PHE D 246 14.17 18.37 -17.27
N LEU D 247 15.46 18.65 -17.29
CA LEU D 247 16.13 19.31 -16.18
C LEU D 247 16.87 20.58 -16.59
N GLU D 248 16.91 20.90 -17.87
CA GLU D 248 17.55 22.14 -18.32
C GLU D 248 16.73 23.36 -17.98
N ASN D 249 15.41 23.22 -17.84
CA ASN D 249 14.56 24.33 -17.43
C ASN D 249 14.54 24.53 -15.92
N ALA D 250 15.21 23.67 -15.16
CA ALA D 250 15.26 23.78 -13.71
C ALA D 250 16.66 24.05 -13.19
N LEU D 251 17.65 23.25 -13.58
CA LEU D 251 18.98 23.36 -12.99
C LEU D 251 19.73 24.57 -13.52
N ASN D 252 19.46 24.97 -14.77
CA ASN D 252 20.14 26.13 -15.33
C ASN D 252 19.71 27.44 -14.67
N GLN D 253 18.53 27.46 -14.03
CA GLN D 253 18.07 28.68 -13.38
C GLN D 253 18.89 29.00 -12.14
N PHE D 254 19.38 27.97 -11.45
CA PHE D 254 20.21 28.19 -10.27
C PHE D 254 21.68 28.38 -10.61
N TYR D 255 22.05 28.27 -11.88
CA TYR D 255 23.45 28.43 -12.26
C TYR D 255 23.91 29.88 -12.13
N GLN D 256 23.13 30.82 -12.67
CA GLN D 256 23.53 32.23 -12.57
C GLN D 256 23.32 32.75 -11.16
N ALA D 257 22.46 32.12 -10.39
CA ALA D 257 22.34 32.41 -8.97
C ALA D 257 23.47 31.81 -8.15
N ASN D 258 24.18 30.82 -8.71
CA ASN D 258 25.36 30.18 -8.11
C ASN D 258 25.01 29.55 -6.75
N LEU D 259 24.01 28.66 -6.79
CA LEU D 259 23.47 28.07 -5.58
C LEU D 259 23.50 26.56 -5.55
N ILE D 260 23.87 25.89 -6.64
CA ILE D 260 23.84 24.43 -6.71
C ILE D 260 25.22 23.91 -7.10
N ALA D 261 25.31 22.59 -7.19
CA ALA D 261 26.56 21.92 -7.51
C ALA D 261 26.93 22.01 -8.99
N LYS D 262 25.93 22.05 -9.88
CA LYS D 262 26.09 22.03 -11.33
C LYS D 262 26.86 20.79 -11.80
N VAL D 263 26.23 19.63 -11.60
CA VAL D 263 26.80 18.39 -12.08
C VAL D 263 26.60 18.30 -13.60
N ASP D 264 27.29 17.34 -14.21
CA ASP D 264 27.28 17.22 -15.67
C ASP D 264 27.38 15.76 -16.09
N TYR D 265 27.73 15.52 -17.35
CA TYR D 265 27.81 14.17 -17.86
C TYR D 265 29.08 13.44 -17.42
N ALA D 266 30.08 14.16 -16.92
CA ALA D 266 31.40 13.55 -16.69
C ALA D 266 31.40 12.64 -15.46
N ASP D 267 30.81 13.11 -14.35
CA ASP D 267 30.78 12.31 -13.13
C ASP D 267 29.77 11.17 -13.18
N ILE D 268 28.86 11.18 -14.16
CA ILE D 268 27.91 10.09 -14.30
C ILE D 268 28.61 8.83 -14.77
N LEU D 269 29.54 8.95 -15.72
CA LEU D 269 30.32 7.80 -16.14
C LEU D 269 31.39 7.42 -15.12
N PHE D 270 31.65 8.28 -14.12
CA PHE D 270 32.58 7.92 -13.05
C PHE D 270 32.00 6.84 -12.14
N ILE D 271 30.68 6.82 -11.94
CA ILE D 271 30.05 5.84 -11.07
C ILE D 271 29.57 4.61 -11.82
N THR D 272 29.78 4.56 -13.14
CA THR D 272 29.40 3.39 -13.93
C THR D 272 30.10 2.09 -13.53
N PRO D 273 31.41 2.03 -13.22
CA PRO D 273 31.95 0.76 -12.70
C PRO D 273 31.38 0.33 -11.35
N TRP D 274 30.88 1.25 -10.54
CA TRP D 274 30.21 0.85 -9.31
C TRP D 274 28.81 0.31 -9.52
N LEU D 275 28.24 0.47 -10.72
CA LEU D 275 26.89 -0.01 -10.97
C LEU D 275 26.84 -1.17 -11.96
N LEU D 276 27.76 -1.26 -12.92
CA LEU D 276 27.72 -2.36 -13.88
C LEU D 276 28.13 -3.67 -13.23
N LEU D 277 29.07 -3.62 -12.28
CA LEU D 277 29.42 -4.81 -11.51
C LEU D 277 28.26 -5.26 -10.63
N LEU D 278 27.53 -4.30 -10.06
CA LEU D 278 26.33 -4.65 -9.31
C LEU D 278 25.24 -5.20 -10.24
N GLY D 279 25.18 -4.71 -11.46
CA GLY D 279 24.21 -5.23 -12.42
C GLY D 279 24.49 -6.66 -12.83
N VAL D 280 25.78 -6.98 -13.04
CA VAL D 280 26.15 -8.36 -13.37
C VAL D 280 26.28 -9.23 -12.13
N ALA D 281 26.15 -8.66 -10.93
CA ALA D 281 26.27 -9.42 -9.69
C ALA D 281 25.15 -10.44 -9.52
N MET D 282 23.90 -9.99 -9.39
CA MET D 282 22.84 -10.94 -9.07
C MET D 282 22.42 -11.78 -10.26
N SER D 283 22.77 -11.37 -11.49
CA SER D 283 22.46 -12.17 -12.66
C SER D 283 23.25 -13.47 -12.70
N GLY D 284 24.43 -13.52 -12.08
CA GLY D 284 25.27 -14.70 -12.14
C GLY D 284 24.94 -15.79 -11.13
N LEU D 285 25.00 -15.47 -9.84
CA LEU D 285 24.93 -16.52 -8.82
C LEU D 285 23.51 -17.06 -8.68
N THR D 286 22.50 -16.21 -8.90
CA THR D 286 21.12 -16.68 -8.86
C THR D 286 20.85 -17.67 -9.98
N ALA D 287 21.33 -17.34 -11.18
CA ALA D 287 21.20 -18.26 -12.31
C ALA D 287 22.00 -19.53 -12.11
N TYR D 288 23.14 -19.44 -11.43
CA TYR D 288 23.90 -20.64 -11.09
C TYR D 288 23.14 -21.52 -10.11
N LEU D 289 22.52 -20.93 -9.08
CA LEU D 289 21.88 -21.75 -8.07
C LEU D 289 20.54 -22.33 -8.54
N THR D 290 19.81 -21.61 -9.41
CA THR D 290 18.49 -22.11 -9.79
C THR D 290 18.58 -23.30 -10.75
N LEU D 291 19.66 -23.46 -11.50
CA LEU D 291 19.85 -24.67 -12.27
C LEU D 291 20.33 -25.83 -11.40
N ARG D 292 21.11 -25.54 -10.35
CA ARG D 292 21.54 -26.58 -9.43
C ARG D 292 20.40 -27.07 -8.55
N LEU D 293 19.41 -26.21 -8.28
CA LEU D 293 18.28 -26.60 -7.45
C LEU D 293 17.06 -27.02 -8.26
N TYR D 294 17.13 -27.03 -9.57
CA TYR D 294 16.02 -27.53 -10.36
C TYR D 294 16.44 -28.58 -11.38
N VAL D 295 17.62 -28.43 -11.98
CA VAL D 295 18.09 -29.39 -12.97
C VAL D 295 19.34 -30.10 -12.45
N MET E 1 -21.19 -23.25 -18.05
CA MET E 1 -22.23 -23.04 -17.05
C MET E 1 -21.80 -22.04 -15.96
N ARG E 2 -22.26 -22.27 -14.73
CA ARG E 2 -22.12 -21.30 -13.65
C ARG E 2 -20.68 -21.22 -13.14
N PHE E 3 -20.44 -20.34 -12.18
CA PHE E 3 -19.13 -20.14 -11.58
C PHE E 3 -18.82 -21.17 -10.50
N GLY E 4 -19.77 -22.05 -10.16
CA GLY E 4 -19.54 -23.03 -9.12
C GLY E 4 -18.54 -24.11 -9.47
N PHE E 5 -18.32 -24.34 -10.77
CA PHE E 5 -17.30 -25.30 -11.20
C PHE E 5 -15.93 -24.68 -11.34
N LEU E 6 -15.83 -23.46 -11.88
CA LEU E 6 -14.55 -22.90 -12.30
C LEU E 6 -13.72 -22.34 -11.16
N LEU E 7 -14.20 -22.43 -9.92
CA LEU E 7 -13.46 -21.89 -8.79
C LEU E 7 -12.26 -22.76 -8.42
N ASN E 8 -12.27 -24.03 -8.81
CA ASN E 8 -11.14 -24.90 -8.52
C ASN E 8 -9.93 -24.63 -9.40
N GLU E 9 -10.18 -24.40 -10.70
CA GLU E 9 -9.09 -24.37 -11.68
C GLU E 9 -8.21 -23.12 -11.54
N VAL E 10 -8.76 -22.02 -11.02
CA VAL E 10 -7.93 -20.85 -10.78
C VAL E 10 -6.97 -21.10 -9.63
N LEU E 11 -7.36 -21.92 -8.66
CA LEU E 11 -6.46 -22.31 -7.59
C LEU E 11 -5.37 -23.24 -8.09
N THR E 12 -5.69 -24.14 -9.02
CA THR E 12 -4.70 -25.09 -9.53
C THR E 12 -3.65 -24.39 -10.37
N GLY E 13 -4.06 -23.43 -11.20
CA GLY E 13 -3.10 -22.71 -12.02
C GLY E 13 -2.19 -21.82 -11.20
N PHE E 14 -2.69 -21.31 -10.07
CA PHE E 14 -1.84 -20.56 -9.15
C PHE E 14 -0.94 -21.49 -8.36
N ARG E 15 -1.41 -22.70 -8.03
CA ARG E 15 -0.61 -23.62 -7.23
C ARG E 15 0.52 -24.23 -8.04
N ARG E 16 0.30 -24.48 -9.33
CA ARG E 16 1.36 -25.06 -10.16
C ARG E 16 2.47 -24.07 -10.45
N ASN E 17 2.17 -22.77 -10.44
CA ASN E 17 3.18 -21.72 -10.60
C ASN E 17 3.02 -20.75 -9.44
N VAL E 18 3.66 -21.06 -8.31
CA VAL E 18 3.66 -20.16 -7.16
C VAL E 18 4.79 -19.15 -7.21
N THR E 19 5.70 -19.28 -8.17
CA THR E 19 6.84 -18.39 -8.28
C THR E 19 6.79 -17.49 -9.51
N MET E 20 6.34 -17.99 -10.64
CA MET E 20 6.30 -17.18 -11.85
C MET E 20 5.11 -16.21 -11.80
N THR E 21 3.97 -16.68 -11.28
CA THR E 21 2.75 -15.88 -11.32
C THR E 21 2.71 -14.81 -10.24
N ILE E 22 3.69 -14.77 -9.33
CA ILE E 22 3.73 -13.68 -8.37
C ILE E 22 4.56 -12.52 -8.86
N ALA E 23 5.40 -12.73 -9.88
CA ALA E 23 6.03 -11.62 -10.58
C ALA E 23 5.03 -10.79 -11.37
N MET E 24 3.94 -11.42 -11.80
CA MET E 24 2.81 -10.82 -12.51
C MET E 24 2.21 -9.60 -11.81
N ILE E 25 2.09 -9.62 -10.48
CA ILE E 25 1.37 -8.56 -9.79
C ILE E 25 2.19 -7.28 -9.75
N LEU E 26 3.38 -7.33 -9.17
CA LEU E 26 4.04 -6.12 -8.71
C LEU E 26 4.68 -5.32 -9.84
N THR E 27 5.05 -5.96 -10.96
CA THR E 27 5.58 -5.18 -12.07
C THR E 27 4.51 -4.34 -12.75
N THR E 28 3.24 -4.75 -12.67
CA THR E 28 2.14 -3.91 -13.10
C THR E 28 1.82 -2.83 -12.09
N ALA E 29 2.06 -3.12 -10.80
CA ALA E 29 1.77 -2.18 -9.73
C ALA E 29 2.65 -0.94 -9.83
N ILE E 30 3.93 -1.12 -10.19
CA ILE E 30 4.82 0.01 -10.39
C ILE E 30 4.36 0.87 -11.57
N SER E 31 3.95 0.21 -12.66
CA SER E 31 3.51 0.92 -13.86
C SER E 31 2.27 1.75 -13.62
N VAL E 32 1.32 1.21 -12.84
CA VAL E 32 0.14 2.02 -12.54
C VAL E 32 0.41 3.02 -11.42
N GLY E 33 1.36 2.74 -10.52
CA GLY E 33 1.67 3.68 -9.46
C GLY E 33 2.34 4.93 -9.96
N LEU E 34 3.25 4.80 -10.93
CA LEU E 34 3.89 5.98 -11.52
C LEU E 34 2.88 6.84 -12.27
N PHE E 35 1.95 6.21 -12.98
CA PHE E 35 0.94 6.97 -13.70
C PHE E 35 -0.06 7.61 -12.75
N GLY E 36 -0.33 6.96 -11.61
CA GLY E 36 -1.14 7.59 -10.60
C GLY E 36 -0.45 8.77 -9.95
N GLY E 37 0.86 8.65 -9.74
CA GLY E 37 1.65 9.76 -9.20
C GLY E 37 1.73 10.94 -10.14
N GLY E 38 1.82 10.70 -11.45
CA GLY E 38 1.89 11.81 -12.40
C GLY E 38 0.62 12.63 -12.44
N MET E 39 -0.54 11.97 -12.44
CA MET E 39 -1.83 12.66 -12.35
C MET E 39 -1.94 13.47 -11.07
N LEU E 40 -1.40 12.94 -9.95
CA LEU E 40 -1.47 13.62 -8.67
C LEU E 40 -0.69 14.93 -8.68
N VAL E 41 0.55 14.91 -9.20
CA VAL E 41 1.36 16.12 -9.18
C VAL E 41 0.86 17.11 -10.22
N VAL E 42 0.30 16.63 -11.33
CA VAL E 42 -0.29 17.55 -12.32
C VAL E 42 -1.52 18.24 -11.73
N ARG E 43 -2.37 17.48 -11.03
CA ARG E 43 -3.54 18.07 -10.37
C ARG E 43 -3.14 19.03 -9.27
N LEU E 44 -2.09 18.70 -8.52
CA LEU E 44 -1.61 19.57 -7.45
C LEU E 44 -1.04 20.87 -8.02
N ALA E 45 -0.31 20.79 -9.13
CA ALA E 45 0.23 21.99 -9.76
C ALA E 45 -0.88 22.87 -10.32
N ASP E 46 -1.89 22.27 -10.94
CA ASP E 46 -3.01 23.05 -11.46
C ASP E 46 -3.86 23.64 -10.33
N SER E 47 -3.89 22.97 -9.18
CA SER E 47 -4.59 23.52 -8.03
C SER E 47 -3.82 24.70 -7.43
N SER E 48 -2.51 24.56 -7.27
CA SER E 48 -1.71 25.60 -6.64
C SER E 48 -1.33 26.73 -7.59
N ARG E 49 -1.65 26.61 -8.88
CA ARG E 49 -1.42 27.71 -9.81
C ARG E 49 -2.29 28.92 -9.47
N ALA E 50 -3.49 28.69 -8.93
CA ALA E 50 -4.44 29.77 -8.69
C ALA E 50 -4.03 30.70 -7.55
N ILE E 51 -3.02 30.34 -6.77
CA ILE E 51 -2.60 31.17 -5.65
C ILE E 51 -1.92 32.45 -6.14
N TYR E 52 -1.07 32.33 -7.13
CA TYR E 52 -0.17 33.42 -7.49
C TYR E 52 -0.72 34.20 -8.68
N LEU E 53 0.07 35.14 -9.18
CA LEU E 53 -0.29 35.97 -10.32
C LEU E 53 -0.11 35.19 -11.62
N ASP E 54 -0.46 35.82 -12.73
CA ASP E 54 -0.23 35.25 -14.05
C ASP E 54 1.15 35.68 -14.55
N ARG E 55 1.41 35.46 -15.84
CA ARG E 55 2.74 35.72 -16.38
C ARG E 55 2.94 37.17 -16.79
N VAL E 56 1.87 37.98 -16.85
CA VAL E 56 1.96 39.41 -17.14
C VAL E 56 1.11 40.18 -16.12
N GLU E 57 1.74 40.64 -15.03
CA GLU E 57 1.05 41.40 -14.02
C GLU E 57 2.08 42.15 -13.16
N SER E 58 1.67 43.29 -12.62
CA SER E 58 2.44 44.02 -11.62
C SER E 58 1.51 44.48 -10.52
N GLN E 59 1.53 43.77 -9.39
CA GLN E 59 0.70 44.10 -8.24
C GLN E 59 1.22 45.39 -7.63
N VAL E 60 0.50 46.48 -7.85
CA VAL E 60 0.83 47.78 -7.28
C VAL E 60 -0.17 48.07 -6.16
N PHE E 61 0.10 49.12 -5.40
CA PHE E 61 -0.74 49.45 -4.25
C PHE E 61 -0.98 50.95 -4.19
N LEU E 62 -1.78 51.35 -3.22
CA LEU E 62 -2.15 52.75 -3.02
C LEU E 62 -2.00 53.14 -1.56
N THR E 63 -1.90 54.44 -1.28
CA THR E 63 -1.85 54.90 0.09
C THR E 63 -3.23 54.86 0.73
N GLU E 64 -3.27 54.90 2.06
CA GLU E 64 -4.49 54.75 2.83
C GLU E 64 -5.44 55.94 2.70
N ASP E 65 -4.90 57.15 2.47
CA ASP E 65 -5.72 58.36 2.45
C ASP E 65 -6.67 58.42 1.27
N VAL E 66 -6.46 57.60 0.24
CA VAL E 66 -7.37 57.56 -0.91
C VAL E 66 -8.11 56.23 -1.03
N SER E 67 -7.83 55.27 -0.14
CA SER E 67 -8.40 53.94 -0.27
C SER E 67 -9.52 53.64 0.73
N ALA E 68 -9.37 54.06 1.98
CA ALA E 68 -10.42 53.82 2.98
C ALA E 68 -11.66 54.65 2.68
N ASN E 69 -11.48 55.81 2.06
CA ASN E 69 -12.56 56.63 1.58
C ASN E 69 -12.56 56.63 0.05
N ASP E 70 -13.75 56.90 -0.53
CA ASP E 70 -13.97 56.95 -1.97
C ASP E 70 -13.56 55.63 -2.65
N SER E 71 -14.35 54.59 -2.34
CA SER E 71 -14.03 53.22 -2.77
C SER E 71 -14.00 53.09 -4.30
N SER E 72 -14.97 53.70 -4.98
CA SER E 72 -14.89 53.78 -6.43
C SER E 72 -13.83 54.80 -6.83
N CYS E 73 -13.22 54.58 -8.00
CA CYS E 73 -12.18 55.50 -8.49
C CYS E 73 -12.84 56.78 -9.00
N ASP E 74 -13.07 57.69 -8.06
CA ASP E 74 -13.76 58.94 -8.34
C ASP E 74 -12.92 60.18 -8.05
N THR E 75 -11.95 60.10 -7.15
CA THR E 75 -11.21 61.26 -6.71
C THR E 75 -10.22 61.72 -7.78
N THR E 76 -9.68 62.92 -7.58
CA THR E 76 -8.72 63.52 -8.50
C THR E 76 -7.39 62.76 -8.56
N ALA E 77 -6.96 62.17 -7.45
CA ALA E 77 -5.71 61.41 -7.44
C ALA E 77 -5.83 60.12 -8.23
N CYS E 78 -6.93 59.39 -8.05
CA CYS E 78 -7.12 58.12 -8.74
C CYS E 78 -7.28 58.32 -10.24
N LYS E 79 -8.00 59.36 -10.65
CA LYS E 79 -8.19 59.63 -12.07
C LYS E 79 -6.90 60.07 -12.73
N ALA E 80 -6.05 60.84 -12.02
CA ALA E 80 -4.77 61.23 -12.57
C ALA E 80 -3.82 60.04 -12.66
N LEU E 81 -3.77 59.21 -11.62
CA LEU E 81 -2.88 58.05 -11.62
C LEU E 81 -3.31 57.00 -12.63
N ARG E 82 -4.62 56.86 -12.86
CA ARG E 82 -5.16 55.93 -13.85
C ARG E 82 -5.15 56.50 -15.26
N GLU E 83 -4.43 57.60 -15.49
CA GLU E 83 -4.31 58.17 -16.82
C GLU E 83 -2.86 58.44 -17.16
N LYS E 84 -2.04 58.69 -16.14
CA LYS E 84 -0.62 58.97 -16.38
C LYS E 84 0.13 57.73 -16.85
N ILE E 85 -0.19 56.56 -16.30
CA ILE E 85 0.59 55.36 -16.59
C ILE E 85 0.29 54.78 -17.96
N GLU E 86 -0.87 55.08 -18.54
CA GLU E 86 -1.22 54.54 -19.85
C GLU E 86 -0.72 55.41 -21.00
N THR E 87 -0.11 56.57 -20.70
CA THR E 87 0.35 57.47 -21.76
C THR E 87 1.52 56.88 -22.54
N ARG E 88 2.47 56.30 -21.84
CA ARG E 88 3.64 55.69 -22.48
C ARG E 88 3.33 54.25 -22.86
N SER E 89 4.10 53.72 -23.81
CA SER E 89 3.91 52.36 -24.31
C SER E 89 4.68 51.39 -23.43
N ASP E 90 4.12 51.11 -22.25
CA ASP E 90 4.71 50.12 -21.35
C ASP E 90 3.70 49.13 -20.78
N VAL E 91 2.41 49.49 -20.71
CA VAL E 91 1.41 48.68 -20.04
C VAL E 91 0.21 48.48 -20.96
N LYS E 92 -0.57 47.45 -20.67
CA LYS E 92 -1.78 47.16 -21.45
C LYS E 92 -3.04 47.76 -20.83
N ALA E 93 -3.37 47.35 -19.61
CA ALA E 93 -4.66 47.69 -19.03
C ALA E 93 -4.56 47.74 -17.51
N VAL E 94 -5.51 48.44 -16.90
CA VAL E 94 -5.56 48.62 -15.45
C VAL E 94 -6.87 48.00 -14.96
N ARG E 95 -6.80 47.30 -13.83
CA ARG E 95 -7.99 46.72 -13.22
C ARG E 95 -8.44 47.59 -12.04
N PHE E 96 -9.43 47.09 -11.30
CA PHE E 96 -10.06 47.83 -10.21
C PHE E 96 -10.29 46.86 -9.05
N LEU E 97 -9.46 46.96 -8.01
CA LEU E 97 -9.64 46.21 -6.78
C LEU E 97 -9.56 47.17 -5.60
N ASN E 98 -10.62 47.22 -4.81
CA ASN E 98 -10.68 48.11 -3.65
C ASN E 98 -11.08 47.27 -2.44
N ARG E 99 -11.26 47.95 -1.30
CA ARG E 99 -11.45 47.28 -0.01
C ARG E 99 -12.76 46.51 0.11
N GLN E 100 -13.72 46.77 -0.78
CA GLN E 100 -14.91 45.92 -0.83
C GLN E 100 -14.55 44.50 -1.26
N GLN E 101 -13.64 44.38 -2.22
CA GLN E 101 -13.23 43.07 -2.74
C GLN E 101 -11.78 42.74 -2.38
N ALA E 102 -11.17 43.49 -1.47
CA ALA E 102 -9.83 43.18 -1.01
C ALA E 102 -9.83 42.22 0.17
N TYR E 103 -10.99 41.94 0.75
CA TYR E 103 -11.10 41.00 1.86
C TYR E 103 -11.34 39.57 1.39
N ASP E 104 -12.26 39.38 0.44
CA ASP E 104 -12.68 38.03 0.06
C ASP E 104 -11.60 37.28 -0.70
N ASP E 105 -10.80 37.97 -1.51
CA ASP E 105 -9.68 37.31 -2.18
C ASP E 105 -8.53 37.04 -1.21
N ALA E 106 -8.42 37.84 -0.15
CA ALA E 106 -7.32 37.66 0.81
C ALA E 106 -7.51 36.40 1.64
N ILE E 107 -8.73 36.15 2.12
CA ILE E 107 -9.01 34.93 2.88
C ILE E 107 -8.94 33.72 1.95
N ARG E 108 -9.29 33.91 0.67
CA ARG E 108 -9.13 32.84 -0.31
C ARG E 108 -7.66 32.49 -0.53
N LYS E 109 -6.81 33.49 -0.67
CA LYS E 109 -5.38 33.26 -0.88
C LYS E 109 -4.66 32.92 0.42
N PHE E 110 -5.27 33.24 1.57
CA PHE E 110 -4.69 32.94 2.88
C PHE E 110 -5.79 32.36 3.76
N PRO E 111 -6.03 31.04 3.67
CA PRO E 111 -7.13 30.40 4.42
C PRO E 111 -6.80 30.12 5.88
N GLN E 112 -6.38 31.16 6.60
CA GLN E 112 -6.15 31.06 8.04
C GLN E 112 -6.64 32.30 8.76
N PHE E 113 -7.31 33.22 8.08
CA PHE E 113 -7.82 34.44 8.66
C PHE E 113 -9.34 34.41 8.76
N LYS E 114 -9.88 33.23 9.07
CA LYS E 114 -11.31 33.08 9.33
C LYS E 114 -11.73 33.66 10.67
N ASP E 115 -10.76 34.06 11.51
CA ASP E 115 -11.01 34.75 12.76
C ASP E 115 -11.37 36.20 12.49
N VAL E 116 -11.43 37.01 13.54
CA VAL E 116 -11.73 38.43 13.37
C VAL E 116 -10.44 39.09 12.88
N ALA E 117 -10.27 39.12 11.57
CA ALA E 117 -9.16 39.81 10.92
C ALA E 117 -9.48 41.27 10.63
N GLY E 118 -10.72 41.70 10.91
CA GLY E 118 -11.10 43.08 10.76
C GLY E 118 -11.40 43.47 9.33
N LYS E 119 -11.97 44.66 9.20
CA LYS E 119 -12.24 45.28 7.90
C LYS E 119 -11.38 46.52 7.78
N ASP E 120 -11.30 47.04 6.54
CA ASP E 120 -10.52 48.23 6.18
C ASP E 120 -9.05 48.05 6.55
N SER E 121 -8.54 46.84 6.33
CA SER E 121 -7.15 46.52 6.61
C SER E 121 -6.30 46.32 5.36
N PHE E 122 -6.91 46.06 4.21
CA PHE E 122 -6.15 45.75 3.00
C PHE E 122 -6.24 46.94 2.06
N PRO E 123 -5.13 47.50 1.60
CA PRO E 123 -5.18 48.71 0.77
C PRO E 123 -5.66 48.41 -0.63
N ALA E 124 -6.10 49.47 -1.31
CA ALA E 124 -6.49 49.37 -2.71
C ALA E 124 -5.25 49.12 -3.58
N SER E 125 -5.44 48.30 -4.61
CA SER E 125 -4.32 47.86 -5.44
C SER E 125 -4.37 48.39 -6.86
N PHE E 126 -5.46 48.12 -7.58
CA PHE E 126 -5.67 48.50 -8.99
C PHE E 126 -4.54 47.95 -9.87
N ILE E 127 -4.49 46.61 -9.94
CA ILE E 127 -3.36 45.91 -10.53
C ILE E 127 -3.34 46.10 -12.05
N VAL E 128 -2.14 46.04 -12.61
CA VAL E 128 -1.88 46.41 -14.01
C VAL E 128 -1.17 45.25 -14.70
N LYS E 129 -1.66 44.88 -15.88
CA LYS E 129 -0.97 43.95 -16.77
C LYS E 129 -0.29 44.72 -17.89
N LEU E 130 0.85 44.19 -18.35
CA LEU E 130 1.69 44.87 -19.33
C LEU E 130 2.09 43.92 -20.44
N GLU E 131 2.78 44.48 -21.45
CA GLU E 131 3.18 43.70 -22.61
C GLU E 131 4.42 42.85 -22.32
N ASN E 132 5.53 43.50 -21.99
CA ASN E 132 6.80 42.81 -21.83
C ASN E 132 7.22 42.80 -20.37
N PRO E 133 7.06 41.67 -19.66
CA PRO E 133 7.54 41.58 -18.28
C PRO E 133 8.98 41.07 -18.19
N GLU E 134 9.87 41.69 -18.97
CA GLU E 134 11.28 41.34 -18.95
C GLU E 134 12.20 42.49 -18.61
N GLN E 135 11.84 43.71 -19.00
CA GLN E 135 12.58 44.92 -18.67
C GLN E 135 11.70 45.88 -17.90
N HIS E 136 11.04 45.36 -16.85
CA HIS E 136 9.98 46.08 -16.15
C HIS E 136 10.42 46.59 -14.78
N LYS E 137 11.66 46.33 -14.37
CA LYS E 137 12.11 46.77 -13.05
C LYS E 137 12.24 48.28 -12.98
N ASP E 138 12.59 48.92 -14.11
CA ASP E 138 12.65 50.37 -14.16
C ASP E 138 11.28 50.99 -13.97
N PHE E 139 10.24 50.34 -14.52
CA PHE E 139 8.86 50.78 -14.28
C PHE E 139 8.49 50.68 -12.82
N ASP E 140 8.92 49.61 -12.15
CA ASP E 140 8.64 49.44 -10.73
C ASP E 140 9.34 50.50 -9.89
N THR E 141 10.58 50.83 -10.24
CA THR E 141 11.29 51.90 -9.52
C THR E 141 10.70 53.27 -9.83
N ALA E 142 10.20 53.46 -11.06
CA ALA E 142 9.56 54.73 -11.41
C ALA E 142 8.25 54.92 -10.65
N MET E 143 7.48 53.85 -10.46
CA MET E 143 6.29 53.94 -9.63
C MET E 143 6.63 54.04 -8.16
N LYS E 144 7.81 53.59 -7.75
CA LYS E 144 8.29 53.85 -6.40
C LYS E 144 8.63 55.33 -6.26
N GLY E 145 8.28 55.91 -5.11
CA GLY E 145 8.51 57.31 -4.87
C GLY E 145 7.45 58.23 -5.44
N GLN E 146 6.44 57.69 -6.11
CA GLN E 146 5.33 58.51 -6.56
C GLN E 146 4.50 58.96 -5.34
N PRO E 147 4.02 60.20 -5.33
CA PRO E 147 3.18 60.64 -4.20
C PRO E 147 1.79 60.04 -4.24
N GLY E 148 1.65 58.84 -3.68
CA GLY E 148 0.38 58.14 -3.66
C GLY E 148 0.50 56.64 -3.82
N VAL E 149 1.70 56.16 -4.11
CA VAL E 149 1.97 54.73 -4.26
C VAL E 149 2.78 54.26 -3.06
N LEU E 150 2.26 53.26 -2.35
CA LEU E 150 3.01 52.68 -1.23
C LEU E 150 4.18 51.84 -1.73
N ASP E 151 3.87 50.76 -2.45
CA ASP E 151 4.90 49.86 -2.98
C ASP E 151 4.28 49.02 -4.09
N VAL E 152 5.12 48.24 -4.74
CA VAL E 152 4.71 47.34 -5.80
C VAL E 152 5.01 45.91 -5.39
N LEU E 153 4.62 44.96 -6.25
CA LEU E 153 4.85 43.55 -6.01
C LEU E 153 4.84 42.82 -7.35
N ASN E 154 5.88 42.02 -7.58
CA ASN E 154 6.01 41.23 -8.80
C ASN E 154 6.45 39.82 -8.42
N GLN E 155 5.75 38.82 -8.93
CA GLN E 155 5.94 37.43 -8.51
C GLN E 155 6.47 36.55 -9.63
N LYS E 156 7.30 37.11 -10.51
CA LYS E 156 7.89 36.37 -11.63
C LYS E 156 9.40 36.39 -11.47
N GLU E 157 10.09 35.93 -12.52
CA GLU E 157 11.55 35.97 -12.63
C GLU E 157 12.22 35.19 -11.50
N LEU E 158 12.05 33.86 -11.58
CA LEU E 158 12.57 32.86 -10.65
C LEU E 158 11.85 32.92 -9.30
N ILE E 159 10.65 33.48 -9.30
CA ILE E 159 9.72 33.40 -8.18
C ILE E 159 8.68 32.32 -8.44
N ASP E 160 8.12 32.30 -9.64
CA ASP E 160 7.31 31.18 -10.11
C ASP E 160 8.17 30.15 -10.84
N ARG E 161 9.24 29.75 -10.15
CA ARG E 161 10.20 28.79 -10.67
C ARG E 161 9.84 27.35 -10.33
N LEU E 162 8.97 27.13 -9.34
CA LEU E 162 8.56 25.77 -8.99
C LEU E 162 7.71 25.15 -10.09
N PHE E 163 7.04 25.97 -10.89
CA PHE E 163 6.29 25.46 -12.03
C PHE E 163 7.21 25.09 -13.20
N ALA E 164 8.50 25.40 -13.12
CA ALA E 164 9.47 24.89 -14.07
C ALA E 164 10.09 23.57 -13.62
N VAL E 165 9.76 23.07 -12.44
CA VAL E 165 10.31 21.82 -11.97
C VAL E 165 9.24 20.78 -11.65
N LEU E 166 8.01 21.19 -11.32
CA LEU E 166 6.95 20.22 -11.06
C LEU E 166 6.51 19.53 -12.35
N ASP E 167 6.40 20.29 -13.43
CA ASP E 167 6.08 19.70 -14.73
C ASP E 167 7.19 18.79 -15.21
N GLY E 168 8.45 19.16 -14.94
CA GLY E 168 9.57 18.31 -15.30
C GLY E 168 9.57 17.00 -14.53
N LEU E 169 9.23 17.05 -13.24
CA LEU E 169 9.11 15.82 -12.44
C LEU E 169 7.97 14.94 -12.95
N SER E 170 6.84 15.56 -13.31
CA SER E 170 5.71 14.80 -13.85
C SER E 170 6.06 14.17 -15.19
N ASN E 171 6.78 14.90 -16.05
CA ASN E 171 7.18 14.37 -17.34
C ASN E 171 8.20 13.25 -17.20
N ALA E 172 9.10 13.35 -16.21
CA ALA E 172 10.03 12.27 -15.95
C ALA E 172 9.31 11.02 -15.45
N ALA E 173 8.30 11.21 -14.60
CA ALA E 173 7.48 10.09 -14.13
C ALA E 173 6.72 9.45 -15.29
N PHE E 174 6.19 10.27 -16.20
CA PHE E 174 5.54 9.74 -17.40
C PHE E 174 6.52 8.98 -18.29
N ALA E 175 7.74 9.50 -18.43
CA ALA E 175 8.74 8.87 -19.29
C ALA E 175 9.16 7.51 -18.76
N VAL E 176 9.34 7.37 -17.45
CA VAL E 176 9.64 6.03 -16.94
C VAL E 176 8.40 5.16 -16.89
N ALA E 177 7.21 5.75 -16.76
CA ALA E 177 5.99 4.97 -16.69
C ALA E 177 5.65 4.30 -18.02
N LEU E 178 5.88 5.01 -19.13
CA LEU E 178 5.59 4.41 -20.43
C LEU E 178 6.56 3.27 -20.76
N VAL E 179 7.82 3.40 -20.36
CA VAL E 179 8.78 2.33 -20.58
C VAL E 179 8.46 1.13 -19.69
N GLN E 180 8.01 1.39 -18.45
CA GLN E 180 7.58 0.29 -17.59
C GLN E 180 6.31 -0.38 -18.13
N ALA E 181 5.42 0.40 -18.74
CA ALA E 181 4.21 -0.16 -19.32
C ALA E 181 4.51 -1.02 -20.54
N ILE E 182 5.44 -0.58 -21.38
CA ILE E 182 5.78 -1.38 -22.56
C ILE E 182 6.65 -2.58 -22.16
N GLY E 183 7.32 -2.50 -21.01
CA GLY E 183 7.97 -3.68 -20.47
C GLY E 183 6.99 -4.67 -19.88
N ALA E 184 5.84 -4.19 -19.41
CA ALA E 184 4.84 -5.06 -18.83
C ALA E 184 4.15 -5.94 -19.87
N ILE E 185 3.98 -5.44 -21.09
CA ILE E 185 3.28 -6.17 -22.15
C ILE E 185 4.04 -7.43 -22.52
N LEU E 186 5.35 -7.31 -22.68
CA LEU E 186 6.16 -8.44 -23.12
C LEU E 186 6.51 -9.38 -21.98
N LEU E 187 5.95 -9.16 -20.79
CA LEU E 187 5.96 -10.15 -19.73
C LEU E 187 4.59 -10.79 -19.53
N ILE E 188 3.52 -10.01 -19.68
CA ILE E 188 2.18 -10.59 -19.55
C ILE E 188 1.78 -11.38 -20.79
N ALA E 189 2.50 -11.21 -21.91
CA ALA E 189 2.27 -12.05 -23.07
C ALA E 189 2.69 -13.50 -22.86
N ASN E 190 3.63 -13.77 -21.95
CA ASN E 190 4.10 -15.12 -21.71
C ASN E 190 3.25 -15.89 -20.71
N MET E 191 2.24 -15.23 -20.13
CA MET E 191 1.27 -15.91 -19.28
C MET E 191 0.58 -17.05 -20.02
N VAL E 192 0.04 -16.77 -21.20
CA VAL E 192 -0.68 -17.79 -21.95
C VAL E 192 0.29 -18.82 -22.52
N GLN E 193 1.54 -18.43 -22.80
CA GLN E 193 2.53 -19.37 -23.32
C GLN E 193 2.92 -20.39 -22.27
N VAL E 194 3.22 -19.94 -21.06
CA VAL E 194 3.59 -20.89 -20.01
C VAL E 194 2.35 -21.66 -19.54
N ALA E 195 1.15 -21.09 -19.67
CA ALA E 195 -0.05 -21.81 -19.29
C ALA E 195 -0.38 -22.91 -20.28
N ALA E 196 -0.19 -22.65 -21.57
CA ALA E 196 -0.39 -23.68 -22.58
C ALA E 196 0.71 -24.73 -22.52
N TYR E 197 1.93 -24.34 -22.13
CA TYR E 197 3.01 -25.30 -21.99
C TYR E 197 2.79 -26.22 -20.80
N THR E 198 2.28 -25.69 -19.68
CA THR E 198 2.13 -26.51 -18.49
C THR E 198 0.83 -27.29 -18.45
N ARG E 199 -0.12 -27.01 -19.34
CA ARG E 199 -1.43 -27.63 -19.31
C ARG E 199 -1.83 -28.08 -20.70
N ARG E 200 -0.90 -28.74 -21.40
CA ARG E 200 -1.08 -29.05 -22.82
C ARG E 200 -2.06 -30.20 -23.04
N THR E 201 -2.33 -30.99 -22.00
CA THR E 201 -3.14 -32.19 -22.20
C THR E 201 -4.63 -31.88 -22.32
N GLU E 202 -5.21 -31.20 -21.32
CA GLU E 202 -6.66 -31.05 -21.33
C GLU E 202 -7.11 -30.05 -22.38
N ILE E 203 -6.26 -29.08 -22.73
CA ILE E 203 -6.61 -28.12 -23.78
C ILE E 203 -6.69 -28.81 -25.14
N GLY E 204 -6.02 -29.94 -25.31
CA GLY E 204 -6.30 -30.82 -26.42
C GLY E 204 -7.50 -31.70 -26.19
N ILE E 205 -7.82 -32.01 -24.93
CA ILE E 205 -8.87 -33.00 -24.64
C ILE E 205 -10.26 -32.49 -25.04
N MET E 206 -10.64 -31.25 -24.72
CA MET E 206 -11.94 -30.85 -25.24
C MET E 206 -11.88 -30.35 -26.68
N ARG E 207 -10.69 -30.27 -27.27
CA ARG E 207 -10.60 -29.86 -28.67
C ARG E 207 -11.09 -30.94 -29.62
N LEU E 208 -10.66 -32.19 -29.45
CA LEU E 208 -11.07 -33.22 -30.39
C LEU E 208 -12.50 -33.69 -30.15
N VAL E 209 -12.98 -33.66 -28.91
CA VAL E 209 -14.32 -34.15 -28.63
C VAL E 209 -15.39 -33.11 -28.97
N GLY E 210 -14.99 -31.86 -29.19
CA GLY E 210 -15.94 -30.84 -29.57
C GLY E 210 -16.35 -29.94 -28.42
N ALA E 211 -15.78 -28.73 -28.40
CA ALA E 211 -16.16 -27.73 -27.41
C ALA E 211 -16.19 -26.36 -28.09
N SER E 212 -16.91 -25.43 -27.48
CA SER E 212 -16.95 -24.07 -27.98
C SER E 212 -15.60 -23.38 -27.77
N ARG E 213 -15.21 -22.58 -28.77
CA ARG E 213 -14.00 -21.77 -28.65
C ARG E 213 -14.12 -20.75 -27.53
N TRP E 214 -15.31 -20.18 -27.34
CA TRP E 214 -15.52 -19.11 -26.37
C TRP E 214 -15.38 -19.57 -24.92
N TYR E 215 -15.45 -20.87 -24.66
CA TYR E 215 -15.26 -21.38 -23.31
C TYR E 215 -13.82 -21.80 -23.05
N THR E 216 -12.98 -21.85 -24.08
CA THR E 216 -11.61 -22.33 -23.90
C THR E 216 -10.73 -21.28 -23.22
N GLN E 217 -10.92 -20.01 -23.56
CA GLN E 217 -10.09 -18.94 -23.01
C GLN E 217 -10.58 -18.45 -21.65
N LEU E 218 -11.79 -18.84 -21.25
CA LEU E 218 -12.32 -18.46 -19.94
C LEU E 218 -11.48 -18.93 -18.74
N PRO E 219 -10.90 -20.13 -18.69
CA PRO E 219 -9.96 -20.43 -17.60
C PRO E 219 -8.57 -19.81 -17.75
N PHE E 220 -8.37 -18.86 -18.64
CA PHE E 220 -7.10 -18.16 -18.76
C PHE E 220 -7.18 -16.67 -18.52
N LEU E 221 -8.28 -16.02 -18.92
CA LEU E 221 -8.42 -14.58 -18.76
C LEU E 221 -8.62 -14.16 -17.32
N VAL E 222 -9.32 -14.97 -16.52
CA VAL E 222 -9.71 -14.58 -15.17
C VAL E 222 -8.49 -14.47 -14.26
N GLU E 223 -7.43 -15.22 -14.55
CA GLU E 223 -6.17 -15.06 -13.83
C GLU E 223 -5.57 -13.68 -14.07
N ALA E 224 -5.61 -13.20 -15.32
CA ALA E 224 -5.05 -11.90 -15.63
C ALA E 224 -5.89 -10.77 -15.04
N MET E 225 -7.23 -10.93 -15.08
CA MET E 225 -8.09 -9.95 -14.40
C MET E 225 -7.86 -9.93 -12.89
N LEU E 226 -7.72 -11.09 -12.25
CA LEU E 226 -7.50 -11.12 -10.81
C LEU E 226 -6.14 -10.54 -10.44
N ALA E 227 -5.12 -10.83 -11.25
CA ALA E 227 -3.80 -10.26 -11.03
C ALA E 227 -3.80 -8.75 -11.23
N ALA E 228 -4.59 -8.27 -12.20
CA ALA E 228 -4.71 -6.83 -12.42
C ALA E 228 -5.38 -6.14 -11.25
N THR E 229 -6.45 -6.75 -10.70
CA THR E 229 -7.11 -6.19 -9.53
C THR E 229 -6.19 -6.20 -8.31
N MET E 230 -5.42 -7.28 -8.14
CA MET E 230 -4.44 -7.34 -7.05
C MET E 230 -3.35 -6.28 -7.21
N GLY E 231 -2.90 -6.06 -8.45
CA GLY E 231 -1.89 -5.04 -8.70
C GLY E 231 -2.39 -3.63 -8.43
N VAL E 232 -3.60 -3.31 -8.89
CA VAL E 232 -4.13 -1.97 -8.66
C VAL E 232 -4.47 -1.77 -7.18
N GLY E 233 -4.90 -2.83 -6.48
CA GLY E 233 -5.14 -2.71 -5.05
C GLY E 233 -3.88 -2.48 -4.24
N ILE E 234 -2.82 -3.23 -4.54
CA ILE E 234 -1.56 -3.02 -3.81
C ILE E 234 -0.92 -1.70 -4.24
N ALA E 235 -1.23 -1.20 -5.45
CA ALA E 235 -0.74 0.10 -5.86
C ALA E 235 -1.43 1.23 -5.10
N VAL E 236 -2.75 1.16 -4.95
CA VAL E 236 -3.44 2.25 -4.25
C VAL E 236 -3.20 2.15 -2.75
N ALA E 237 -2.86 0.97 -2.25
CA ALA E 237 -2.33 0.90 -0.88
C ALA E 237 -0.92 1.47 -0.79
N GLY E 238 -0.14 1.35 -1.87
CA GLY E 238 1.23 1.84 -1.87
C GLY E 238 1.32 3.35 -1.73
N LEU E 239 0.43 4.09 -2.40
CA LEU E 239 0.40 5.54 -2.24
C LEU E 239 0.02 5.95 -0.82
N MET E 240 -0.95 5.24 -0.24
CA MET E 240 -1.37 5.47 1.14
C MET E 240 -0.22 5.28 2.12
N VAL E 241 0.57 4.23 1.95
CA VAL E 241 1.68 4.04 2.89
C VAL E 241 2.86 4.97 2.58
N VAL E 242 3.15 5.26 1.31
CA VAL E 242 4.36 6.04 1.03
C VAL E 242 4.16 7.51 1.36
N ARG E 243 2.91 8.02 1.32
CA ARG E 243 2.69 9.39 1.75
C ARG E 243 2.84 9.50 3.27
N ALA E 244 2.10 8.69 4.01
CA ALA E 244 2.07 8.75 5.47
C ALA E 244 3.34 8.23 6.13
N LEU E 245 4.23 7.57 5.39
CA LEU E 245 5.47 7.11 6.02
C LEU E 245 6.43 8.27 6.25
N PHE E 246 6.84 8.95 5.18
CA PHE E 246 7.71 10.11 5.33
C PHE E 246 7.41 11.28 4.41
N LEU E 247 6.45 11.17 3.48
CA LEU E 247 6.15 12.32 2.65
C LEU E 247 5.34 13.38 3.37
N GLU E 248 4.68 13.01 4.47
CA GLU E 248 3.94 14.00 5.25
C GLU E 248 4.88 14.97 5.94
N ASN E 249 6.07 14.50 6.35
CA ASN E 249 7.01 15.35 7.07
C ASN E 249 7.60 16.43 6.18
N ALA E 250 7.66 16.19 4.87
CA ALA E 250 8.17 17.19 3.93
C ALA E 250 7.06 18.07 3.35
N LEU E 251 5.79 17.73 3.60
CA LEU E 251 4.68 18.52 3.11
C LEU E 251 3.94 19.28 4.19
N ASN E 252 4.08 18.88 5.46
CA ASN E 252 3.36 19.53 6.55
C ASN E 252 3.77 20.99 6.75
N GLN E 253 5.07 21.28 6.64
CA GLN E 253 5.56 22.65 6.72
C GLN E 253 5.13 23.52 5.54
N PHE E 254 4.73 22.93 4.41
CA PHE E 254 4.34 23.71 3.26
C PHE E 254 3.02 24.43 3.47
N TYR E 255 2.16 23.91 4.35
CA TYR E 255 0.89 24.58 4.62
C TYR E 255 1.11 25.85 5.43
N GLN E 256 2.05 25.83 6.38
CA GLN E 256 2.44 27.07 7.05
C GLN E 256 3.22 27.98 6.12
N ALA E 257 3.92 27.41 5.14
CA ALA E 257 4.50 28.19 4.06
C ALA E 257 3.45 28.75 3.11
N ASN E 258 2.27 28.12 3.08
CA ASN E 258 1.14 28.36 2.15
C ASN E 258 1.60 28.63 0.72
N LEU E 259 2.48 27.75 0.24
CA LEU E 259 2.95 27.80 -1.14
C LEU E 259 2.22 26.82 -2.04
N ILE E 260 1.72 25.72 -1.46
CA ILE E 260 0.98 24.71 -2.22
C ILE E 260 -0.46 24.71 -1.74
N ALA E 261 -1.31 23.93 -2.39
CA ALA E 261 -2.71 23.83 -2.00
C ALA E 261 -2.87 22.76 -0.93
N LYS E 262 -4.12 22.46 -0.59
CA LYS E 262 -4.44 21.44 0.40
C LYS E 262 -4.70 20.11 -0.30
N VAL E 263 -4.07 19.05 0.17
CA VAL E 263 -4.21 17.72 -0.40
C VAL E 263 -4.50 16.74 0.74
N ASP E 264 -5.47 15.85 0.52
CA ASP E 264 -5.81 14.82 1.49
C ASP E 264 -5.98 13.51 0.74
N TYR E 265 -6.44 12.48 1.46
CA TYR E 265 -6.61 11.16 0.87
C TYR E 265 -7.79 11.11 -0.09
N ALA E 266 -8.77 12.00 0.08
CA ALA E 266 -9.94 12.00 -0.79
C ALA E 266 -9.60 12.38 -2.22
N ASP E 267 -8.60 13.24 -2.40
CA ASP E 267 -8.12 13.57 -3.75
C ASP E 267 -7.49 12.35 -4.43
N ILE E 268 -6.78 11.52 -3.66
CA ILE E 268 -6.23 10.30 -4.21
C ILE E 268 -7.34 9.30 -4.51
N LEU E 269 -8.39 9.27 -3.68
CA LEU E 269 -9.53 8.40 -3.96
C LEU E 269 -10.35 8.87 -5.15
N PHE E 270 -10.29 10.15 -5.49
CA PHE E 270 -11.02 10.66 -6.66
C PHE E 270 -10.49 10.09 -7.97
N ILE E 271 -9.18 9.84 -8.04
CA ILE E 271 -8.58 9.37 -9.28
C ILE E 271 -8.58 7.86 -9.39
N THR E 272 -8.85 7.14 -8.29
CA THR E 272 -8.89 5.68 -8.31
C THR E 272 -9.89 5.03 -9.28
N PRO E 273 -11.06 5.59 -9.61
CA PRO E 273 -11.83 5.04 -10.74
C PRO E 273 -11.11 5.10 -12.07
N TRP E 274 -10.28 6.12 -12.31
CA TRP E 274 -9.51 6.16 -13.54
C TRP E 274 -8.34 5.18 -13.51
N LEU E 275 -7.77 4.94 -12.33
CA LEU E 275 -6.69 3.95 -12.24
C LEU E 275 -7.21 2.53 -12.36
N LEU E 276 -8.42 2.24 -11.87
CA LEU E 276 -8.93 0.88 -12.00
C LEU E 276 -9.38 0.56 -13.41
N LEU E 277 -9.69 1.58 -14.23
CA LEU E 277 -10.07 1.33 -15.62
C LEU E 277 -8.90 0.79 -16.42
N LEU E 278 -7.75 1.45 -16.36
CA LEU E 278 -6.53 0.96 -17.00
C LEU E 278 -6.05 -0.24 -16.20
N GLY E 279 -5.47 -1.22 -16.88
CA GLY E 279 -4.95 -2.38 -16.19
C GLY E 279 -5.82 -3.60 -16.35
N VAL E 280 -7.14 -3.42 -16.37
CA VAL E 280 -8.06 -4.55 -16.51
C VAL E 280 -8.64 -4.66 -17.92
N ALA E 281 -8.64 -3.59 -18.70
CA ALA E 281 -9.10 -3.63 -20.08
C ALA E 281 -7.96 -3.83 -21.06
N MET E 282 -6.84 -3.15 -20.84
CA MET E 282 -5.63 -3.37 -21.64
C MET E 282 -5.10 -4.80 -21.49
N SER E 283 -5.13 -5.35 -20.27
CA SER E 283 -4.71 -6.73 -20.07
C SER E 283 -5.68 -7.70 -20.72
N GLY E 284 -6.98 -7.41 -20.67
CA GLY E 284 -7.96 -8.25 -21.34
C GLY E 284 -7.80 -8.22 -22.85
N LEU E 285 -7.49 -7.04 -23.40
CA LEU E 285 -7.26 -6.94 -24.83
C LEU E 285 -6.01 -7.70 -25.25
N THR E 286 -4.89 -7.53 -24.53
CA THR E 286 -3.68 -8.21 -24.93
C THR E 286 -3.69 -9.70 -24.59
N ALA E 287 -4.59 -10.14 -23.71
CA ALA E 287 -4.81 -11.56 -23.49
C ALA E 287 -5.83 -12.14 -24.46
N TYR E 288 -6.59 -11.30 -25.16
CA TYR E 288 -7.54 -11.82 -26.13
C TYR E 288 -6.85 -12.26 -27.43
N LEU E 289 -6.12 -11.35 -28.10
CA LEU E 289 -5.63 -11.67 -29.43
C LEU E 289 -4.43 -12.60 -29.41
N THR E 290 -3.80 -12.81 -28.25
CA THR E 290 -2.66 -13.71 -28.18
C THR E 290 -3.07 -15.17 -28.31
N LEU E 291 -4.35 -15.49 -28.12
CA LEU E 291 -4.85 -16.85 -28.30
C LEU E 291 -5.55 -17.07 -29.63
N ARG E 292 -6.06 -16.01 -30.26
CA ARG E 292 -6.65 -16.16 -31.59
C ARG E 292 -5.59 -16.55 -32.61
N LEU E 293 -4.38 -16.02 -32.47
CA LEU E 293 -3.25 -16.41 -33.30
C LEU E 293 -2.32 -17.41 -32.63
N TYR E 294 -2.85 -18.22 -31.70
CA TYR E 294 -2.08 -19.29 -31.08
C TYR E 294 -2.68 -20.66 -31.38
N VAL E 295 -3.95 -20.86 -31.06
CA VAL E 295 -4.62 -22.14 -31.25
C VAL E 295 -5.13 -22.26 -32.68
#